data_4I73
#
_entry.id   4I73
#
_cell.length_a   63.170
_cell.length_b   131.670
_cell.length_c   71.850
_cell.angle_alpha   90.00
_cell.angle_beta   91.33
_cell.angle_gamma   90.00
#
_symmetry.space_group_name_H-M   'P 1 21 1'
#
loop_
_entity.id
_entity.type
_entity.pdbx_description
1 polymer 'Inosine-adenosine-guanosine-nucleoside hydrolase'
2 non-polymer 'CALCIUM ION'
3 non-polymer (2R,3R,4S)-2-(hydroxymethyl)-1-[(4-hydroxythieno[3,2-d]pyrimidin-7-yl)methyl]pyrrolidine-3,4-diol
4 non-polymer 'NICKEL (II) ION'
5 water water
#
_entity_poly.entity_id   1
_entity_poly.type   'polypeptide(L)'
_entity_poly.pdbx_seq_one_letter_code
;GSHMAKTVILDHDGNKDDFVAMILLLSNPKKVNLIGCICTDADCFVENGFDVTGKIMCAMHRLIKTPLFPIGKSTATAVN
AFPTEWRFSAKNLDDMPFLNIVEDVALWEKLKPENEAHNGQQLLADLVMKSKEKVTVCVTGPLSNMAWCIEKYGEAFTSK
VEECVIMGGAVDVGGNVFLPTTDGSAEWNIYWDPPAAKKVLCCPNIRCVLFSLDATNTVPVRSVDVKGFGAQNQYLLSQM
VGTMWAMSTHEEILRDGDAYYAWDALTAAYILEPTIATLEPVALDVDVSKGKSEGRTPRASGEGKPCVHVARNPSKQMFH
DLVFASTRVC
;
_entity_poly.pdbx_strand_id   A,B,C,D
#
loop_
_chem_comp.id
_chem_comp.type
_chem_comp.name
_chem_comp.formula
CA non-polymer 'CALCIUM ION' 'Ca 2'
MBY non-polymer (2R,3R,4S)-2-(hydroxymethyl)-1-[(4-hydroxythieno[3,2-d]pyrimidin-7-yl)methyl]pyrrolidine-3,4-diol 'C12 H15 N3 O4 S'
NI non-polymer 'NICKEL (II) ION' 'Ni 2'
#
# COMPACT_ATOMS: atom_id res chain seq x y z
N GLY A 1 -44.16 -38.90 13.47
CA GLY A 1 -44.01 -37.74 14.40
C GLY A 1 -42.61 -37.11 14.38
N SER A 2 -41.67 -37.85 13.81
CA SER A 2 -40.30 -37.39 13.51
C SER A 2 -39.62 -38.15 12.33
N HIS A 3 -40.17 -39.30 11.95
CA HIS A 3 -39.58 -40.22 10.96
C HIS A 3 -39.77 -39.90 9.46
N MET A 4 -40.44 -38.79 9.14
CA MET A 4 -40.77 -38.46 7.73
C MET A 4 -39.84 -37.36 7.15
N ALA A 5 -39.91 -37.20 5.83
CA ALA A 5 -39.01 -36.31 5.13
C ALA A 5 -39.85 -35.19 4.55
N LYS A 6 -39.28 -34.01 4.50
CA LYS A 6 -39.95 -32.83 3.98
C LYS A 6 -39.67 -32.81 2.51
N THR A 7 -40.66 -32.45 1.70
CA THR A 7 -40.51 -32.22 0.27
C THR A 7 -39.96 -30.77 0.09
N VAL A 8 -38.86 -30.62 -0.66
CA VAL A 8 -38.11 -29.36 -0.73
C VAL A 8 -37.74 -29.06 -2.17
N ILE A 9 -37.77 -27.77 -2.53
CA ILE A 9 -37.24 -27.29 -3.76
C ILE A 9 -36.23 -26.22 -3.39
N LEU A 10 -35.05 -26.21 -4.04
CA LEU A 10 -34.04 -25.20 -3.83
C LEU A 10 -34.12 -24.26 -5.00
N ASP A 11 -34.38 -22.99 -4.72
CA ASP A 11 -34.45 -21.88 -5.69
C ASP A 11 -33.21 -21.01 -5.39
N HIS A 12 -32.15 -21.17 -6.17
CA HIS A 12 -30.83 -20.59 -5.87
C HIS A 12 -30.23 -19.81 -7.02
N ASP A 13 -29.17 -19.07 -6.74
CA ASP A 13 -28.51 -18.34 -7.78
C ASP A 13 -27.03 -18.67 -7.95
N GLY A 14 -26.65 -19.90 -7.63
CA GLY A 14 -25.37 -20.44 -8.11
C GLY A 14 -24.04 -19.86 -7.66
N ASN A 15 -23.96 -19.26 -6.49
CA ASN A 15 -22.63 -18.95 -5.95
C ASN A 15 -22.19 -20.12 -5.04
N LYS A 16 -21.04 -20.00 -4.40
CA LYS A 16 -20.44 -21.14 -3.74
C LYS A 16 -21.33 -21.61 -2.60
N ASP A 17 -21.79 -20.67 -1.78
CA ASP A 17 -22.65 -21.04 -0.68
C ASP A 17 -23.99 -21.66 -1.16
N ASP A 18 -24.54 -21.22 -2.29
CA ASP A 18 -25.78 -21.83 -2.81
C ASP A 18 -25.54 -23.33 -2.97
N PHE A 19 -24.38 -23.69 -3.50
CA PHE A 19 -24.05 -25.11 -3.74
C PHE A 19 -23.76 -25.89 -2.47
N VAL A 20 -23.23 -25.23 -1.42
CA VAL A 20 -23.02 -25.90 -0.12
C VAL A 20 -24.43 -26.17 0.40
N ALA A 21 -25.30 -25.17 0.28
CA ALA A 21 -26.71 -25.37 0.70
C ALA A 21 -27.34 -26.58 -0.01
N MET A 22 -27.19 -26.66 -1.32
CA MET A 22 -27.67 -27.80 -2.09
C MET A 22 -27.13 -29.12 -1.59
N ILE A 23 -25.85 -29.17 -1.24
CA ILE A 23 -25.18 -30.40 -0.76
C ILE A 23 -25.77 -30.82 0.60
N LEU A 24 -25.95 -29.85 1.47
CA LEU A 24 -26.59 -30.09 2.79
C LEU A 24 -27.98 -30.74 2.63
N LEU A 25 -28.83 -30.17 1.78
CA LEU A 25 -30.16 -30.73 1.51
C LEU A 25 -30.09 -32.12 0.90
N LEU A 26 -29.33 -32.27 -0.20
CA LEU A 26 -29.36 -33.47 -1.00
C LEU A 26 -28.66 -34.62 -0.32
N SER A 27 -27.67 -34.33 0.52
CA SER A 27 -26.96 -35.39 1.27
C SER A 27 -27.74 -35.91 2.47
N ASN A 28 -28.90 -35.31 2.78
CA ASN A 28 -29.74 -35.78 3.91
C ASN A 28 -31.15 -36.30 3.52
N PRO A 29 -31.23 -37.38 2.70
CA PRO A 29 -32.53 -37.86 2.17
C PRO A 29 -33.52 -38.34 3.26
N LYS A 30 -33.01 -38.71 4.43
CA LYS A 30 -33.87 -39.06 5.56
C LYS A 30 -34.73 -37.88 6.01
N LYS A 31 -34.14 -36.68 5.97
CA LYS A 31 -34.82 -35.46 6.35
C LYS A 31 -35.41 -34.68 5.12
N VAL A 32 -34.84 -34.87 3.95
CA VAL A 32 -35.18 -34.06 2.78
C VAL A 32 -35.29 -34.86 1.49
N ASN A 33 -36.41 -34.66 0.82
CA ASN A 33 -36.66 -35.16 -0.52
C ASN A 33 -36.58 -33.98 -1.46
N LEU A 34 -35.42 -33.81 -2.12
CA LEU A 34 -35.23 -32.71 -3.02
C LEU A 34 -35.87 -33.04 -4.37
N ILE A 35 -37.01 -32.43 -4.67
CA ILE A 35 -37.75 -32.74 -5.89
C ILE A 35 -37.47 -31.75 -7.03
N GLY A 36 -36.59 -30.78 -6.82
CA GLY A 36 -36.29 -29.83 -7.89
C GLY A 36 -35.31 -28.73 -7.49
N CYS A 37 -34.61 -28.16 -8.47
CA CYS A 37 -33.83 -26.96 -8.25
C CYS A 37 -34.12 -25.91 -9.31
N ILE A 38 -34.17 -24.67 -8.91
CA ILE A 38 -34.26 -23.57 -9.87
C ILE A 38 -32.94 -22.82 -9.78
N CYS A 39 -32.42 -22.38 -10.93
CA CYS A 39 -31.26 -21.52 -10.97
C CYS A 39 -31.53 -20.21 -11.67
N THR A 40 -31.07 -19.12 -11.04
CA THR A 40 -31.33 -17.74 -11.51
C THR A 40 -30.02 -17.07 -11.83
N ASP A 41 -30.04 -16.27 -12.89
CA ASP A 41 -28.87 -15.61 -13.46
C ASP A 41 -28.47 -14.38 -12.60
N ALA A 42 -28.38 -14.55 -11.29
CA ALA A 42 -28.16 -13.42 -10.38
C ALA A 42 -26.69 -13.40 -9.97
N ASP A 43 -26.31 -14.17 -8.94
CA ASP A 43 -24.94 -14.20 -8.43
C ASP A 43 -24.12 -15.28 -9.14
N CYS A 44 -24.49 -15.51 -10.41
CA CYS A 44 -23.82 -16.48 -11.23
C CYS A 44 -24.12 -16.13 -12.68
N PHE A 45 -23.42 -16.75 -13.62
CA PHE A 45 -23.94 -16.83 -15.00
C PHE A 45 -24.74 -18.13 -15.02
N VAL A 46 -26.01 -18.01 -15.42
CA VAL A 46 -27.01 -19.09 -15.23
C VAL A 46 -26.59 -20.40 -15.89
N GLU A 47 -25.89 -20.32 -17.01
CA GLU A 47 -25.52 -21.56 -17.68
C GLU A 47 -24.53 -22.37 -16.84
N ASN A 48 -23.61 -21.67 -16.16
CA ASN A 48 -22.69 -22.34 -15.25
C ASN A 48 -23.41 -22.92 -14.05
N GLY A 49 -24.27 -22.09 -13.45
CA GLY A 49 -25.05 -22.53 -12.28
C GLY A 49 -25.89 -23.75 -12.62
N PHE A 50 -26.45 -23.74 -13.82
CA PHE A 50 -27.25 -24.87 -14.31
C PHE A 50 -26.41 -26.15 -14.37
N ASP A 51 -25.25 -26.05 -15.02
CA ASP A 51 -24.36 -27.20 -15.17
C ASP A 51 -23.84 -27.75 -13.81
N VAL A 52 -23.48 -26.85 -12.91
CA VAL A 52 -22.98 -27.33 -11.63
C VAL A 52 -24.09 -27.99 -10.84
N THR A 53 -25.31 -27.42 -10.93
CA THR A 53 -26.44 -28.02 -10.23
C THR A 53 -26.64 -29.44 -10.70
N GLY A 54 -26.63 -29.58 -12.02
CA GLY A 54 -26.75 -30.86 -12.69
C GLY A 54 -25.71 -31.87 -12.22
N LYS A 55 -24.44 -31.47 -12.21
CA LYS A 55 -23.38 -32.43 -11.94
C LYS A 55 -23.37 -32.83 -10.50
N ILE A 56 -23.76 -31.93 -9.61
CA ILE A 56 -23.88 -32.30 -8.19
C ILE A 56 -25.00 -33.33 -8.03
N MET A 57 -26.11 -33.10 -8.73
CA MET A 57 -27.25 -34.03 -8.67
C MET A 57 -26.80 -35.41 -9.08
N CYS A 58 -26.10 -35.48 -10.23
CA CYS A 58 -25.64 -36.76 -10.81
C CYS A 58 -24.65 -37.47 -9.90
N ALA A 59 -23.71 -36.73 -9.31
CA ALA A 59 -22.73 -37.29 -8.40
C ALA A 59 -23.38 -37.95 -7.18
N MET A 60 -24.36 -37.29 -6.59
CA MET A 60 -25.05 -37.83 -5.44
C MET A 60 -25.85 -39.06 -5.81
N HIS A 61 -26.51 -38.97 -6.95
CA HIS A 61 -27.28 -40.06 -7.42
C HIS A 61 -26.40 -41.30 -7.60
N ARG A 62 -25.20 -41.10 -8.13
CA ARG A 62 -24.24 -42.21 -8.32
C ARG A 62 -23.78 -42.81 -6.99
N LEU A 63 -23.51 -41.95 -6.04
CA LEU A 63 -22.86 -42.40 -4.82
C LEU A 63 -23.83 -42.92 -3.76
N ILE A 64 -24.98 -42.25 -3.63
CA ILE A 64 -25.94 -42.63 -2.60
C ILE A 64 -27.36 -42.83 -3.10
N LYS A 65 -27.56 -42.82 -4.40
CA LYS A 65 -28.87 -43.08 -5.02
C LYS A 65 -29.99 -42.16 -4.53
N THR A 66 -29.67 -40.91 -4.23
CA THR A 66 -30.71 -39.89 -4.15
C THR A 66 -31.33 -39.75 -5.52
N PRO A 67 -32.64 -39.47 -5.59
CA PRO A 67 -33.26 -39.37 -6.92
C PRO A 67 -32.71 -38.25 -7.78
N LEU A 68 -32.77 -38.44 -9.08
CA LEU A 68 -32.68 -37.36 -10.04
C LEU A 68 -33.94 -36.51 -9.92
N PHE A 69 -33.87 -35.30 -10.49
CA PHE A 69 -34.95 -34.31 -10.38
C PHE A 69 -34.85 -33.28 -11.47
N PRO A 70 -35.96 -32.58 -11.77
CA PRO A 70 -35.85 -31.56 -12.81
C PRO A 70 -35.10 -30.31 -12.29
N ILE A 71 -34.38 -29.66 -13.22
CA ILE A 71 -33.67 -28.44 -12.96
C ILE A 71 -34.09 -27.46 -14.08
N GLY A 72 -34.35 -26.21 -13.71
CA GLY A 72 -34.76 -25.23 -14.68
C GLY A 72 -34.08 -23.90 -14.48
N LYS A 73 -33.65 -23.31 -15.59
CA LYS A 73 -33.08 -21.97 -15.62
C LYS A 73 -34.21 -20.95 -15.58
N SER A 74 -34.23 -20.08 -14.58
CA SER A 74 -35.20 -18.96 -14.56
C SER A 74 -34.83 -17.98 -15.63
N THR A 75 -35.82 -17.33 -16.23
CA THR A 75 -35.56 -16.22 -17.15
C THR A 75 -35.70 -14.83 -16.49
N ALA A 76 -35.82 -14.77 -15.15
CA ALA A 76 -35.89 -13.52 -14.42
C ALA A 76 -34.64 -12.66 -14.72
N THR A 77 -34.80 -11.35 -14.74
CA THR A 77 -33.74 -10.45 -15.07
C THR A 77 -33.55 -9.45 -13.93
N ALA A 78 -32.33 -8.97 -13.79
CA ALA A 78 -32.03 -8.12 -12.68
C ALA A 78 -32.74 -6.74 -12.77
N VAL A 79 -33.16 -6.25 -11.62
CA VAL A 79 -33.39 -4.83 -11.42
C VAL A 79 -32.05 -4.16 -11.17
N ASN A 80 -31.25 -4.74 -10.28
CA ASN A 80 -29.88 -4.32 -10.02
C ASN A 80 -28.94 -5.54 -10.12
N ALA A 81 -28.04 -5.57 -11.10
CA ALA A 81 -27.17 -6.73 -11.33
C ALA A 81 -26.04 -6.88 -10.31
N PHE A 82 -25.62 -8.11 -10.10
CA PHE A 82 -24.49 -8.43 -9.24
C PHE A 82 -23.14 -8.05 -9.89
N PRO A 83 -22.13 -7.72 -9.06
CA PRO A 83 -20.84 -7.52 -9.63
C PRO A 83 -20.35 -8.76 -10.39
N THR A 84 -19.78 -8.53 -11.56
CA THR A 84 -19.32 -9.62 -12.41
C THR A 84 -18.27 -10.54 -11.77
N GLU A 85 -17.45 -9.95 -10.90
CA GLU A 85 -16.36 -10.64 -10.23
C GLU A 85 -16.95 -11.82 -9.46
N TRP A 86 -18.05 -11.57 -8.75
CA TRP A 86 -18.70 -12.57 -7.93
C TRP A 86 -19.42 -13.66 -8.75
N ARG A 87 -19.98 -13.29 -9.90
CA ARG A 87 -20.74 -14.21 -10.72
C ARG A 87 -19.90 -15.28 -11.43
N PHE A 88 -18.58 -15.12 -11.44
CA PHE A 88 -17.72 -16.15 -12.08
C PHE A 88 -17.52 -17.39 -11.29
N SER A 89 -17.90 -17.40 -10.01
CA SER A 89 -17.51 -18.52 -9.14
C SER A 89 -18.08 -19.85 -9.63
N ALA A 90 -19.28 -19.86 -10.22
CA ALA A 90 -19.84 -21.11 -10.72
C ALA A 90 -19.08 -21.60 -11.97
N LYS A 91 -18.50 -20.67 -12.75
CA LYS A 91 -17.60 -21.09 -13.81
C LYS A 91 -16.38 -21.80 -13.28
N ASN A 92 -15.73 -21.25 -12.25
CA ASN A 92 -14.63 -21.96 -11.56
C ASN A 92 -15.06 -23.33 -11.09
N LEU A 93 -16.25 -23.47 -10.48
CA LEU A 93 -16.69 -24.76 -9.93
C LEU A 93 -16.95 -25.77 -11.03
N ASP A 94 -17.47 -25.29 -12.15
CA ASP A 94 -17.76 -26.13 -13.30
C ASP A 94 -16.52 -26.82 -13.85
N ASP A 95 -15.36 -26.16 -13.67
CA ASP A 95 -14.05 -26.70 -14.08
C ASP A 95 -13.30 -27.44 -13.01
N MET A 96 -13.85 -27.60 -11.81
CA MET A 96 -13.16 -28.34 -10.78
C MET A 96 -13.15 -29.81 -11.09
N PRO A 97 -12.14 -30.54 -10.59
CA PRO A 97 -12.00 -31.96 -10.84
C PRO A 97 -13.06 -32.82 -10.20
N PHE A 98 -13.50 -32.46 -9.01
CA PHE A 98 -14.59 -33.17 -8.32
C PHE A 98 -15.95 -32.97 -9.00
N LEU A 99 -16.03 -32.10 -10.02
CA LEU A 99 -17.25 -31.89 -10.79
C LEU A 99 -17.03 -32.18 -12.27
N ASN A 100 -15.99 -32.96 -12.57
CA ASN A 100 -15.83 -33.48 -13.90
C ASN A 100 -15.51 -35.00 -13.93
N ILE A 101 -15.90 -35.73 -12.89
CA ILE A 101 -15.73 -37.18 -12.85
C ILE A 101 -16.53 -37.66 -14.06
N VAL A 102 -15.92 -38.54 -14.85
CA VAL A 102 -16.43 -38.89 -16.16
C VAL A 102 -17.87 -39.47 -16.14
N GLU A 103 -18.21 -40.28 -15.14
CA GLU A 103 -19.56 -40.88 -15.06
C GLU A 103 -20.63 -39.79 -14.85
N ASP A 104 -20.27 -38.77 -14.06
CA ASP A 104 -21.19 -37.68 -13.73
C ASP A 104 -21.36 -36.74 -14.92
N VAL A 105 -20.26 -36.48 -15.63
CA VAL A 105 -20.38 -35.65 -16.84
C VAL A 105 -21.23 -36.34 -17.90
N ALA A 106 -21.08 -37.67 -18.04
CA ALA A 106 -21.84 -38.46 -19.03
C ALA A 106 -23.33 -38.43 -18.71
N LEU A 107 -23.68 -38.69 -17.46
CA LEU A 107 -25.10 -38.65 -17.05
C LEU A 107 -25.70 -37.27 -17.27
N TRP A 108 -24.99 -36.23 -16.82
CA TRP A 108 -25.50 -34.87 -17.00
C TRP A 108 -25.78 -34.50 -18.48
N GLU A 109 -24.86 -34.83 -19.40
CA GLU A 109 -25.03 -34.57 -20.83
C GLU A 109 -26.26 -35.25 -21.37
N LYS A 110 -26.52 -36.46 -20.89
CA LYS A 110 -27.73 -37.20 -21.27
C LYS A 110 -28.99 -36.53 -20.72
N LEU A 111 -28.96 -36.02 -19.49
CA LEU A 111 -30.12 -35.40 -18.86
C LEU A 111 -30.31 -33.93 -19.23
N LYS A 112 -29.26 -33.27 -19.74
CA LYS A 112 -29.30 -31.81 -19.88
C LYS A 112 -30.42 -31.33 -20.79
N PRO A 113 -30.64 -32.01 -21.94
CA PRO A 113 -31.57 -31.39 -22.91
C PRO A 113 -33.00 -31.30 -22.41
N GLU A 114 -33.48 -32.33 -21.74
CA GLU A 114 -34.81 -32.28 -21.14
C GLU A 114 -34.92 -31.13 -20.15
N ASN A 115 -33.92 -30.98 -19.28
CA ASN A 115 -33.88 -29.89 -18.33
C ASN A 115 -33.75 -28.52 -18.97
N GLU A 116 -32.99 -28.42 -20.05
CA GLU A 116 -32.81 -27.17 -20.84
C GLU A 116 -34.18 -26.61 -21.36
N ALA A 117 -35.12 -27.51 -21.64
CA ALA A 117 -36.45 -27.12 -22.10
C ALA A 117 -37.35 -26.51 -21.02
N HIS A 118 -36.96 -26.59 -19.74
CA HIS A 118 -37.75 -25.99 -18.66
C HIS A 118 -37.61 -24.47 -18.63
N ASN A 119 -38.66 -23.83 -18.20
CA ASN A 119 -38.60 -22.45 -17.72
C ASN A 119 -38.62 -22.54 -16.21
N GLY A 120 -37.70 -21.81 -15.57
CA GLY A 120 -37.49 -21.94 -14.15
C GLY A 120 -38.65 -21.50 -13.31
N GLN A 121 -39.24 -20.39 -13.71
CA GLN A 121 -40.40 -19.88 -12.99
C GLN A 121 -41.52 -20.90 -13.09
N GLN A 122 -41.82 -21.35 -14.31
CA GLN A 122 -42.92 -22.33 -14.55
C GLN A 122 -42.69 -23.66 -13.85
N LEU A 123 -41.44 -24.10 -13.81
CA LEU A 123 -41.09 -25.33 -13.12
C LEU A 123 -41.36 -25.26 -11.62
N LEU A 124 -41.03 -24.12 -11.02
CA LEU A 124 -41.25 -23.89 -9.61
C LEU A 124 -42.77 -23.99 -9.32
N ALA A 125 -43.58 -23.31 -10.13
CA ALA A 125 -45.04 -23.34 -10.02
C ALA A 125 -45.60 -24.76 -10.19
N ASP A 126 -45.15 -25.44 -11.24
CA ASP A 126 -45.58 -26.82 -11.53
C ASP A 126 -45.20 -27.83 -10.43
N LEU A 127 -43.95 -27.79 -9.97
CA LEU A 127 -43.51 -28.72 -8.92
C LEU A 127 -44.30 -28.54 -7.64
N VAL A 128 -44.53 -27.29 -7.26
CA VAL A 128 -45.27 -27.01 -6.03
C VAL A 128 -46.72 -27.46 -6.16
N MET A 129 -47.36 -27.10 -7.28
CA MET A 129 -48.78 -27.38 -7.54
C MET A 129 -49.12 -28.85 -7.80
N LYS A 130 -48.21 -29.62 -8.36
CA LYS A 130 -48.43 -31.08 -8.53
C LYS A 130 -48.07 -31.90 -7.31
N SER A 131 -47.28 -31.35 -6.40
CA SER A 131 -46.74 -32.15 -5.31
C SER A 131 -47.88 -32.69 -4.47
N LYS A 132 -47.75 -33.94 -4.05
CA LYS A 132 -48.71 -34.58 -3.14
C LYS A 132 -48.72 -33.91 -1.79
N GLU A 133 -47.52 -33.70 -1.24
CA GLU A 133 -47.35 -33.05 0.05
C GLU A 133 -47.02 -31.57 -0.17
N LYS A 134 -47.34 -30.73 0.80
CA LYS A 134 -46.92 -29.33 0.76
C LYS A 134 -45.37 -29.22 0.75
N VAL A 135 -44.89 -28.20 0.05
CA VAL A 135 -43.48 -28.09 -0.29
C VAL A 135 -42.80 -26.97 0.53
N THR A 136 -41.60 -27.26 1.02
CA THR A 136 -40.75 -26.23 1.56
C THR A 136 -39.89 -25.68 0.43
N VAL A 137 -40.03 -24.42 0.08
CA VAL A 137 -39.15 -23.83 -0.93
C VAL A 137 -37.99 -23.12 -0.20
N CYS A 138 -36.76 -23.50 -0.48
CA CYS A 138 -35.57 -22.85 0.10
C CYS A 138 -35.07 -21.90 -0.92
N VAL A 139 -35.08 -20.58 -0.62
CA VAL A 139 -34.76 -19.57 -1.61
C VAL A 139 -33.44 -18.99 -1.25
N THR A 140 -32.40 -19.20 -2.07
CA THR A 140 -31.10 -18.69 -1.66
C THR A 140 -30.56 -17.66 -2.68
N GLY A 141 -31.38 -17.35 -3.67
CA GLY A 141 -31.15 -16.25 -4.55
C GLY A 141 -32.24 -15.23 -4.32
N PRO A 142 -32.42 -14.31 -5.28
CA PRO A 142 -33.47 -13.33 -5.25
C PRO A 142 -34.85 -13.97 -5.28
N LEU A 143 -35.85 -13.18 -4.91
CA LEU A 143 -37.22 -13.66 -4.70
C LEU A 143 -38.12 -13.60 -5.94
N SER A 144 -37.49 -13.34 -7.10
CA SER A 144 -38.18 -13.15 -8.39
C SER A 144 -39.02 -14.32 -8.84
N ASN A 145 -38.59 -15.52 -8.57
CA ASN A 145 -39.34 -16.71 -9.00
C ASN A 145 -40.54 -16.92 -8.11
N MET A 146 -40.35 -16.79 -6.80
CA MET A 146 -41.50 -16.96 -5.92
C MET A 146 -42.58 -15.89 -6.23
N ALA A 147 -42.13 -14.65 -6.50
CA ALA A 147 -42.99 -13.53 -6.79
C ALA A 147 -43.85 -13.80 -8.04
N TRP A 148 -43.20 -14.34 -9.07
CA TRP A 148 -43.87 -14.67 -10.34
C TRP A 148 -44.96 -15.71 -10.17
N CYS A 149 -44.63 -16.77 -9.41
CA CYS A 149 -45.60 -17.83 -9.09
C CYS A 149 -46.80 -17.30 -8.30
N ILE A 150 -46.53 -16.51 -7.27
CA ILE A 150 -47.59 -15.92 -6.47
C ILE A 150 -48.49 -15.07 -7.40
N GLU A 151 -47.87 -14.22 -8.22
CA GLU A 151 -48.66 -13.36 -9.09
C GLU A 151 -49.44 -14.11 -10.16
N LYS A 152 -48.87 -15.19 -10.71
CA LYS A 152 -49.54 -15.90 -11.79
C LYS A 152 -50.63 -16.83 -11.31
N TYR A 153 -50.38 -17.53 -10.19
CA TYR A 153 -51.28 -18.58 -9.72
C TYR A 153 -51.98 -18.31 -8.38
N GLY A 154 -51.55 -17.29 -7.64
CA GLY A 154 -52.10 -17.03 -6.34
C GLY A 154 -52.21 -18.27 -5.46
N GLU A 155 -53.40 -18.46 -4.90
CA GLU A 155 -53.62 -19.40 -3.83
C GLU A 155 -53.53 -20.83 -4.35
N ALA A 156 -53.67 -21.02 -5.66
CA ALA A 156 -53.42 -22.31 -6.27
C ALA A 156 -51.96 -22.74 -6.03
N PHE A 157 -51.07 -21.75 -5.95
CA PHE A 157 -49.64 -21.98 -5.67
C PHE A 157 -49.40 -21.95 -4.16
N THR A 158 -49.77 -20.84 -3.50
CA THR A 158 -49.40 -20.60 -2.12
C THR A 158 -50.04 -21.59 -1.15
N SER A 159 -51.19 -22.13 -1.52
CA SER A 159 -51.81 -23.12 -0.63
C SER A 159 -50.97 -24.40 -0.61
N LYS A 160 -50.07 -24.58 -1.59
CA LYS A 160 -49.25 -25.79 -1.63
C LYS A 160 -47.85 -25.61 -0.97
N VAL A 161 -47.54 -24.41 -0.50
CA VAL A 161 -46.26 -24.12 0.13
C VAL A 161 -46.40 -24.32 1.65
N GLU A 162 -45.58 -25.22 2.19
CA GLU A 162 -45.43 -25.43 3.64
C GLU A 162 -44.83 -24.21 4.30
N GLU A 163 -43.65 -23.82 3.84
CA GLU A 163 -43.06 -22.57 4.21
C GLU A 163 -41.96 -22.24 3.22
N CYS A 164 -41.54 -20.99 3.23
CA CYS A 164 -40.53 -20.49 2.34
C CYS A 164 -39.38 -20.02 3.26
N VAL A 165 -38.24 -20.72 3.20
CA VAL A 165 -37.06 -20.40 4.03
C VAL A 165 -36.07 -19.61 3.16
N ILE A 166 -35.81 -18.37 3.51
CA ILE A 166 -35.22 -17.42 2.61
C ILE A 166 -33.94 -16.84 3.18
N MET A 167 -32.91 -16.72 2.35
CA MET A 167 -31.73 -15.95 2.68
C MET A 167 -31.90 -14.58 2.04
N GLY A 168 -31.93 -13.55 2.89
CA GLY A 168 -32.04 -12.18 2.42
C GLY A 168 -32.34 -11.16 3.49
N GLY A 169 -32.07 -9.89 3.19
CA GLY A 169 -32.37 -8.80 4.08
C GLY A 169 -31.34 -8.55 5.18
N ALA A 170 -31.56 -7.44 5.86
CA ALA A 170 -30.83 -7.05 7.05
C ALA A 170 -31.79 -6.13 7.85
N VAL A 171 -32.19 -6.60 9.02
CA VAL A 171 -33.25 -5.94 9.77
C VAL A 171 -32.69 -4.95 10.82
N ASP A 172 -31.87 -5.45 11.73
CA ASP A 172 -31.29 -4.66 12.79
C ASP A 172 -29.80 -4.46 12.65
N VAL A 173 -29.23 -4.92 11.54
CA VAL A 173 -27.84 -4.66 11.21
C VAL A 173 -27.74 -3.95 9.86
N GLY A 174 -26.55 -3.49 9.53
CA GLY A 174 -26.23 -2.99 8.19
C GLY A 174 -26.36 -4.04 7.08
N GLY A 175 -26.48 -3.56 5.87
CA GLY A 175 -26.58 -4.45 4.71
C GLY A 175 -25.24 -4.79 4.18
N ASN A 176 -25.22 -5.23 2.91
CA ASN A 176 -23.98 -5.55 2.23
C ASN A 176 -23.88 -5.08 0.77
N VAL A 177 -24.78 -4.17 0.38
CA VAL A 177 -24.75 -3.53 -0.93
C VAL A 177 -24.04 -2.19 -0.91
N PHE A 178 -22.79 -2.18 -1.29
CA PHE A 178 -21.96 -1.00 -1.15
C PHE A 178 -21.63 -0.50 -2.53
N LEU A 179 -22.41 0.48 -2.97
CA LEU A 179 -22.22 1.04 -4.29
C LEU A 179 -22.15 2.56 -4.15
N PRO A 180 -21.57 3.25 -5.15
CA PRO A 180 -21.59 4.71 -5.07
C PRO A 180 -23.02 5.26 -4.91
N THR A 181 -24.00 4.56 -5.46
CA THR A 181 -25.39 5.02 -5.41
C THR A 181 -26.22 4.46 -4.25
N THR A 182 -25.60 3.77 -3.29
CA THR A 182 -26.35 3.18 -2.17
C THR A 182 -25.72 3.57 -0.85
N ASP A 183 -26.51 3.40 0.21
CA ASP A 183 -26.14 3.83 1.56
C ASP A 183 -25.60 2.68 2.46
N GLY A 184 -25.54 1.47 1.93
CA GLY A 184 -25.04 0.32 2.70
C GLY A 184 -26.06 -0.39 3.58
N SER A 185 -27.29 0.10 3.57
CA SER A 185 -28.33 -0.52 4.42
C SER A 185 -28.98 -1.78 3.81
N ALA A 186 -28.78 -2.02 2.52
CA ALA A 186 -29.51 -3.11 1.82
C ALA A 186 -28.69 -4.38 1.70
N GLU A 187 -29.37 -5.52 1.60
CA GLU A 187 -28.72 -6.82 1.39
C GLU A 187 -29.00 -7.24 -0.07
N TRP A 188 -28.03 -7.95 -0.65
CA TRP A 188 -27.92 -8.12 -2.11
C TRP A 188 -29.05 -8.88 -2.79
N ASN A 189 -29.55 -9.97 -2.14
CA ASN A 189 -30.65 -10.76 -2.70
C ASN A 189 -31.96 -9.94 -2.81
N ILE A 190 -32.18 -9.04 -1.86
CA ILE A 190 -33.36 -8.14 -1.93
C ILE A 190 -33.09 -7.13 -3.03
N TYR A 191 -31.89 -6.54 -2.97
CA TYR A 191 -31.48 -5.47 -3.88
C TYR A 191 -31.56 -5.86 -5.37
N TRP A 192 -31.28 -7.12 -5.66
CA TRP A 192 -31.38 -7.63 -7.03
C TRP A 192 -32.77 -7.43 -7.65
N ASP A 193 -33.80 -7.47 -6.82
CA ASP A 193 -35.18 -7.30 -7.26
C ASP A 193 -36.05 -6.94 -6.04
N PRO A 194 -36.08 -5.65 -5.65
CA PRO A 194 -36.86 -5.29 -4.47
C PRO A 194 -38.40 -5.51 -4.57
N PRO A 195 -39.04 -5.19 -5.73
CA PRO A 195 -40.47 -5.43 -5.77
C PRO A 195 -40.84 -6.92 -5.60
N ALA A 196 -40.02 -7.81 -6.12
CA ALA A 196 -40.28 -9.22 -5.91
C ALA A 196 -40.18 -9.55 -4.41
N ALA A 197 -39.23 -8.95 -3.70
CA ALA A 197 -39.07 -9.25 -2.30
C ALA A 197 -40.26 -8.73 -1.49
N LYS A 198 -40.68 -7.53 -1.82
CA LYS A 198 -41.83 -6.93 -1.19
C LYS A 198 -43.07 -7.78 -1.40
N LYS A 199 -43.25 -8.31 -2.61
CA LYS A 199 -44.41 -9.20 -2.85
C LYS A 199 -44.37 -10.48 -2.03
N VAL A 200 -43.24 -11.15 -1.96
CA VAL A 200 -43.19 -12.43 -1.24
C VAL A 200 -43.09 -12.25 0.27
N LEU A 201 -42.20 -11.36 0.74
CA LEU A 201 -41.96 -11.25 2.18
C LEU A 201 -43.21 -10.84 2.96
N CYS A 202 -44.02 -9.96 2.42
CA CYS A 202 -45.24 -9.55 3.09
C CYS A 202 -46.49 -10.14 2.42
N CYS A 203 -46.32 -11.29 1.76
CA CYS A 203 -47.48 -12.02 1.23
C CYS A 203 -48.20 -12.66 2.41
N PRO A 204 -49.48 -12.33 2.57
CA PRO A 204 -50.21 -12.83 3.75
C PRO A 204 -50.53 -14.31 3.68
N ASN A 205 -50.28 -14.94 2.54
CA ASN A 205 -50.67 -16.33 2.35
C ASN A 205 -49.56 -17.36 2.51
N ILE A 206 -48.45 -16.95 3.07
CA ILE A 206 -47.28 -17.81 3.09
C ILE A 206 -46.46 -17.54 4.33
N ARG A 207 -45.91 -18.61 4.89
CA ARG A 207 -44.99 -18.51 6.01
C ARG A 207 -43.59 -18.35 5.48
N CYS A 208 -42.99 -17.18 5.71
CA CYS A 208 -41.58 -16.93 5.41
C CYS A 208 -40.69 -16.94 6.67
N VAL A 209 -39.68 -17.81 6.66
CA VAL A 209 -38.61 -17.80 7.65
C VAL A 209 -37.44 -17.10 6.95
N LEU A 210 -36.93 -16.02 7.55
CA LEU A 210 -35.92 -15.18 6.92
C LEU A 210 -34.59 -15.31 7.67
N PHE A 211 -33.54 -15.74 6.93
CA PHE A 211 -32.16 -15.65 7.40
C PHE A 211 -31.55 -14.42 6.75
N SER A 212 -31.56 -13.35 7.51
CA SER A 212 -31.05 -12.07 7.12
C SER A 212 -29.62 -11.95 7.66
N LEU A 213 -28.99 -10.83 7.34
CA LEU A 213 -27.61 -10.64 7.75
C LEU A 213 -27.41 -10.70 9.29
N ASP A 214 -28.45 -10.32 10.04
CA ASP A 214 -28.51 -10.47 11.48
C ASP A 214 -27.99 -11.82 11.95
N ALA A 215 -28.49 -12.89 11.36
CA ALA A 215 -28.09 -14.26 11.70
C ALA A 215 -26.85 -14.73 10.94
N THR A 216 -26.79 -14.45 9.63
CA THR A 216 -25.69 -14.92 8.81
C THR A 216 -24.33 -14.29 9.17
N ASN A 217 -24.33 -13.03 9.65
CA ASN A 217 -23.09 -12.39 10.14
C ASN A 217 -22.34 -13.24 11.19
N THR A 218 -23.03 -14.21 11.75
CA THR A 218 -22.55 -15.05 12.84
C THR A 218 -21.76 -16.28 12.39
N VAL A 219 -21.73 -16.53 11.08
CA VAL A 219 -21.09 -17.73 10.59
C VAL A 219 -20.07 -17.48 9.47
N PRO A 220 -19.08 -16.61 9.73
CA PRO A 220 -18.06 -16.38 8.70
C PRO A 220 -17.31 -17.67 8.34
N VAL A 221 -16.93 -17.80 7.07
CA VAL A 221 -16.13 -18.95 6.62
C VAL A 221 -14.61 -18.74 6.91
N ARG A 222 -14.10 -19.47 7.89
CA ARG A 222 -12.76 -19.19 8.45
C ARG A 222 -11.80 -20.33 8.29
N SER A 223 -10.56 -20.00 8.00
CA SER A 223 -9.49 -20.98 7.72
C SER A 223 -9.41 -22.10 8.77
N VAL A 224 -9.43 -21.71 10.03
CA VAL A 224 -9.24 -22.67 11.13
C VAL A 224 -10.26 -23.81 11.06
N ASP A 225 -11.45 -23.50 10.55
CA ASP A 225 -12.54 -24.47 10.41
C ASP A 225 -12.44 -25.25 9.13
N VAL A 226 -12.21 -24.53 8.03
CA VAL A 226 -12.18 -25.11 6.70
C VAL A 226 -11.04 -26.14 6.58
N LYS A 227 -9.92 -25.85 7.23
CA LYS A 227 -8.85 -26.84 7.30
C LYS A 227 -9.32 -28.21 7.74
N GLY A 228 -10.39 -28.24 8.55
CA GLY A 228 -10.97 -29.52 9.03
C GLY A 228 -11.40 -30.51 7.96
N PHE A 229 -11.71 -30.01 6.77
CA PHE A 229 -12.15 -30.90 5.72
C PHE A 229 -11.05 -31.84 5.20
N GLY A 230 -9.80 -31.51 5.49
CA GLY A 230 -8.68 -32.34 5.03
C GLY A 230 -8.74 -33.75 5.64
N ALA A 231 -9.10 -33.80 6.94
CA ALA A 231 -9.32 -35.07 7.63
C ALA A 231 -10.38 -35.94 6.96
N GLN A 232 -11.23 -35.30 6.14
CA GLN A 232 -12.33 -35.95 5.41
C GLN A 232 -12.15 -35.94 3.90
N ASN A 233 -10.94 -35.71 3.42
CA ASN A 233 -10.72 -35.56 1.95
C ASN A 233 -11.08 -36.80 1.11
N GLN A 234 -11.16 -37.98 1.73
CA GLN A 234 -11.61 -39.16 1.01
C GLN A 234 -13.09 -39.09 0.56
N TYR A 235 -13.88 -38.20 1.18
CA TYR A 235 -15.29 -38.02 0.81
C TYR A 235 -15.40 -36.94 -0.23
N LEU A 236 -16.08 -37.26 -1.33
CA LEU A 236 -16.30 -36.33 -2.39
C LEU A 236 -16.98 -35.05 -1.90
N LEU A 237 -17.89 -35.14 -0.93
CA LEU A 237 -18.65 -33.96 -0.52
C LEU A 237 -17.77 -33.06 0.35
N SER A 238 -16.76 -33.65 0.99
CA SER A 238 -15.75 -32.88 1.68
C SER A 238 -14.80 -32.19 0.72
N GLN A 239 -14.43 -32.85 -0.37
CA GLN A 239 -13.67 -32.20 -1.39
C GLN A 239 -14.47 -31.00 -1.92
N MET A 240 -15.72 -31.25 -2.23
CA MET A 240 -16.56 -30.19 -2.76
C MET A 240 -16.72 -28.98 -1.84
N VAL A 241 -17.21 -29.21 -0.64
CA VAL A 241 -17.43 -28.11 0.29
C VAL A 241 -16.13 -27.46 0.81
N GLY A 242 -15.13 -28.30 1.11
CA GLY A 242 -13.82 -27.81 1.54
C GLY A 242 -13.26 -26.84 0.49
N THR A 243 -13.34 -27.22 -0.77
CA THR A 243 -12.85 -26.36 -1.84
C THR A 243 -13.69 -25.06 -1.94
N MET A 244 -15.02 -25.21 -1.97
CA MET A 244 -15.89 -24.04 -2.05
C MET A 244 -15.62 -23.03 -0.95
N TRP A 245 -15.34 -23.53 0.25
CA TRP A 245 -15.03 -22.73 1.40
C TRP A 245 -13.60 -22.20 1.29
N ALA A 246 -12.65 -23.06 0.91
CA ALA A 246 -11.23 -22.64 0.79
C ALA A 246 -11.00 -21.58 -0.29
N MET A 247 -11.85 -21.55 -1.31
CA MET A 247 -11.86 -20.46 -2.28
C MET A 247 -12.35 -19.14 -1.67
N SER A 248 -12.87 -19.19 -0.47
CA SER A 248 -13.63 -18.07 0.11
C SER A 248 -13.06 -17.52 1.43
N THR A 249 -12.08 -18.20 1.99
CA THR A 249 -11.59 -17.88 3.32
C THR A 249 -10.79 -16.58 3.43
N HIS A 250 -10.35 -16.02 2.31
CA HIS A 250 -9.51 -14.83 2.31
C HIS A 250 -10.32 -13.54 2.39
N GLU A 251 -11.59 -13.59 2.02
CA GLU A 251 -12.39 -12.34 1.90
C GLU A 251 -12.45 -11.51 3.19
N GLU A 252 -12.51 -12.18 4.35
CA GLU A 252 -12.56 -11.49 5.64
C GLU A 252 -11.37 -10.57 5.88
N ILE A 253 -10.19 -11.06 5.49
CA ILE A 253 -8.95 -10.27 5.60
C ILE A 253 -8.88 -9.22 4.48
N LEU A 254 -9.08 -9.66 3.24
CA LEU A 254 -8.96 -8.76 2.09
C LEU A 254 -9.89 -7.56 2.22
N ARG A 255 -11.09 -7.79 2.74
CA ARG A 255 -12.15 -6.76 2.80
C ARG A 255 -12.42 -6.25 4.23
N ASP A 256 -11.42 -6.42 5.08
CA ASP A 256 -11.33 -5.77 6.40
C ASP A 256 -12.48 -6.14 7.35
N GLY A 257 -12.79 -7.43 7.40
CA GLY A 257 -13.87 -7.95 8.27
C GLY A 257 -15.15 -8.28 7.52
N ASP A 258 -15.27 -7.85 6.27
CA ASP A 258 -16.45 -8.15 5.43
C ASP A 258 -16.27 -9.53 4.80
N ALA A 259 -16.52 -10.56 5.59
CA ALA A 259 -16.17 -11.94 5.24
C ALA A 259 -17.08 -12.51 4.13
N TYR A 260 -16.62 -13.61 3.51
CA TYR A 260 -17.52 -14.51 2.81
C TYR A 260 -18.12 -15.32 3.95
N TYR A 261 -19.44 -15.30 4.05
CA TYR A 261 -20.17 -16.03 5.12
C TYR A 261 -20.85 -17.26 4.53
N ALA A 262 -21.26 -18.18 5.41
CA ALA A 262 -21.94 -19.40 5.02
C ALA A 262 -23.44 -19.08 4.82
N TRP A 263 -23.72 -17.94 4.20
CA TRP A 263 -25.06 -17.39 4.14
C TRP A 263 -26.12 -18.42 3.82
N ASP A 264 -26.07 -18.97 2.62
CA ASP A 264 -27.11 -19.84 2.13
C ASP A 264 -27.04 -21.20 2.79
N ALA A 265 -25.86 -21.59 3.31
CA ALA A 265 -25.71 -22.95 3.91
C ALA A 265 -26.45 -23.02 5.23
N LEU A 266 -26.41 -21.92 5.96
CA LEU A 266 -27.08 -21.82 7.24
C LEU A 266 -28.59 -21.86 7.01
N THR A 267 -29.05 -21.18 5.95
CA THR A 267 -30.46 -21.15 5.56
C THR A 267 -30.97 -22.56 5.31
N ALA A 268 -30.23 -23.35 4.55
CA ALA A 268 -30.61 -24.74 4.32
C ALA A 268 -30.52 -25.57 5.60
N ALA A 269 -29.56 -25.24 6.48
CA ALA A 269 -29.35 -26.01 7.72
C ALA A 269 -30.61 -25.93 8.62
N TYR A 270 -31.28 -24.79 8.58
CA TYR A 270 -32.53 -24.63 9.31
C TYR A 270 -33.57 -25.69 8.91
N ILE A 271 -33.63 -26.03 7.65
CA ILE A 271 -34.57 -27.02 7.19
C ILE A 271 -34.20 -28.38 7.76
N LEU A 272 -32.91 -28.61 7.96
CA LEU A 272 -32.43 -29.87 8.53
C LEU A 272 -32.55 -29.94 10.02
N GLU A 273 -32.42 -28.81 10.69
CA GLU A 273 -32.48 -28.75 12.14
C GLU A 273 -33.14 -27.44 12.58
N PRO A 274 -34.48 -27.43 12.74
CA PRO A 274 -35.22 -26.20 13.04
C PRO A 274 -34.84 -25.53 14.37
N THR A 275 -34.20 -26.28 15.26
CA THR A 275 -33.75 -25.71 16.54
C THR A 275 -32.42 -24.94 16.45
N ILE A 276 -31.84 -24.85 15.25
CA ILE A 276 -30.53 -24.21 15.04
C ILE A 276 -30.62 -22.70 15.35
N ALA A 277 -31.82 -22.16 15.33
CA ALA A 277 -32.04 -20.75 15.58
C ALA A 277 -33.42 -20.54 16.14
N THR A 278 -33.61 -19.45 16.85
CA THR A 278 -34.95 -19.07 17.29
C THR A 278 -35.48 -18.09 16.24
N LEU A 279 -36.79 -17.92 16.21
CA LEU A 279 -37.46 -17.09 15.23
C LEU A 279 -38.19 -15.96 15.94
N GLU A 280 -38.09 -14.74 15.40
CA GLU A 280 -38.85 -13.57 15.87
C GLU A 280 -39.80 -13.05 14.76
N PRO A 281 -41.13 -13.02 15.02
CA PRO A 281 -42.04 -12.40 14.06
C PRO A 281 -41.81 -10.91 13.92
N VAL A 282 -41.58 -10.46 12.69
CA VAL A 282 -41.35 -9.04 12.40
C VAL A 282 -42.12 -8.62 11.17
N ALA A 283 -42.71 -7.43 11.23
CA ALA A 283 -43.34 -6.80 10.07
C ALA A 283 -42.24 -6.01 9.41
N LEU A 284 -42.11 -6.18 8.09
CA LEU A 284 -41.10 -5.48 7.32
C LEU A 284 -41.71 -4.59 6.23
N ASP A 285 -41.01 -3.49 5.95
CA ASP A 285 -41.43 -2.49 5.03
C ASP A 285 -40.34 -2.42 3.98
N VAL A 286 -40.43 -3.28 2.97
CA VAL A 286 -39.41 -3.39 1.93
C VAL A 286 -39.37 -2.12 1.08
N ASP A 287 -38.19 -1.51 1.02
CA ASP A 287 -37.94 -0.28 0.29
C ASP A 287 -37.75 -0.64 -1.18
N VAL A 288 -38.70 -0.24 -2.03
CA VAL A 288 -38.61 -0.47 -3.46
C VAL A 288 -38.34 0.82 -4.26
N SER A 289 -37.95 1.88 -3.55
CA SER A 289 -37.63 3.17 -4.17
C SER A 289 -36.35 3.05 -4.96
N LYS A 290 -36.05 4.08 -5.74
CA LYS A 290 -34.79 4.15 -6.48
C LYS A 290 -33.73 5.03 -5.77
N GLY A 291 -34.01 5.40 -4.53
CA GLY A 291 -33.02 6.08 -3.71
C GLY A 291 -31.85 5.20 -3.24
N LYS A 292 -31.06 5.75 -2.34
CA LYS A 292 -29.88 5.07 -1.87
C LYS A 292 -30.18 3.98 -0.85
N SER A 293 -31.42 3.96 -0.35
CA SER A 293 -31.90 2.93 0.54
C SER A 293 -32.71 1.81 -0.16
N GLU A 294 -32.72 1.79 -1.49
CA GLU A 294 -33.36 0.74 -2.29
C GLU A 294 -32.95 -0.66 -1.79
N GLY A 295 -33.94 -1.50 -1.50
CA GLY A 295 -33.68 -2.87 -1.14
C GLY A 295 -33.60 -3.12 0.36
N ARG A 296 -33.70 -2.05 1.14
CA ARG A 296 -33.67 -2.14 2.60
C ARG A 296 -34.90 -2.85 3.12
N THR A 297 -34.69 -3.63 4.17
CA THR A 297 -35.77 -4.32 4.83
C THR A 297 -35.92 -3.86 6.28
N PRO A 298 -36.32 -2.59 6.48
CA PRO A 298 -36.50 -2.07 7.85
C PRO A 298 -37.75 -2.60 8.54
N ARG A 299 -37.74 -2.64 9.87
CA ARG A 299 -38.96 -2.98 10.60
C ARG A 299 -40.03 -2.00 10.18
N ALA A 300 -41.26 -2.47 9.98
CA ALA A 300 -42.41 -1.58 9.59
C ALA A 300 -42.86 -0.67 10.76
N GLY A 304 -46.45 -3.99 13.84
CA GLY A 304 -47.41 -4.29 12.76
C GLY A 304 -47.68 -5.79 12.57
N LYS A 305 -48.54 -6.09 11.60
CA LYS A 305 -48.91 -7.46 11.20
C LYS A 305 -47.70 -8.19 10.60
N PRO A 306 -47.17 -9.22 11.30
CA PRO A 306 -45.89 -9.88 10.92
C PRO A 306 -45.78 -10.37 9.46
N CYS A 307 -44.69 -10.02 8.80
CA CYS A 307 -44.38 -10.51 7.43
C CYS A 307 -43.59 -11.83 7.45
N VAL A 308 -42.63 -11.90 8.38
CA VAL A 308 -41.60 -12.90 8.35
C VAL A 308 -41.14 -13.32 9.73
N HIS A 309 -40.62 -14.53 9.83
CA HIS A 309 -40.07 -15.02 11.07
C HIS A 309 -38.54 -15.00 10.95
N VAL A 310 -37.92 -13.99 11.56
CA VAL A 310 -36.50 -13.74 11.40
C VAL A 310 -35.63 -14.63 12.31
N ALA A 311 -34.69 -15.33 11.71
CA ALA A 311 -33.76 -16.19 12.46
C ALA A 311 -32.84 -15.38 13.38
N ARG A 312 -32.66 -15.88 14.59
CA ARG A 312 -31.88 -15.19 15.61
C ARG A 312 -30.92 -16.14 16.31
N ASN A 313 -29.73 -15.64 16.62
CA ASN A 313 -28.71 -16.37 17.35
C ASN A 313 -28.54 -17.82 16.92
N PRO A 314 -28.09 -18.04 15.66
CA PRO A 314 -27.94 -19.41 15.23
C PRO A 314 -26.80 -20.08 15.99
N SER A 315 -26.92 -21.38 16.18
CA SER A 315 -25.91 -22.17 16.86
C SER A 315 -24.75 -22.50 15.91
N LYS A 316 -23.60 -21.93 16.21
CA LYS A 316 -22.41 -22.16 15.43
C LYS A 316 -22.00 -23.63 15.49
N GLN A 317 -22.12 -24.20 16.67
CA GLN A 317 -21.68 -25.57 16.89
C GLN A 317 -22.58 -26.56 16.17
N MET A 318 -23.90 -26.41 16.34
CA MET A 318 -24.90 -27.20 15.58
C MET A 318 -24.64 -27.11 14.07
N PHE A 319 -24.48 -25.89 13.58
CA PHE A 319 -24.19 -25.73 12.15
C PHE A 319 -22.94 -26.53 11.76
N HIS A 320 -21.87 -26.30 12.51
CA HIS A 320 -20.60 -26.96 12.28
C HIS A 320 -20.76 -28.49 12.22
N ASP A 321 -21.41 -29.05 13.25
CA ASP A 321 -21.64 -30.49 13.33
C ASP A 321 -22.46 -31.02 12.19
N LEU A 322 -23.44 -30.24 11.75
CA LEU A 322 -24.28 -30.64 10.61
C LEU A 322 -23.50 -30.67 9.29
N VAL A 323 -22.65 -29.66 9.08
CA VAL A 323 -21.86 -29.52 7.82
C VAL A 323 -20.85 -30.67 7.70
N PHE A 324 -20.15 -30.96 8.80
CA PHE A 324 -19.13 -32.01 8.80
C PHE A 324 -19.70 -33.42 8.68
N ALA A 325 -20.80 -33.69 9.36
CA ALA A 325 -21.51 -34.96 9.21
C ALA A 325 -22.04 -35.13 7.80
N SER A 326 -22.61 -34.05 7.21
CA SER A 326 -23.22 -34.17 5.86
C SER A 326 -22.16 -34.46 4.80
N THR A 327 -20.98 -33.87 5.00
CA THR A 327 -19.86 -34.02 4.09
C THR A 327 -19.11 -35.37 4.25
N ARG A 328 -19.46 -36.14 5.30
CA ARG A 328 -18.96 -37.52 5.43
C ARG A 328 -19.92 -38.54 4.81
N VAL A 329 -21.03 -38.07 4.24
CA VAL A 329 -22.01 -38.99 3.65
C VAL A 329 -21.49 -39.73 2.43
N CYS A 330 -20.70 -39.05 1.62
CA CYS A 330 -20.01 -39.70 0.49
C CYS A 330 -18.99 -38.75 -0.11
N MET B 4 -19.29 3.74 22.43
CA MET B 4 -19.41 5.23 22.49
C MET B 4 -18.19 5.96 21.86
N ALA B 5 -17.58 5.38 20.83
CA ALA B 5 -16.66 6.15 19.97
C ALA B 5 -17.49 7.20 19.17
N LYS B 6 -17.09 8.46 19.25
CA LYS B 6 -17.77 9.54 18.50
C LYS B 6 -17.63 9.25 17.00
N THR B 7 -18.70 9.43 16.23
CA THR B 7 -18.64 9.33 14.78
C THR B 7 -18.20 10.70 14.28
N VAL B 8 -17.11 10.75 13.52
CA VAL B 8 -16.45 12.04 13.19
C VAL B 8 -16.11 12.11 11.72
N ILE B 9 -16.20 13.30 11.13
CA ILE B 9 -15.75 13.57 9.75
C ILE B 9 -14.75 14.73 9.82
N LEU B 10 -13.60 14.62 9.16
CA LEU B 10 -12.61 15.69 9.10
C LEU B 10 -12.73 16.43 7.80
N ASP B 11 -12.98 17.72 7.87
CA ASP B 11 -13.18 18.59 6.73
C ASP B 11 -12.01 19.54 6.77
N HIS B 12 -10.98 19.29 5.97
CA HIS B 12 -9.70 19.96 6.18
C HIS B 12 -9.14 20.56 4.92
N ASP B 13 -8.10 21.36 5.07
CA ASP B 13 -7.46 21.91 3.86
C ASP B 13 -5.97 21.61 3.71
N GLY B 14 -5.52 20.49 4.29
CA GLY B 14 -4.27 19.86 3.89
C GLY B 14 -2.94 20.56 4.16
N ASN B 15 -2.87 21.44 5.13
CA ASN B 15 -1.56 21.89 5.59
C ASN B 15 -1.02 20.93 6.66
N LYS B 16 0.14 21.21 7.25
CA LYS B 16 0.79 20.25 8.13
C LYS B 16 0.00 19.99 9.36
N ASP B 17 -0.54 21.04 9.97
CA ASP B 17 -1.39 20.85 11.13
C ASP B 17 -2.70 20.11 10.80
N ASP B 18 -3.31 20.31 9.63
CA ASP B 18 -4.50 19.55 9.31
C ASP B 18 -4.20 18.06 9.44
N PHE B 19 -3.02 17.67 8.97
CA PHE B 19 -2.66 16.26 8.98
C PHE B 19 -2.28 15.75 10.35
N VAL B 20 -1.76 16.60 11.25
CA VAL B 20 -1.55 16.21 12.64
C VAL B 20 -2.93 15.97 13.26
N ALA B 21 -3.85 16.88 12.98
CA ALA B 21 -5.24 16.72 13.44
C ALA B 21 -5.77 15.37 12.98
N MET B 22 -5.56 15.01 11.73
CA MET B 22 -6.07 13.73 11.23
C MET B 22 -5.45 12.52 11.95
N ILE B 23 -4.17 12.60 12.24
CA ILE B 23 -3.46 11.54 12.97
C ILE B 23 -3.99 11.44 14.39
N LEU B 24 -4.18 12.58 15.07
CA LEU B 24 -4.80 12.56 16.38
C LEU B 24 -6.13 11.85 16.40
N LEU B 25 -7.02 12.18 15.45
CA LEU B 25 -8.33 11.51 15.36
C LEU B 25 -8.21 10.02 15.03
N LEU B 26 -7.54 9.71 13.95
CA LEU B 26 -7.50 8.35 13.45
C LEU B 26 -6.73 7.37 14.35
N SER B 27 -5.74 7.85 15.08
CA SER B 27 -4.96 7.00 16.01
C SER B 27 -5.69 6.65 17.30
N ASN B 28 -6.88 7.22 17.52
CA ASN B 28 -7.63 6.98 18.76
C ASN B 28 -9.03 6.36 18.56
N PRO B 29 -9.10 5.15 17.94
CA PRO B 29 -10.38 4.52 17.55
C PRO B 29 -11.36 4.25 18.71
N LYS B 30 -10.82 4.10 19.92
CA LYS B 30 -11.63 3.93 21.13
C LYS B 30 -12.53 5.14 21.33
N LYS B 31 -11.98 6.34 21.07
CA LYS B 31 -12.71 7.58 21.21
C LYS B 31 -13.35 8.08 19.92
N VAL B 32 -12.78 7.74 18.76
CA VAL B 32 -13.20 8.29 17.45
C VAL B 32 -13.29 7.26 16.33
N ASN B 33 -14.45 7.23 15.69
CA ASN B 33 -14.70 6.48 14.48
C ASN B 33 -14.69 7.47 13.35
N LEU B 34 -13.61 7.49 12.60
CA LEU B 34 -13.47 8.44 11.51
C LEU B 34 -14.10 7.79 10.28
N ILE B 35 -15.29 8.28 9.91
CA ILE B 35 -16.04 7.74 8.78
C ILE B 35 -15.83 8.47 7.47
N GLY B 36 -14.97 9.48 7.44
CA GLY B 36 -14.80 10.28 6.22
C GLY B 36 -13.89 11.47 6.39
N CYS B 37 -13.19 11.84 5.31
CA CYS B 37 -12.41 13.09 5.25
C CYS B 37 -12.81 13.87 3.97
N ILE B 38 -12.87 15.20 4.09
CA ILE B 38 -13.05 16.08 2.94
C ILE B 38 -11.78 16.88 2.86
N CYS B 39 -11.31 17.14 1.65
CA CYS B 39 -10.15 17.99 1.41
C CYS B 39 -10.52 19.11 0.46
N THR B 40 -10.18 20.34 0.88
CA THR B 40 -10.49 21.58 0.13
C THR B 40 -9.21 22.22 -0.38
N ASP B 41 -9.30 22.80 -1.57
CA ASP B 41 -8.19 23.41 -2.25
C ASP B 41 -7.85 24.79 -1.66
N ALA B 42 -7.67 24.86 -0.34
CA ALA B 42 -7.46 26.16 0.31
C ALA B 42 -5.99 26.31 0.70
N ASP B 43 -5.55 25.77 1.83
CA ASP B 43 -4.15 25.86 2.29
C ASP B 43 -3.31 24.70 1.78
N CYS B 44 -3.70 24.22 0.61
CA CYS B 44 -2.95 23.19 -0.07
C CYS B 44 -3.31 23.21 -1.55
N PHE B 45 -2.58 22.47 -2.36
CA PHE B 45 -3.13 22.07 -3.66
C PHE B 45 -3.91 20.74 -3.45
N VAL B 46 -5.19 20.75 -3.84
CA VAL B 46 -6.13 19.72 -3.41
C VAL B 46 -5.69 18.33 -3.79
N GLU B 47 -5.02 18.20 -4.94
CA GLU B 47 -4.59 16.86 -5.35
C GLU B 47 -3.58 16.30 -4.34
N ASN B 48 -2.65 17.13 -3.87
CA ASN B 48 -1.65 16.68 -2.87
C ASN B 48 -2.30 16.39 -1.53
N GLY B 49 -3.21 17.27 -1.12
CA GLY B 49 -3.97 17.05 0.14
C GLY B 49 -4.71 15.70 0.09
N PHE B 50 -5.33 15.42 -1.06
CA PHE B 50 -6.07 14.21 -1.29
C PHE B 50 -5.15 13.02 -1.12
N ASP B 51 -4.05 13.00 -1.85
CA ASP B 51 -3.12 11.90 -1.78
C ASP B 51 -2.56 11.63 -0.39
N VAL B 52 -2.23 12.68 0.35
CA VAL B 52 -1.66 12.50 1.69
C VAL B 52 -2.71 11.98 2.65
N THR B 53 -3.95 12.45 2.47
CA THR B 53 -5.05 11.99 3.30
C THR B 53 -5.18 10.48 3.07
N GLY B 54 -5.20 10.11 1.80
CA GLY B 54 -5.27 8.71 1.41
C GLY B 54 -4.19 7.86 2.02
N LYS B 55 -2.94 8.30 1.88
CA LYS B 55 -1.83 7.48 2.36
C LYS B 55 -1.78 7.37 3.88
N ILE B 56 -2.19 8.40 4.58
CA ILE B 56 -2.27 8.32 6.04
C ILE B 56 -3.31 7.30 6.45
N MET B 57 -4.45 7.29 5.76
CA MET B 57 -5.54 6.33 6.01
C MET B 57 -5.03 4.90 5.86
N CYS B 58 -4.39 4.64 4.73
CA CYS B 58 -3.82 3.33 4.42
C CYS B 58 -2.72 2.89 5.44
N ALA B 59 -1.84 3.78 5.82
CA ALA B 59 -0.81 3.46 6.83
C ALA B 59 -1.40 3.05 8.17
N MET B 60 -2.41 3.77 8.65
CA MET B 60 -3.08 3.41 9.88
C MET B 60 -3.87 2.12 9.75
N HIS B 61 -4.53 1.95 8.62
CA HIS B 61 -5.27 0.74 8.40
C HIS B 61 -4.31 -0.42 8.51
N ARG B 62 -3.15 -0.35 7.85
CA ARG B 62 -2.15 -1.45 7.87
C ARG B 62 -1.60 -1.77 9.24
N LEU B 63 -1.31 -0.73 10.01
CA LEU B 63 -0.65 -0.88 11.31
C LEU B 63 -1.61 -1.17 12.49
N ILE B 64 -2.79 -0.54 12.51
CA ILE B 64 -3.72 -0.76 13.62
C ILE B 64 -5.14 -1.11 13.21
N LYS B 65 -5.37 -1.39 11.92
CA LYS B 65 -6.67 -1.86 11.41
C LYS B 65 -7.83 -0.90 11.69
N THR B 66 -7.55 0.39 11.81
CA THR B 66 -8.61 1.38 11.71
C THR B 66 -9.30 1.15 10.34
N PRO B 67 -10.62 1.32 10.27
CA PRO B 67 -11.26 1.18 8.95
C PRO B 67 -10.81 2.18 7.89
N LEU B 68 -10.88 1.75 6.64
CA LEU B 68 -10.85 2.62 5.49
C LEU B 68 -12.13 3.44 5.46
N PHE B 69 -12.11 4.51 4.66
CA PHE B 69 -13.23 5.45 4.61
C PHE B 69 -13.20 6.29 3.35
N PRO B 70 -14.35 6.82 2.92
CA PRO B 70 -14.32 7.59 1.71
C PRO B 70 -13.67 8.97 1.93
N ILE B 71 -12.98 9.43 0.90
CA ILE B 71 -12.34 10.73 0.90
C ILE B 71 -12.83 11.44 -0.34
N GLY B 72 -13.14 12.72 -0.23
CA GLY B 72 -13.56 13.50 -1.40
C GLY B 72 -12.94 14.89 -1.52
N LYS B 73 -12.54 15.23 -2.72
CA LYS B 73 -12.07 16.56 -3.00
C LYS B 73 -13.26 17.55 -3.11
N SER B 74 -13.26 18.57 -2.28
CA SER B 74 -14.26 19.67 -2.48
C SER B 74 -13.94 20.48 -3.74
N THR B 75 -15.00 20.91 -4.43
CA THR B 75 -14.88 21.84 -5.54
C THR B 75 -15.12 23.31 -5.13
N ALA B 76 -15.19 23.58 -3.83
CA ALA B 76 -15.30 24.98 -3.37
C ALA B 76 -14.11 25.78 -3.89
N THR B 77 -14.33 27.03 -4.24
CA THR B 77 -13.30 27.91 -4.75
C THR B 77 -13.15 29.09 -3.83
N ALA B 78 -11.93 29.61 -3.73
CA ALA B 78 -11.67 30.74 -2.79
C ALA B 78 -12.41 32.02 -3.18
N VAL B 79 -12.88 32.75 -2.18
CA VAL B 79 -13.17 34.15 -2.27
C VAL B 79 -11.84 34.90 -2.23
N ASN B 80 -10.95 34.54 -1.26
CA ASN B 80 -9.61 35.08 -1.10
C ASN B 80 -8.61 33.91 -0.94
N ALA B 81 -7.73 33.71 -1.93
CA ALA B 81 -6.88 32.53 -1.93
C ALA B 81 -5.70 32.68 -0.96
N PHE B 82 -5.19 31.53 -0.48
CA PHE B 82 -4.02 31.46 0.38
C PHE B 82 -2.72 31.81 -0.37
N PRO B 83 -1.71 32.34 0.34
CA PRO B 83 -0.40 32.46 -0.32
C PRO B 83 0.11 31.12 -0.82
N THR B 84 0.63 31.11 -2.04
CA THR B 84 1.13 29.88 -2.67
C THR B 84 2.24 29.18 -1.86
N GLU B 85 3.05 29.97 -1.17
CA GLU B 85 4.18 29.44 -0.41
C GLU B 85 3.67 28.38 0.58
N TRP B 86 2.56 28.71 1.21
CA TRP B 86 1.98 27.85 2.26
C TRP B 86 1.29 26.63 1.71
N ARG B 87 0.76 26.76 0.49
CA ARG B 87 0.01 25.69 -0.12
C ARG B 87 0.86 24.48 -0.55
N PHE B 88 2.18 24.64 -0.66
CA PHE B 88 3.06 23.53 -1.11
C PHE B 88 3.39 22.48 -0.04
N SER B 89 3.02 22.71 1.20
CA SER B 89 3.47 21.82 2.25
C SER B 89 2.95 20.39 2.03
N ALA B 90 1.73 20.23 1.48
CA ALA B 90 1.23 18.86 1.25
C ALA B 90 2.00 18.16 0.13
N LYS B 91 2.52 18.95 -0.82
CA LYS B 91 3.42 18.37 -1.83
C LYS B 91 4.66 17.80 -1.16
N ASN B 92 5.33 18.58 -0.32
CA ASN B 92 6.47 18.07 0.45
C ASN B 92 6.12 16.79 1.20
N LEU B 93 4.96 16.76 1.87
CA LEU B 93 4.60 15.59 2.68
C LEU B 93 4.40 14.35 1.86
N ASP B 94 3.78 14.55 0.68
CA ASP B 94 3.50 13.51 -0.27
C ASP B 94 4.76 12.76 -0.68
N ASP B 95 5.89 13.48 -0.70
CA ASP B 95 7.18 12.93 -1.08
C ASP B 95 7.96 12.33 0.10
N MET B 96 7.44 12.43 1.31
CA MET B 96 8.20 12.01 2.45
C MET B 96 8.28 10.48 2.51
N PRO B 97 9.38 9.98 3.05
CA PRO B 97 9.58 8.53 3.10
C PRO B 97 8.53 7.76 3.92
N PHE B 98 8.06 8.38 4.99
CA PHE B 98 7.05 7.77 5.82
C PHE B 98 5.68 7.72 5.15
N LEU B 99 5.49 8.43 4.03
CA LEU B 99 4.26 8.42 3.25
C LEU B 99 4.47 7.79 1.86
N ASN B 100 5.51 7.00 1.71
CA ASN B 100 5.73 6.22 0.49
C ASN B 100 6.11 4.78 0.75
N ILE B 101 5.73 4.28 1.94
CA ILE B 101 5.96 2.89 2.23
C ILE B 101 5.17 2.06 1.21
N VAL B 102 5.80 1.04 0.66
CA VAL B 102 5.30 0.45 -0.61
C VAL B 102 3.89 -0.17 -0.50
N GLU B 103 3.60 -0.73 0.67
CA GLU B 103 2.28 -1.32 0.91
C GLU B 103 1.15 -0.25 0.92
N ASP B 104 1.48 0.92 1.47
CA ASP B 104 0.56 2.03 1.59
C ASP B 104 0.33 2.68 0.24
N VAL B 105 1.39 2.81 -0.57
CA VAL B 105 1.24 3.38 -1.88
C VAL B 105 0.40 2.45 -2.75
N ALA B 106 0.62 1.13 -2.63
CA ALA B 106 -0.14 0.15 -3.43
C ALA B 106 -1.65 0.16 -3.09
N LEU B 107 -1.98 0.16 -1.79
CA LEU B 107 -3.37 0.26 -1.37
C LEU B 107 -4.01 1.57 -1.84
N TRP B 108 -3.32 2.68 -1.65
CA TRP B 108 -3.89 3.96 -2.06
C TRP B 108 -4.18 4.04 -3.57
N GLU B 109 -3.31 3.49 -4.40
CA GLU B 109 -3.53 3.52 -5.85
C GLU B 109 -4.73 2.69 -6.22
N LYS B 110 -4.93 1.60 -5.50
CA LYS B 110 -6.13 0.77 -5.70
C LYS B 110 -7.39 1.55 -5.27
N LEU B 111 -7.35 2.27 -4.15
CA LEU B 111 -8.53 2.93 -3.63
C LEU B 111 -8.80 4.29 -4.23
N LYS B 112 -7.81 4.87 -4.89
CA LYS B 112 -7.88 6.27 -5.32
C LYS B 112 -9.04 6.55 -6.34
N PRO B 113 -9.21 5.67 -7.34
CA PRO B 113 -10.23 5.97 -8.36
C PRO B 113 -11.64 6.10 -7.81
N GLU B 114 -12.07 5.19 -6.94
CA GLU B 114 -13.40 5.30 -6.35
C GLU B 114 -13.54 6.69 -5.65
N ASN B 115 -12.56 7.02 -4.79
CA ASN B 115 -12.54 8.28 -4.08
C ASN B 115 -12.47 9.52 -4.98
N GLU B 116 -11.74 9.41 -6.08
CA GLU B 116 -11.64 10.47 -7.09
C GLU B 116 -13.01 10.89 -7.66
N ALA B 117 -13.94 9.94 -7.72
CA ALA B 117 -15.30 10.16 -8.24
C ALA B 117 -16.18 10.96 -7.27
N HIS B 118 -15.78 11.09 -6.00
CA HIS B 118 -16.60 11.84 -5.05
C HIS B 118 -16.52 13.33 -5.30
N ASN B 119 -17.62 14.02 -5.02
CA ASN B 119 -17.61 15.45 -4.82
C ASN B 119 -17.60 15.70 -3.32
N GLY B 120 -16.69 16.54 -2.84
CA GLY B 120 -16.49 16.63 -1.41
C GLY B 120 -17.66 17.21 -0.66
N GLN B 121 -18.30 18.21 -1.25
CA GLN B 121 -19.45 18.81 -0.63
C GLN B 121 -20.56 17.77 -0.49
N GLN B 122 -20.86 17.09 -1.58
CA GLN B 122 -21.89 16.04 -1.59
C GLN B 122 -21.55 14.88 -0.62
N LEU B 123 -20.27 14.50 -0.55
CA LEU B 123 -19.87 13.44 0.40
C LEU B 123 -20.13 13.80 1.86
N LEU B 124 -19.82 15.05 2.21
CA LEU B 124 -20.05 15.53 3.54
C LEU B 124 -21.55 15.41 3.84
N ALA B 125 -22.37 15.97 2.92
CA ALA B 125 -23.83 15.87 3.08
C ALA B 125 -24.27 14.39 3.25
N ASP B 126 -23.83 13.53 2.36
CA ASP B 126 -24.20 12.12 2.35
C ASP B 126 -23.77 11.34 3.62
N LEU B 127 -22.51 11.49 4.01
CA LEU B 127 -22.00 10.82 5.20
C LEU B 127 -22.81 11.21 6.41
N VAL B 128 -23.07 12.50 6.56
CA VAL B 128 -23.82 12.97 7.71
C VAL B 128 -25.25 12.45 7.70
N MET B 129 -25.93 12.55 6.56
CA MET B 129 -27.35 12.19 6.44
C MET B 129 -27.62 10.67 6.52
N LYS B 130 -26.68 9.82 6.07
CA LYS B 130 -26.81 8.36 6.21
C LYS B 130 -26.38 7.86 7.58
N SER B 131 -25.66 8.65 8.35
CA SER B 131 -25.06 8.09 9.56
C SER B 131 -26.13 7.69 10.58
N LYS B 132 -25.92 6.56 11.22
CA LYS B 132 -26.83 6.02 12.22
C LYS B 132 -26.82 6.92 13.45
N GLU B 133 -25.62 7.26 13.88
CA GLU B 133 -25.43 8.20 14.97
C GLU B 133 -25.16 9.63 14.43
N LYS B 134 -25.49 10.63 15.25
CA LYS B 134 -25.18 12.01 14.92
C LYS B 134 -23.65 12.20 14.82
N VAL B 135 -23.25 13.09 13.92
CA VAL B 135 -21.87 13.16 13.48
C VAL B 135 -21.18 14.42 13.97
N THR B 136 -19.97 14.28 14.54
CA THR B 136 -19.16 15.43 14.85
C THR B 136 -18.26 15.83 13.63
N VAL B 137 -18.48 17.00 13.04
CA VAL B 137 -17.71 17.44 11.88
C VAL B 137 -16.59 18.33 12.38
N CYS B 138 -15.36 17.91 12.17
CA CYS B 138 -14.18 18.69 12.60
C CYS B 138 -13.75 19.47 11.42
N VAL B 139 -13.80 20.79 11.49
CA VAL B 139 -13.54 21.62 10.32
C VAL B 139 -12.26 22.36 10.55
N THR B 140 -11.24 22.04 9.79
CA THR B 140 -9.95 22.65 10.02
C THR B 140 -9.50 23.46 8.81
N GLY B 141 -10.37 23.57 7.81
CA GLY B 141 -10.20 24.50 6.74
C GLY B 141 -11.31 25.50 6.73
N PRO B 142 -11.54 26.14 5.59
CA PRO B 142 -12.66 27.05 5.43
C PRO B 142 -14.02 26.36 5.59
N LEU B 143 -15.05 27.18 5.83
CA LEU B 143 -16.38 26.71 6.18
C LEU B 143 -17.33 26.55 4.98
N SER B 144 -16.77 26.58 3.78
CA SER B 144 -17.51 26.45 2.54
C SER B 144 -18.26 25.14 2.39
N ASN B 145 -17.72 24.03 2.88
CA ASN B 145 -18.43 22.74 2.64
C ASN B 145 -19.64 22.60 3.56
N MET B 146 -19.45 23.04 4.81
CA MET B 146 -20.54 23.05 5.74
C MET B 146 -21.62 24.01 5.26
N ALA B 147 -21.22 25.15 4.72
CA ALA B 147 -22.18 26.16 4.25
C ALA B 147 -23.05 25.57 3.20
N TRP B 148 -22.44 24.88 2.25
CA TRP B 148 -23.11 24.30 1.10
C TRP B 148 -24.12 23.22 1.56
N CYS B 149 -23.70 22.39 2.50
CA CYS B 149 -24.59 21.36 3.03
C CYS B 149 -25.82 21.97 3.69
N ILE B 150 -25.60 22.99 4.50
CA ILE B 150 -26.68 23.68 5.20
C ILE B 150 -27.65 24.30 4.19
N GLU B 151 -27.10 24.96 3.17
CA GLU B 151 -27.92 25.64 2.19
C GLU B 151 -28.70 24.63 1.35
N LYS B 152 -28.07 23.53 0.94
CA LYS B 152 -28.74 22.56 0.03
C LYS B 152 -29.76 21.69 0.75
N TYR B 153 -29.45 21.23 1.95
CA TYR B 153 -30.28 20.24 2.66
C TYR B 153 -30.97 20.73 3.94
N GLY B 154 -30.61 21.92 4.43
CA GLY B 154 -31.15 22.41 5.68
C GLY B 154 -31.21 21.35 6.80
N GLU B 155 -32.39 21.25 7.43
CA GLU B 155 -32.60 20.46 8.64
CA GLU B 155 -32.52 20.47 8.66
C GLU B 155 -32.33 18.98 8.43
N ALA B 156 -32.50 18.53 7.20
CA ALA B 156 -32.18 17.15 6.83
C ALA B 156 -30.69 16.88 7.10
N PHE B 157 -29.83 17.90 6.95
CA PHE B 157 -28.39 17.80 7.26
C PHE B 157 -28.17 18.18 8.72
N THR B 158 -28.59 19.39 9.11
CA THR B 158 -28.23 19.92 10.44
C THR B 158 -28.78 19.10 11.59
N SER B 159 -29.88 18.39 11.34
CA SER B 159 -30.43 17.57 12.41
C SER B 159 -29.55 16.36 12.70
N LYS B 160 -28.68 16.00 11.75
CA LYS B 160 -27.78 14.86 11.93
C LYS B 160 -26.33 15.21 12.41
N VAL B 161 -26.08 16.48 12.71
CA VAL B 161 -24.81 16.97 13.24
C VAL B 161 -24.89 17.08 14.75
N GLU B 162 -24.00 16.35 15.42
CA GLU B 162 -23.84 16.41 16.85
C GLU B 162 -23.35 17.78 17.24
N GLU B 163 -22.17 18.13 16.71
CA GLU B 163 -21.61 19.47 16.80
C GLU B 163 -20.56 19.63 15.69
N CYS B 164 -20.17 20.86 15.49
CA CYS B 164 -19.20 21.19 14.49
C CYS B 164 -18.05 21.84 15.24
N VAL B 165 -16.89 21.21 15.28
CA VAL B 165 -15.73 21.73 16.03
C VAL B 165 -14.82 22.41 15.00
N ILE B 166 -14.59 23.70 15.12
CA ILE B 166 -14.05 24.48 14.02
C ILE B 166 -12.83 25.20 14.48
N MET B 167 -11.78 25.20 13.67
CA MET B 167 -10.64 26.09 13.78
C MET B 167 -10.88 27.30 12.88
N GLY B 168 -10.98 28.48 13.49
CA GLY B 168 -11.15 29.72 12.75
C GLY B 168 -11.50 30.94 13.58
N GLY B 169 -11.27 32.12 13.03
CA GLY B 169 -11.60 33.34 13.73
C GLY B 169 -10.57 33.84 14.75
N ALA B 170 -10.84 35.05 15.22
CA ALA B 170 -10.07 35.72 16.24
C ALA B 170 -11.09 36.68 16.81
N VAL B 171 -11.43 36.51 18.08
CA VAL B 171 -12.51 37.25 18.76
C VAL B 171 -11.98 38.42 19.58
N ASP B 172 -11.15 38.14 20.58
CA ASP B 172 -10.57 39.17 21.45
C ASP B 172 -9.08 39.39 21.24
N VAL B 173 -8.52 38.84 20.16
CA VAL B 173 -7.15 39.04 19.78
C VAL B 173 -7.09 39.40 18.29
N GLY B 174 -5.95 39.87 17.83
CA GLY B 174 -5.69 40.13 16.43
C GLY B 174 -5.80 38.86 15.57
N GLY B 175 -5.94 39.08 14.27
CA GLY B 175 -6.00 38.00 13.32
C GLY B 175 -4.61 37.63 12.79
N ASN B 176 -4.61 36.92 11.66
CA ASN B 176 -3.36 36.52 11.01
C ASN B 176 -3.31 36.69 9.49
N VAL B 177 -4.27 37.46 8.96
CA VAL B 177 -4.30 37.83 7.55
C VAL B 177 -3.66 39.21 7.42
N PHE B 178 -2.40 39.22 6.99
CA PHE B 178 -1.63 40.43 6.82
C PHE B 178 -1.28 40.63 5.38
N LEU B 179 -2.11 41.43 4.72
CA LEU B 179 -1.99 41.72 3.31
C LEU B 179 -1.97 43.23 3.20
N PRO B 180 -1.42 43.77 2.09
CA PRO B 180 -1.58 45.22 1.82
C PRO B 180 -3.02 45.75 1.89
N THR B 181 -3.99 44.91 1.54
CA THR B 181 -5.40 45.30 1.52
C THR B 181 -6.18 44.98 2.78
N THR B 182 -5.51 44.51 3.83
CA THR B 182 -6.17 44.10 5.06
C THR B 182 -5.57 44.75 6.29
N ASP B 183 -6.37 44.79 7.36
CA ASP B 183 -6.00 45.47 8.61
C ASP B 183 -5.47 44.54 9.71
N GLY B 184 -5.34 43.25 9.40
CA GLY B 184 -4.73 42.32 10.37
C GLY B 184 -5.68 41.75 11.42
N SER B 185 -6.96 42.12 11.34
CA SER B 185 -7.95 41.70 12.30
C SER B 185 -8.57 40.33 11.99
N ALA B 186 -8.42 39.82 10.77
CA ALA B 186 -9.11 38.60 10.31
C ALA B 186 -8.16 37.39 10.37
N GLU B 187 -8.77 36.22 10.52
CA GLU B 187 -8.12 34.93 10.52
C GLU B 187 -8.41 34.25 9.19
N TRP B 188 -7.41 33.48 8.72
CA TRP B 188 -7.34 33.04 7.36
C TRP B 188 -8.49 32.10 6.92
N ASN B 189 -8.86 31.13 7.77
CA ASN B 189 -9.91 30.19 7.38
C ASN B 189 -11.23 30.93 7.13
N ILE B 190 -11.55 31.94 7.93
CA ILE B 190 -12.75 32.76 7.69
C ILE B 190 -12.55 33.61 6.39
N TYR B 191 -11.38 34.21 6.29
CA TYR B 191 -11.04 35.11 5.20
C TYR B 191 -11.11 34.43 3.84
N TRP B 192 -10.74 33.15 3.78
CA TRP B 192 -10.87 32.39 2.54
C TRP B 192 -12.29 32.45 1.93
N ASP B 193 -13.30 32.48 2.79
CA ASP B 193 -14.71 32.49 2.33
C ASP B 193 -15.58 33.05 3.47
N PRO B 194 -15.70 34.39 3.55
CA PRO B 194 -16.42 34.93 4.70
C PRO B 194 -17.93 34.63 4.73
N PRO B 195 -18.63 34.72 3.57
CA PRO B 195 -20.06 34.39 3.61
C PRO B 195 -20.35 32.97 4.06
N ALA B 196 -19.49 32.02 3.73
CA ALA B 196 -19.71 30.65 4.21
C ALA B 196 -19.54 30.61 5.72
N ALA B 197 -18.59 31.37 6.27
CA ALA B 197 -18.37 31.36 7.71
C ALA B 197 -19.55 31.97 8.38
N LYS B 198 -20.05 33.09 7.82
CA LYS B 198 -21.21 33.76 8.37
C LYS B 198 -22.41 32.82 8.39
N LYS B 199 -22.64 32.08 7.33
CA LYS B 199 -23.76 31.14 7.31
C LYS B 199 -23.63 30.03 8.37
N VAL B 200 -22.43 29.46 8.56
CA VAL B 200 -22.29 28.35 9.52
C VAL B 200 -22.18 28.82 10.95
N LEU B 201 -21.37 29.84 11.21
CA LEU B 201 -21.07 30.20 12.59
C LEU B 201 -22.30 30.71 13.36
N CYS B 202 -23.17 31.42 12.67
CA CYS B 202 -24.39 31.90 13.29
C CYS B 202 -25.65 31.13 12.80
N CYS B 203 -25.45 29.91 12.31
CA CYS B 203 -26.56 29.04 11.99
C CYS B 203 -27.21 28.64 13.31
N PRO B 204 -28.51 28.95 13.47
CA PRO B 204 -29.20 28.64 14.73
C PRO B 204 -29.45 27.15 14.97
N ASN B 205 -29.17 26.31 13.97
CA ASN B 205 -29.51 24.89 14.03
C ASN B 205 -28.35 23.95 14.31
N ILE B 206 -27.26 24.49 14.78
CA ILE B 206 -26.06 23.71 14.94
C ILE B 206 -25.23 24.25 16.09
N ARG B 207 -24.60 23.32 16.79
CA ARG B 207 -23.70 23.67 17.86
C ARG B 207 -22.33 23.80 17.23
N CYS B 208 -21.75 25.01 17.29
CA CYS B 208 -20.37 25.25 16.88
C CYS B 208 -19.47 25.48 18.10
N VAL B 209 -18.41 24.70 18.18
CA VAL B 209 -17.32 24.95 19.11
C VAL B 209 -16.19 25.57 18.28
N LEU B 210 -15.71 26.75 18.66
CA LEU B 210 -14.76 27.50 17.90
C LEU B 210 -13.43 27.52 18.62
N PHE B 211 -12.39 27.01 17.95
CA PHE B 211 -11.02 27.28 18.36
C PHE B 211 -10.52 28.39 17.46
N SER B 212 -10.59 29.61 17.98
CA SER B 212 -10.07 30.82 17.34
C SER B 212 -8.66 31.10 17.81
N LEU B 213 -8.04 32.14 17.23
CA LEU B 213 -6.66 32.45 17.52
C LEU B 213 -6.44 32.72 19.03
N ASP B 214 -7.49 33.17 19.73
CA ASP B 214 -7.51 33.35 21.17
C ASP B 214 -6.93 32.12 21.91
N ALA B 215 -7.39 30.93 21.52
CA ALA B 215 -6.93 29.68 22.13
C ALA B 215 -5.66 29.13 21.42
N THR B 216 -5.64 29.17 20.08
CA THR B 216 -4.52 28.59 19.33
C THR B 216 -3.19 29.39 19.46
N ASN B 217 -3.24 30.68 19.75
CA ASN B 217 -2.04 31.45 20.10
C ASN B 217 -1.20 30.85 21.25
N THR B 218 -1.84 29.97 22.02
CA THR B 218 -1.28 29.38 23.20
C THR B 218 -0.41 28.16 22.93
N VAL B 219 -0.45 27.65 21.72
CA VAL B 219 0.24 26.37 21.45
C VAL B 219 1.22 26.49 20.29
N PRO B 220 2.17 27.43 20.37
CA PRO B 220 3.14 27.48 19.30
C PRO B 220 3.97 26.17 19.20
N VAL B 221 4.38 25.82 17.99
CA VAL B 221 5.21 24.65 17.74
C VAL B 221 6.69 25.00 17.94
N ARG B 222 7.26 24.50 19.04
CA ARG B 222 8.60 24.88 19.47
C ARG B 222 9.64 23.76 19.48
N SER B 223 10.86 24.10 19.12
CA SER B 223 11.96 23.13 19.01
C SER B 223 12.15 22.24 20.24
N VAL B 224 12.14 22.85 21.40
CA VAL B 224 12.35 22.14 22.66
C VAL B 224 11.32 21.00 22.85
N ASP B 225 10.11 21.17 22.31
CA ASP B 225 9.05 20.16 22.44
C ASP B 225 9.16 19.14 21.31
N VAL B 226 9.37 19.65 20.10
CA VAL B 226 9.42 18.83 18.88
C VAL B 226 10.56 17.81 18.94
N LYS B 227 11.70 18.23 19.50
CA LYS B 227 12.81 17.29 19.73
C LYS B 227 12.38 16.00 20.46
N GLY B 228 11.34 16.10 21.29
CA GLY B 228 10.82 14.96 22.05
C GLY B 228 10.41 13.77 21.22
N PHE B 229 10.04 13.98 19.95
CA PHE B 229 9.62 12.89 19.09
C PHE B 229 10.70 11.90 18.78
N GLY B 230 11.95 12.32 18.91
CA GLY B 230 13.09 11.44 18.59
C GLY B 230 13.10 10.20 19.49
N ALA B 231 12.78 10.42 20.76
CA ALA B 231 12.66 9.34 21.72
C ALA B 231 11.62 8.32 21.27
N GLN B 232 10.76 8.73 20.33
CA GLN B 232 9.68 7.88 19.78
C GLN B 232 9.86 7.58 18.29
N ASN B 233 11.04 7.83 17.73
CA ASN B 233 11.22 7.68 16.27
C ASN B 233 10.86 6.30 15.70
N GLN B 234 10.86 5.27 16.53
CA GLN B 234 10.48 3.91 16.05
C GLN B 234 8.98 3.80 15.65
N TYR B 235 8.17 4.74 16.13
CA TYR B 235 6.76 4.79 15.76
C TYR B 235 6.55 5.63 14.53
N LEU B 236 5.91 5.08 13.53
CA LEU B 236 5.65 5.78 12.29
C LEU B 236 4.96 7.11 12.53
N LEU B 237 4.01 7.15 13.46
CA LEU B 237 3.23 8.37 13.66
C LEU B 237 4.10 9.47 14.29
N SER B 238 5.09 9.09 15.10
CA SER B 238 6.08 10.05 15.65
C SER B 238 7.00 10.58 14.55
N GLN B 239 7.43 9.71 13.64
CA GLN B 239 8.16 10.15 12.45
C GLN B 239 7.32 11.14 11.71
N MET B 240 6.04 10.80 11.50
CA MET B 240 5.12 11.69 10.76
C MET B 240 4.97 13.08 11.39
N VAL B 241 4.49 13.11 12.64
CA VAL B 241 4.19 14.35 13.31
C VAL B 241 5.48 15.11 13.68
N GLY B 242 6.52 14.40 14.12
CA GLY B 242 7.80 15.04 14.40
C GLY B 242 8.31 15.80 13.16
N THR B 243 8.26 15.13 12.02
CA THR B 243 8.69 15.76 10.80
C THR B 243 7.77 16.93 10.42
N MET B 244 6.46 16.76 10.46
CA MET B 244 5.55 17.87 10.17
C MET B 244 5.89 19.09 11.07
N TRP B 245 6.13 18.83 12.36
CA TRP B 245 6.39 19.89 13.33
C TRP B 245 7.81 20.47 13.13
N ALA B 246 8.78 19.61 12.89
CA ALA B 246 10.15 20.04 12.65
C ALA B 246 10.32 20.84 11.34
N MET B 247 9.46 20.64 10.35
CA MET B 247 9.39 21.54 9.20
C MET B 247 8.91 22.97 9.58
N SER B 248 8.41 23.14 10.80
CA SER B 248 7.62 24.29 11.18
C SER B 248 8.23 25.12 12.34
N THR B 249 9.25 24.60 13.05
CA THR B 249 9.83 25.26 14.25
C THR B 249 10.60 26.57 14.04
N HIS B 250 11.03 26.84 12.82
CA HIS B 250 11.79 28.04 12.52
C HIS B 250 10.92 29.27 12.29
N GLU B 251 9.64 29.11 11.97
CA GLU B 251 8.80 30.22 11.52
C GLU B 251 8.73 31.36 12.55
N GLU B 252 8.64 31.02 13.83
CA GLU B 252 8.55 31.99 14.93
C GLU B 252 9.72 32.98 14.93
N ILE B 253 10.93 32.49 14.63
CA ILE B 253 12.09 33.36 14.50
C ILE B 253 12.11 34.07 13.13
N LEU B 254 11.98 33.31 12.06
CA LEU B 254 12.03 33.88 10.70
C LEU B 254 10.99 35.02 10.49
N ARG B 255 9.81 34.86 11.07
CA ARG B 255 8.72 35.83 10.87
C ARG B 255 8.45 36.69 12.11
N ASP B 256 9.45 36.81 12.97
CA ASP B 256 9.46 37.77 14.08
C ASP B 256 8.32 37.59 15.09
N GLY B 257 8.14 36.34 15.53
CA GLY B 257 7.13 35.98 16.50
C GLY B 257 5.84 35.39 15.90
N ASP B 258 5.66 35.52 14.58
CA ASP B 258 4.51 34.93 13.89
C ASP B 258 4.74 33.42 13.65
N ALA B 259 4.49 32.63 14.68
CA ALA B 259 4.93 31.26 14.69
C ALA B 259 4.05 30.40 13.80
N TYR B 260 4.47 29.17 13.58
CA TYR B 260 3.57 28.13 13.14
C TYR B 260 2.97 27.55 14.46
N TYR B 261 1.65 27.56 14.58
CA TYR B 261 0.99 27.03 15.75
C TYR B 261 0.36 25.67 15.44
N ALA B 262 0.02 24.92 16.49
CA ALA B 262 -0.64 23.62 16.37
C ALA B 262 -2.16 23.83 16.15
N TRP B 263 -2.50 24.83 15.34
CA TRP B 263 -3.89 25.30 15.22
C TRP B 263 -4.90 24.15 15.12
N ASP B 264 -4.82 23.36 14.07
CA ASP B 264 -5.85 22.36 13.80
C ASP B 264 -5.71 21.17 14.73
N ALA B 265 -4.51 20.92 15.24
CA ALA B 265 -4.24 19.74 16.07
C ALA B 265 -4.90 19.90 17.42
N LEU B 266 -4.89 21.13 17.94
CA LEU B 266 -5.58 21.47 19.19
C LEU B 266 -7.07 21.32 19.04
N THR B 267 -7.61 21.71 17.88
CA THR B 267 -9.03 21.62 17.55
C THR B 267 -9.52 20.18 17.61
N ALA B 268 -8.77 19.28 16.99
CA ALA B 268 -9.08 17.87 17.02
C ALA B 268 -8.87 17.30 18.41
N ALA B 269 -7.93 17.85 19.22
CA ALA B 269 -7.68 17.35 20.57
C ALA B 269 -8.93 17.54 21.45
N TYR B 270 -9.70 18.59 21.16
CA TYR B 270 -10.95 18.86 21.89
C TYR B 270 -11.90 17.69 21.77
N ILE B 271 -11.93 17.09 20.59
CA ILE B 271 -12.81 16.00 20.35
C ILE B 271 -12.35 14.80 21.18
N LEU B 272 -11.05 14.69 21.40
CA LEU B 272 -10.53 13.58 22.18
C LEU B 272 -10.61 13.81 23.68
N GLU B 273 -10.48 15.06 24.11
CA GLU B 273 -10.54 15.44 25.50
C GLU B 273 -11.27 16.76 25.69
N PRO B 274 -12.60 16.72 25.90
CA PRO B 274 -13.38 17.95 26.00
C PRO B 274 -13.00 18.84 27.16
N THR B 275 -12.29 18.32 28.16
CA THR B 275 -11.87 19.17 29.29
C THR B 275 -10.63 19.98 28.97
N ILE B 276 -10.06 19.79 27.77
CA ILE B 276 -8.82 20.48 27.37
C ILE B 276 -8.95 22.00 27.40
N ALA B 277 -10.17 22.50 27.33
CA ALA B 277 -10.45 23.95 27.35
C ALA B 277 -11.87 24.21 27.84
N THR B 278 -12.09 25.41 28.37
CA THR B 278 -13.44 25.83 28.76
C THR B 278 -14.04 26.60 27.58
N LEU B 279 -15.36 26.65 27.54
CA LEU B 279 -16.10 27.21 26.41
C LEU B 279 -16.90 28.41 26.86
N GLU B 280 -16.84 29.51 26.10
CA GLU B 280 -17.62 30.72 26.36
C GLU B 280 -18.61 30.89 25.22
N PRO B 281 -19.91 30.98 25.52
CA PRO B 281 -20.88 31.36 24.49
C PRO B 281 -20.71 32.83 24.05
N VAL B 282 -20.53 33.05 22.76
CA VAL B 282 -20.39 34.39 22.19
C VAL B 282 -21.18 34.50 20.90
N ALA B 283 -21.86 35.64 20.74
CA ALA B 283 -22.53 35.99 19.49
C ALA B 283 -21.50 36.72 18.64
N LEU B 284 -21.40 36.32 17.38
CA LEU B 284 -20.42 36.89 16.47
C LEU B 284 -21.09 37.56 15.28
N ASP B 285 -20.44 38.58 14.75
CA ASP B 285 -20.94 39.36 13.62
C ASP B 285 -19.88 39.27 12.52
N VAL B 286 -19.92 38.18 11.74
CA VAL B 286 -18.91 37.90 10.72
C VAL B 286 -18.93 38.99 9.60
N ASP B 287 -17.78 39.65 9.45
CA ASP B 287 -17.59 40.72 8.47
C ASP B 287 -17.43 40.07 7.13
N VAL B 288 -18.41 40.31 6.23
CA VAL B 288 -18.35 39.80 4.87
C VAL B 288 -18.21 40.94 3.87
N SER B 289 -17.83 42.13 4.35
CA SER B 289 -17.57 43.27 3.49
C SER B 289 -16.28 43.08 2.69
N LYS B 290 -16.07 43.98 1.72
CA LYS B 290 -14.84 43.96 0.92
C LYS B 290 -13.85 45.03 1.44
N GLY B 291 -14.12 45.55 2.61
CA GLY B 291 -13.15 46.42 3.26
C GLY B 291 -11.93 45.71 3.83
N LYS B 292 -11.10 46.48 4.52
CA LYS B 292 -9.85 45.93 5.10
C LYS B 292 -10.09 45.00 6.28
N SER B 293 -11.30 45.03 6.84
CA SER B 293 -11.74 44.17 7.94
C SER B 293 -12.46 42.89 7.47
N GLU B 294 -12.48 42.63 6.16
CA GLU B 294 -13.11 41.40 5.62
C GLU B 294 -12.65 40.14 6.37
N GLY B 295 -13.59 39.33 6.82
CA GLY B 295 -13.27 38.07 7.48
C GLY B 295 -13.19 38.14 9.01
N ARG B 296 -13.29 39.35 9.55
CA ARG B 296 -13.23 39.54 10.98
C ARG B 296 -14.43 38.86 11.65
N THR B 297 -14.17 38.35 12.85
CA THR B 297 -15.22 37.74 13.68
C THR B 297 -15.34 38.49 15.02
N PRO B 298 -15.83 39.75 14.98
CA PRO B 298 -15.98 40.51 16.20
C PRO B 298 -17.18 40.06 17.02
N ARG B 299 -17.17 40.31 18.32
CA ARG B 299 -18.34 40.06 19.14
C ARG B 299 -19.46 40.91 18.58
N ALA B 300 -20.68 40.35 18.54
CA ALA B 300 -21.86 41.07 18.00
C ALA B 300 -22.32 42.16 18.97
N GLY B 304 -25.63 39.40 22.70
CA GLY B 304 -26.64 38.85 21.78
C GLY B 304 -26.88 37.35 21.89
N LYS B 305 -27.73 36.84 21.00
CA LYS B 305 -28.02 35.40 20.87
C LYS B 305 -26.77 34.60 20.41
N PRO B 306 -26.21 33.73 21.30
CA PRO B 306 -24.92 33.05 21.01
C PRO B 306 -24.80 32.28 19.69
N CYS B 307 -23.74 32.56 18.92
CA CYS B 307 -23.44 31.86 17.67
C CYS B 307 -22.56 30.62 17.95
N VAL B 308 -21.60 30.78 18.85
CA VAL B 308 -20.53 29.80 18.98
C VAL B 308 -20.09 29.64 20.40
N HIS B 309 -19.43 28.53 20.68
CA HIS B 309 -18.83 28.31 21.97
C HIS B 309 -17.31 28.39 21.83
N VAL B 310 -16.73 29.53 22.21
CA VAL B 310 -15.33 29.80 21.99
C VAL B 310 -14.43 29.12 23.02
N ALA B 311 -13.42 28.41 22.54
CA ALA B 311 -12.46 27.74 23.41
C ALA B 311 -11.60 28.74 24.17
N ARG B 312 -11.40 28.51 25.45
CA ARG B 312 -10.59 29.40 26.27
C ARG B 312 -9.54 28.63 27.08
N ASN B 313 -8.37 29.23 27.23
CA ASN B 313 -7.27 28.70 28.06
C ASN B 313 -7.08 27.21 27.96
N PRO B 314 -6.69 26.75 26.74
CA PRO B 314 -6.47 25.33 26.56
C PRO B 314 -5.29 24.85 27.40
N SER B 315 -5.35 23.63 27.87
CA SER B 315 -4.26 23.08 28.67
C SER B 315 -3.11 22.62 27.78
N LYS B 316 -1.97 23.29 27.91
CA LYS B 316 -0.78 22.96 27.16
C LYS B 316 -0.29 21.55 27.51
N GLN B 317 -0.38 21.19 28.78
CA GLN B 317 0.09 19.88 29.24
C GLN B 317 -0.80 18.72 28.77
N MET B 318 -2.10 18.89 28.91
CA MET B 318 -3.07 17.94 28.37
C MET B 318 -2.84 17.71 26.89
N PHE B 319 -2.73 18.81 26.14
CA PHE B 319 -2.44 18.74 24.70
C PHE B 319 -1.14 17.97 24.39
N HIS B 320 -0.06 18.38 25.04
CA HIS B 320 1.21 17.68 24.95
C HIS B 320 1.10 16.17 25.27
N ASP B 321 0.47 15.81 26.38
CA ASP B 321 0.31 14.40 26.74
C ASP B 321 -0.51 13.63 25.71
N LEU B 322 -1.52 14.28 25.15
CA LEU B 322 -2.35 13.64 24.11
C LEU B 322 -1.59 13.40 22.79
N VAL B 323 -0.79 14.39 22.36
CA VAL B 323 -0.01 14.29 21.10
C VAL B 323 1.05 13.18 21.16
N PHE B 324 1.79 13.14 22.27
CA PHE B 324 2.85 12.15 22.47
C PHE B 324 2.33 10.72 22.69
N ALA B 325 1.24 10.56 23.43
CA ALA B 325 0.60 9.27 23.56
C ALA B 325 0.01 8.78 22.23
N SER B 326 -0.69 9.67 21.52
CA SER B 326 -1.25 9.27 20.21
C SER B 326 -0.18 8.84 19.19
N THR B 327 0.97 9.52 19.24
CA THR B 327 2.04 9.22 18.30
C THR B 327 2.86 7.99 18.69
N ARG B 328 2.57 7.41 19.86
CA ARG B 328 3.14 6.12 20.25
C ARG B 328 2.25 4.96 19.88
N VAL B 329 1.12 5.23 19.26
CA VAL B 329 0.16 4.16 18.91
C VAL B 329 0.71 3.23 17.84
N CYS B 330 1.44 3.78 16.87
CA CYS B 330 2.14 2.95 15.88
C CYS B 330 3.11 3.78 15.07
N GLY C 1 23.30 -40.46 -18.48
CA GLY C 1 22.76 -39.58 -19.59
C GLY C 1 21.25 -39.48 -19.58
N SER C 2 20.69 -39.67 -18.39
CA SER C 2 19.26 -39.84 -18.19
C SER C 2 19.07 -40.12 -16.70
N HIS C 3 19.79 -41.15 -16.26
CA HIS C 3 19.81 -41.63 -14.91
C HIS C 3 20.50 -40.73 -13.87
N MET C 4 20.90 -39.52 -14.26
CA MET C 4 21.29 -38.52 -13.26
C MET C 4 20.38 -37.31 -13.30
N ALA C 5 19.59 -37.22 -12.24
CA ALA C 5 18.68 -36.13 -12.02
C ALA C 5 19.43 -34.80 -11.93
N LYS C 6 18.92 -33.80 -12.59
CA LYS C 6 19.37 -32.42 -12.40
C LYS C 6 19.16 -32.06 -10.96
N THR C 7 20.11 -31.32 -10.38
CA THR C 7 19.94 -30.76 -9.06
C THR C 7 19.29 -29.40 -9.25
N VAL C 8 18.14 -29.17 -8.58
CA VAL C 8 17.31 -27.99 -8.80
C VAL C 8 16.89 -27.32 -7.52
N ILE C 9 16.84 -25.99 -7.55
CA ILE C 9 16.19 -25.20 -6.50
C ILE C 9 15.07 -24.37 -7.14
N LEU C 10 13.88 -24.34 -6.50
CA LEU C 10 12.80 -23.48 -6.95
C LEU C 10 12.72 -22.24 -6.04
N ASP C 11 12.88 -21.07 -6.66
CA ASP C 11 12.89 -19.76 -6.02
C ASP C 11 11.58 -19.12 -6.53
N HIS C 12 10.52 -19.12 -5.70
CA HIS C 12 9.15 -18.74 -6.18
C HIS C 12 8.46 -17.76 -5.27
N ASP C 13 7.35 -17.23 -5.77
CA ASP C 13 6.58 -16.32 -4.98
C ASP C 13 5.11 -16.75 -4.73
N GLY C 14 4.88 -18.07 -4.69
CA GLY C 14 3.71 -18.64 -4.08
C GLY C 14 2.38 -18.34 -4.69
N ASN C 15 2.28 -18.04 -5.96
CA ASN C 15 0.92 -17.99 -6.53
C ASN C 15 0.57 -19.39 -7.13
N LYS C 16 -0.57 -19.50 -7.80
CA LYS C 16 -1.07 -20.83 -8.16
C LYS C 16 -0.13 -21.47 -9.19
N ASP C 17 0.30 -20.67 -10.16
CA ASP C 17 1.26 -21.18 -11.09
C ASP C 17 2.63 -21.56 -10.48
N ASP C 18 3.14 -20.80 -9.51
CA ASP C 18 4.36 -21.19 -8.84
C ASP C 18 4.23 -22.58 -8.30
N PHE C 19 3.07 -22.91 -7.76
CA PHE C 19 2.84 -24.25 -7.19
C PHE C 19 2.64 -25.38 -8.21
N VAL C 20 2.05 -25.07 -9.36
CA VAL C 20 1.95 -26.03 -10.42
C VAL C 20 3.40 -26.32 -10.87
N ALA C 21 4.22 -25.27 -11.04
CA ALA C 21 5.63 -25.47 -11.34
C ALA C 21 6.32 -26.37 -10.31
N MET C 22 6.10 -26.16 -9.02
CA MET C 22 6.71 -26.99 -8.00
C MET C 22 6.29 -28.46 -8.12
N ILE C 23 5.03 -28.68 -8.53
CA ILE C 23 4.48 -30.03 -8.67
C ILE C 23 5.13 -30.70 -9.89
N LEU C 24 5.29 -29.98 -10.96
CA LEU C 24 5.94 -30.52 -12.13
C LEU C 24 7.34 -30.99 -11.78
N LEU C 25 8.09 -30.18 -11.06
CA LEU C 25 9.45 -30.52 -10.70
C LEU C 25 9.51 -31.71 -9.76
N LEU C 26 8.78 -31.60 -8.65
CA LEU C 26 8.86 -32.57 -7.60
C LEU C 26 8.26 -33.92 -8.00
N SER C 27 7.31 -33.95 -8.93
CA SER C 27 6.71 -35.21 -9.36
C SER C 27 7.55 -35.97 -10.40
N ASN C 28 8.70 -35.42 -10.79
CA ASN C 28 9.56 -36.08 -11.76
C ASN C 28 10.99 -36.32 -11.23
N PRO C 29 11.14 -37.10 -10.15
CA PRO C 29 12.46 -37.37 -9.52
C PRO C 29 13.53 -38.03 -10.44
N LYS C 30 13.11 -38.69 -11.48
CA LYS C 30 14.00 -39.24 -12.48
C LYS C 30 14.76 -38.11 -13.16
N LYS C 31 14.08 -37.02 -13.43
CA LYS C 31 14.69 -35.90 -14.14
C LYS C 31 15.12 -34.78 -13.19
N VAL C 32 14.53 -34.71 -11.98
CA VAL C 32 14.76 -33.59 -11.07
C VAL C 32 14.95 -34.06 -9.63
N ASN C 33 16.05 -33.59 -9.03
CA ASN C 33 16.31 -33.71 -7.60
C ASN C 33 16.14 -32.32 -7.01
N LEU C 34 14.99 -32.09 -6.37
CA LEU C 34 14.65 -30.81 -5.77
C LEU C 34 15.25 -30.72 -4.39
N ILE C 35 16.30 -29.92 -4.24
CA ILE C 35 17.07 -29.88 -3.00
C ILE C 35 16.70 -28.70 -2.10
N GLY C 36 15.77 -27.87 -2.57
CA GLY C 36 15.40 -26.71 -1.83
C GLY C 36 14.41 -25.80 -2.55
N CYS C 37 13.61 -25.05 -1.76
CA CYS C 37 12.67 -24.04 -2.28
C CYS C 37 12.86 -22.75 -1.51
N ILE C 38 12.82 -21.63 -2.20
CA ILE C 38 12.80 -20.33 -1.58
C ILE C 38 11.43 -19.75 -1.87
N CYS C 39 10.83 -19.08 -0.88
CA CYS C 39 9.58 -18.36 -1.06
C CYS C 39 9.73 -16.86 -0.70
N THR C 40 9.26 -16.01 -1.61
CA THR C 40 9.38 -14.57 -1.51
C THR C 40 7.99 -13.92 -1.36
N ASP C 41 7.92 -12.91 -0.51
CA ASP C 41 6.69 -12.22 -0.15
C ASP C 41 6.21 -11.31 -1.29
N ALA C 42 6.10 -11.83 -2.50
CA ALA C 42 5.76 -11.00 -3.66
C ALA C 42 4.33 -11.23 -4.12
N ASP C 43 4.10 -12.27 -4.92
CA ASP C 43 2.74 -12.58 -5.37
C ASP C 43 2.00 -13.45 -4.38
N CYS C 44 2.38 -13.33 -3.11
CA CYS C 44 1.72 -14.08 -2.06
C CYS C 44 1.98 -13.39 -0.74
N PHE C 45 1.34 -13.84 0.32
CA PHE C 45 1.81 -13.50 1.66
C PHE C 45 2.71 -14.66 2.06
N VAL C 46 3.97 -14.32 2.39
CA VAL C 46 5.04 -15.32 2.45
C VAL C 46 4.74 -16.46 3.38
N GLU C 47 4.03 -16.19 4.47
CA GLU C 47 3.72 -17.23 5.43
C GLU C 47 2.82 -18.28 4.79
N ASN C 48 1.83 -17.86 4.00
CA ASN C 48 0.99 -18.81 3.26
C ASN C 48 1.80 -19.58 2.21
N GLY C 49 2.60 -18.87 1.41
CA GLY C 49 3.49 -19.53 0.43
C GLY C 49 4.41 -20.59 1.06
N PHE C 50 4.92 -20.27 2.24
CA PHE C 50 5.78 -21.12 3.01
C PHE C 50 5.02 -22.36 3.43
N ASP C 51 3.81 -22.20 4.00
CA ASP C 51 3.04 -23.36 4.45
C ASP C 51 2.66 -24.27 3.31
N VAL C 52 2.25 -23.69 2.19
CA VAL C 52 1.78 -24.51 1.08
C VAL C 52 2.99 -25.26 0.49
N THR C 53 4.14 -24.58 0.39
CA THR C 53 5.36 -25.23 -0.12
C THR C 53 5.68 -26.47 0.78
N GLY C 54 5.57 -26.26 2.08
CA GLY C 54 5.78 -27.31 3.06
C GLY C 54 4.85 -28.50 2.90
N LYS C 55 3.57 -28.21 2.77
CA LYS C 55 2.61 -29.30 2.68
C LYS C 55 2.69 -30.06 1.39
N ILE C 56 2.95 -29.37 0.28
CA ILE C 56 3.18 -30.07 -0.97
C ILE C 56 4.41 -31.02 -0.84
N MET C 57 5.47 -30.53 -0.21
CA MET C 57 6.67 -31.35 -0.01
C MET C 57 6.31 -32.62 0.72
N CYS C 58 5.62 -32.44 1.87
CA CYS C 58 5.21 -33.55 2.73
C CYS C 58 4.28 -34.57 2.03
N ALA C 59 3.31 -34.09 1.26
CA ALA C 59 2.39 -34.91 0.49
C ALA C 59 3.11 -35.82 -0.51
N MET C 60 4.07 -35.25 -1.26
CA MET C 60 4.87 -36.02 -2.22
C MET C 60 5.84 -36.95 -1.53
N HIS C 61 6.40 -36.51 -0.43
CA HIS C 61 7.23 -37.38 0.29
C HIS C 61 6.46 -38.62 0.70
N ARG C 62 5.25 -38.45 1.27
CA ARG C 62 4.40 -39.58 1.73
C ARG C 62 4.05 -40.52 0.62
N LEU C 63 3.65 -39.99 -0.52
CA LEU C 63 3.08 -40.76 -1.62
C LEU C 63 4.12 -41.40 -2.54
N ILE C 64 5.23 -40.70 -2.80
CA ILE C 64 6.25 -41.24 -3.71
C ILE C 64 7.69 -41.15 -3.17
N LYS C 65 7.84 -40.81 -1.91
CA LYS C 65 9.13 -40.84 -1.24
C LYS C 65 10.19 -39.94 -1.92
N THR C 66 9.76 -38.88 -2.59
CA THR C 66 10.68 -37.78 -2.89
C THR C 66 11.28 -37.24 -1.59
N PRO C 67 12.57 -36.89 -1.60
CA PRO C 67 13.14 -36.45 -0.35
C PRO C 67 12.50 -35.16 0.18
N LEU C 68 12.57 -35.00 1.51
CA LEU C 68 12.34 -33.73 2.14
C LEU C 68 13.54 -32.80 1.83
N PHE C 69 13.33 -31.50 2.02
CA PHE C 69 14.36 -30.50 1.68
C PHE C 69 14.13 -29.23 2.49
N PRO C 70 15.16 -28.40 2.61
CA PRO C 70 14.94 -27.16 3.37
C PRO C 70 14.14 -26.14 2.54
N ILE C 71 13.33 -25.36 3.24
CA ILE C 71 12.53 -24.32 2.64
C ILE C 71 12.83 -23.05 3.43
N GLY C 72 13.06 -21.93 2.76
CA GLY C 72 13.32 -20.68 3.48
C GLY C 72 12.53 -19.51 2.96
N LYS C 73 12.02 -18.72 3.89
CA LYS C 73 11.31 -17.49 3.58
C LYS C 73 12.37 -16.42 3.29
N SER C 74 12.35 -15.85 2.10
CA SER C 74 13.18 -14.69 1.79
C SER C 74 12.67 -13.50 2.56
N THR C 75 13.60 -12.63 2.98
CA THR C 75 13.28 -11.31 3.55
C THR C 75 13.39 -10.18 2.53
N ALA C 76 13.53 -10.49 1.24
CA ALA C 76 13.49 -9.44 0.22
C ALA C 76 12.19 -8.63 0.30
N THR C 77 12.26 -7.32 0.06
CA THR C 77 11.11 -6.46 0.12
C THR C 77 10.85 -5.78 -1.25
N ALA C 78 9.59 -5.53 -1.55
CA ALA C 78 9.21 -4.99 -2.86
C ALA C 78 9.77 -3.61 -3.08
N VAL C 79 10.26 -3.36 -4.28
CA VAL C 79 10.35 -2.00 -4.79
C VAL C 79 8.92 -1.53 -5.16
N ASN C 80 8.20 -2.37 -5.90
CA ASN C 80 6.80 -2.16 -6.31
C ASN C 80 5.99 -3.40 -5.93
N ALA C 81 5.01 -3.26 -5.04
CA ALA C 81 4.29 -4.41 -4.52
C ALA C 81 3.21 -4.91 -5.49
N PHE C 82 2.92 -6.22 -5.43
CA PHE C 82 1.86 -6.83 -6.18
C PHE C 82 0.52 -6.35 -5.63
N PRO C 83 -0.53 -6.31 -6.48
CA PRO C 83 -1.88 -6.06 -5.96
C PRO C 83 -2.29 -7.08 -4.90
N THR C 84 -2.88 -6.60 -3.80
CA THR C 84 -3.26 -7.48 -2.71
C THR C 84 -4.21 -8.62 -3.10
N GLU C 85 -5.11 -8.35 -4.05
CA GLU C 85 -6.11 -9.30 -4.53
C GLU C 85 -5.41 -10.58 -4.97
N TRP C 86 -4.31 -10.41 -5.70
CA TRP C 86 -3.60 -11.55 -6.25
C TRP C 86 -2.90 -12.34 -5.16
N ARG C 87 -2.42 -11.66 -4.14
CA ARG C 87 -1.55 -12.26 -3.15
C ARG C 87 -2.25 -13.26 -2.24
N PHE C 88 -3.60 -13.28 -2.26
CA PHE C 88 -4.36 -14.14 -1.35
C PHE C 88 -4.49 -15.59 -1.85
N SER C 89 -4.10 -15.85 -3.09
CA SER C 89 -4.32 -17.16 -3.63
C SER C 89 -3.66 -18.27 -2.80
N ALA C 90 -2.49 -18.02 -2.20
CA ALA C 90 -1.84 -19.06 -1.41
C ALA C 90 -2.58 -19.28 -0.09
N LYS C 91 -3.26 -18.26 0.44
CA LYS C 91 -4.15 -18.47 1.57
C LYS C 91 -5.23 -19.51 1.19
N ASN C 92 -5.96 -19.24 0.10
CA ASN C 92 -6.96 -20.19 -0.36
C ASN C 92 -6.35 -21.60 -0.45
N LEU C 93 -5.18 -21.74 -1.06
CA LEU C 93 -4.61 -23.09 -1.24
C LEU C 93 -4.26 -23.77 0.08
N ASP C 94 -3.89 -22.96 1.05
CA ASP C 94 -3.54 -23.44 2.36
C ASP C 94 -4.72 -24.11 3.03
N ASP C 95 -5.91 -23.59 2.71
CA ASP C 95 -7.15 -24.09 3.27
C ASP C 95 -7.75 -25.24 2.48
N MET C 96 -7.17 -25.58 1.34
CA MET C 96 -7.80 -26.59 0.52
C MET C 96 -7.77 -27.96 1.17
N PRO C 97 -8.76 -28.80 0.89
CA PRO C 97 -8.76 -30.14 1.49
C PRO C 97 -7.57 -31.03 1.11
N PHE C 98 -7.14 -30.94 -0.14
CA PHE C 98 -6.02 -31.71 -0.60
C PHE C 98 -4.68 -31.31 0.06
N LEU C 99 -4.66 -30.14 0.72
CA LEU C 99 -3.47 -29.64 1.41
C LEU C 99 -3.65 -29.66 2.91
N ASN C 100 -4.62 -30.42 3.39
CA ASN C 100 -4.85 -30.60 4.83
C ASN C 100 -5.03 -32.06 5.27
N ILE C 101 -4.51 -32.95 4.44
CA ILE C 101 -4.54 -34.35 4.76
C ILE C 101 -3.72 -34.55 6.01
N VAL C 102 -4.28 -35.26 6.98
CA VAL C 102 -3.84 -35.16 8.33
C VAL C 102 -2.36 -35.55 8.54
N GLU C 103 -1.93 -36.54 7.77
CA GLU C 103 -0.54 -37.00 7.81
C GLU C 103 0.46 -35.92 7.36
N ASP C 104 0.06 -35.17 6.33
CA ASP C 104 0.88 -34.08 5.78
C ASP C 104 0.94 -32.92 6.74
N VAL C 105 -0.21 -32.60 7.36
CA VAL C 105 -0.22 -31.51 8.29
C VAL C 105 0.66 -31.88 9.50
N ALA C 106 0.63 -33.13 9.93
CA ALA C 106 1.44 -33.56 11.08
C ALA C 106 2.93 -33.51 10.84
N LEU C 107 3.35 -33.95 9.66
CA LEU C 107 4.75 -33.84 9.25
C LEU C 107 5.21 -32.39 9.09
N TRP C 108 4.41 -31.56 8.42
CA TRP C 108 4.77 -30.15 8.28
C TRP C 108 4.93 -29.45 9.64
N GLU C 109 4.03 -29.71 10.60
CA GLU C 109 4.15 -29.03 11.89
C GLU C 109 5.40 -29.42 12.64
N LYS C 110 5.84 -30.65 12.42
CA LYS C 110 7.08 -31.12 12.96
C LYS C 110 8.27 -30.43 12.23
N LEU C 111 8.22 -30.31 10.91
CA LEU C 111 9.34 -29.77 10.13
C LEU C 111 9.41 -28.23 10.12
N LYS C 112 8.30 -27.58 10.44
CA LYS C 112 8.17 -26.15 10.20
C LYS C 112 9.15 -25.27 11.00
N PRO C 113 9.38 -25.60 12.28
CA PRO C 113 10.31 -24.78 13.06
C PRO C 113 11.74 -24.73 12.54
N GLU C 114 12.31 -25.86 12.14
CA GLU C 114 13.67 -25.85 11.58
C GLU C 114 13.72 -24.98 10.33
N ASN C 115 12.75 -25.13 9.46
CA ASN C 115 12.65 -24.30 8.24
C ASN C 115 12.36 -22.81 8.49
N GLU C 116 11.61 -22.54 9.54
CA GLU C 116 11.32 -21.16 9.97
C GLU C 116 12.58 -20.37 10.32
N ALA C 117 13.61 -21.07 10.85
CA ALA C 117 14.90 -20.44 11.18
C ALA C 117 15.77 -20.02 9.94
N HIS C 118 15.43 -20.49 8.75
CA HIS C 118 16.20 -20.17 7.55
C HIS C 118 15.90 -18.77 7.11
N ASN C 119 16.91 -18.11 6.56
CA ASN C 119 16.75 -16.91 5.79
C ASN C 119 16.83 -17.37 4.35
N GLY C 120 15.88 -16.94 3.53
CA GLY C 120 15.79 -17.47 2.17
C GLY C 120 16.93 -17.16 1.23
N GLN C 121 17.40 -15.91 1.29
CA GLN C 121 18.52 -15.50 0.47
C GLN C 121 19.76 -16.32 0.86
N GLN C 122 20.04 -16.43 2.15
CA GLN C 122 21.20 -17.22 2.64
C GLN C 122 21.07 -18.71 2.31
N LEU C 123 19.86 -19.24 2.37
CA LEU C 123 19.61 -20.64 2.01
C LEU C 123 19.91 -20.89 0.54
N LEU C 124 19.50 -19.97 -0.33
CA LEU C 124 19.79 -20.13 -1.76
C LEU C 124 21.31 -20.15 -1.99
N ALA C 125 22.02 -19.22 -1.37
CA ALA C 125 23.49 -19.17 -1.42
C ALA C 125 24.13 -20.46 -0.90
N ASP C 126 23.70 -20.90 0.27
CA ASP C 126 24.23 -22.13 0.88
C ASP C 126 23.95 -23.43 0.12
N LEU C 127 22.71 -23.63 -0.34
CA LEU C 127 22.40 -24.82 -1.12
C LEU C 127 23.24 -24.89 -2.38
N VAL C 128 23.40 -23.76 -3.07
CA VAL C 128 24.15 -23.74 -4.33
C VAL C 128 25.65 -23.97 -4.08
N MET C 129 26.20 -23.24 -3.14
CA MET C 129 27.63 -23.38 -2.82
C MET C 129 28.05 -24.76 -2.24
N LYS C 130 27.21 -25.40 -1.44
CA LYS C 130 27.51 -26.73 -0.88
C LYS C 130 27.22 -27.88 -1.81
N SER C 131 26.44 -27.64 -2.86
CA SER C 131 26.01 -28.74 -3.73
C SER C 131 27.20 -29.39 -4.41
N LYS C 132 27.17 -30.71 -4.50
CA LYS C 132 28.20 -31.48 -5.21
C LYS C 132 28.17 -31.16 -6.69
N GLU C 133 26.99 -31.24 -7.27
CA GLU C 133 26.79 -30.93 -8.67
C GLU C 133 26.37 -29.46 -8.83
N LYS C 134 26.58 -28.91 -10.02
CA LYS C 134 26.08 -27.58 -10.34
C LYS C 134 24.56 -27.60 -10.29
N VAL C 135 23.97 -26.46 -9.93
CA VAL C 135 22.53 -26.38 -9.64
C VAL C 135 21.77 -25.61 -10.68
N THR C 136 20.61 -26.12 -11.09
CA THR C 136 19.70 -25.32 -11.87
C THR C 136 18.73 -24.61 -10.94
N VAL C 137 18.75 -23.27 -10.94
CA VAL C 137 17.86 -22.45 -10.14
C VAL C 137 16.66 -22.00 -10.99
N CYS C 138 15.45 -22.39 -10.57
CA CYS C 138 14.22 -22.08 -11.32
C CYS C 138 13.60 -20.93 -10.62
N VAL C 139 13.56 -19.78 -11.28
CA VAL C 139 13.11 -18.57 -10.60
C VAL C 139 11.77 -18.21 -11.15
N THR C 140 10.74 -18.34 -10.32
CA THR C 140 9.36 -18.03 -10.78
C THR C 140 8.77 -16.81 -10.10
N GLY C 141 9.57 -16.18 -9.24
CA GLY C 141 9.20 -14.91 -8.62
C GLY C 141 10.15 -13.82 -9.11
N PRO C 142 10.19 -12.69 -8.41
CA PRO C 142 11.21 -11.65 -8.66
C PRO C 142 12.64 -12.19 -8.46
N LEU C 143 13.62 -11.44 -8.98
CA LEU C 143 15.00 -11.90 -9.08
C LEU C 143 15.89 -11.46 -7.90
N SER C 144 15.25 -10.92 -6.87
CA SER C 144 15.89 -10.37 -5.68
C SER C 144 16.80 -11.35 -4.93
N ASN C 145 16.43 -12.63 -4.89
CA ASN C 145 17.25 -13.59 -4.16
C ASN C 145 18.49 -13.97 -4.94
N MET C 146 18.34 -14.18 -6.24
CA MET C 146 19.52 -14.39 -7.06
C MET C 146 20.48 -13.17 -7.00
N ALA C 147 19.92 -11.96 -7.10
CA ALA C 147 20.73 -10.73 -7.11
C ALA C 147 21.52 -10.63 -5.83
N TRP C 148 20.91 -10.91 -4.69
CA TRP C 148 21.60 -10.88 -3.38
C TRP C 148 22.77 -11.88 -3.31
N CYS C 149 22.52 -13.08 -3.81
CA CYS C 149 23.55 -14.12 -3.81
C CYS C 149 24.78 -13.72 -4.66
N ILE C 150 24.51 -13.25 -5.88
CA ILE C 150 25.53 -12.77 -6.80
C ILE C 150 26.35 -11.64 -6.17
N GLU C 151 25.66 -10.64 -5.60
CA GLU C 151 26.34 -9.53 -4.95
C GLU C 151 27.15 -9.98 -3.72
N LYS C 152 26.62 -10.90 -2.89
CA LYS C 152 27.31 -11.24 -1.65
C LYS C 152 28.48 -12.18 -1.88
N TYR C 153 28.30 -13.15 -2.76
CA TYR C 153 29.27 -14.21 -2.94
C TYR C 153 29.99 -14.24 -4.30
N GLY C 154 29.52 -13.50 -5.29
CA GLY C 154 30.14 -13.55 -6.60
C GLY C 154 30.45 -14.94 -7.16
N GLU C 155 31.68 -15.12 -7.63
CA GLU C 155 32.13 -16.34 -8.34
C GLU C 155 31.87 -17.58 -7.54
N ALA C 156 32.00 -17.43 -6.23
CA ALA C 156 31.80 -18.56 -5.32
C ALA C 156 30.36 -19.13 -5.46
N PHE C 157 29.41 -18.23 -5.75
CA PHE C 157 28.02 -18.64 -6.04
C PHE C 157 27.82 -18.99 -7.51
N THR C 158 28.17 -18.08 -8.40
CA THR C 158 27.81 -18.19 -9.82
C THR C 158 28.51 -19.33 -10.53
N SER C 159 29.68 -19.73 -10.03
CA SER C 159 30.39 -20.84 -10.62
C SER C 159 29.64 -22.16 -10.31
N LYS C 160 28.80 -22.17 -9.29
CA LYS C 160 28.08 -23.39 -8.93
C LYS C 160 26.67 -23.49 -9.58
N VAL C 161 26.29 -22.48 -10.36
CA VAL C 161 25.02 -22.47 -11.06
C VAL C 161 25.19 -23.06 -12.48
N GLU C 162 24.46 -24.15 -12.76
CA GLU C 162 24.34 -24.70 -14.11
C GLU C 162 23.63 -23.74 -15.09
N GLU C 163 22.41 -23.41 -14.77
CA GLU C 163 21.73 -22.31 -15.41
C GLU C 163 20.58 -21.84 -14.52
N CYS C 164 20.09 -20.66 -14.83
CA CYS C 164 19.01 -20.04 -14.15
C CYS C 164 17.85 -19.93 -15.15
N VAL C 165 16.77 -20.62 -14.88
CA VAL C 165 15.61 -20.65 -15.78
C VAL C 165 14.55 -19.75 -15.18
N ILE C 166 14.24 -18.65 -15.89
CA ILE C 166 13.55 -17.54 -15.23
C ILE C 166 12.21 -17.25 -15.94
N MET C 167 11.16 -17.01 -15.15
CA MET C 167 9.92 -16.47 -15.69
C MET C 167 9.93 -14.99 -15.40
N GLY C 168 9.96 -14.21 -16.46
CA GLY C 168 9.94 -12.75 -16.32
C GLY C 168 10.19 -12.00 -17.62
N GLY C 169 9.81 -10.73 -17.65
CA GLY C 169 10.05 -9.87 -18.81
C GLY C 169 9.06 -9.99 -19.96
N ALA C 170 9.19 -9.06 -20.89
CA ALA C 170 8.44 -9.02 -22.11
C ALA C 170 9.36 -8.27 -23.10
N VAL C 171 9.81 -8.95 -24.15
CA VAL C 171 10.84 -8.45 -25.07
C VAL C 171 10.26 -7.84 -26.33
N ASP C 172 9.56 -8.65 -27.12
CA ASP C 172 8.89 -8.16 -28.35
C ASP C 172 7.37 -8.03 -28.24
N VAL C 173 6.81 -8.25 -27.06
CA VAL C 173 5.37 -8.07 -26.83
C VAL C 173 5.17 -7.06 -25.69
N GLY C 174 3.95 -6.58 -25.55
CA GLY C 174 3.58 -5.79 -24.36
C GLY C 174 3.75 -6.54 -23.04
N GLY C 175 3.78 -5.77 -21.95
CA GLY C 175 3.92 -6.31 -20.62
C GLY C 175 2.56 -6.51 -19.99
N ASN C 176 2.53 -6.73 -18.69
CA ASN C 176 1.29 -6.95 -17.96
C ASN C 176 1.08 -6.09 -16.74
N VAL C 177 1.91 -5.06 -16.56
CA VAL C 177 1.83 -4.18 -15.40
C VAL C 177 1.02 -2.97 -15.84
N PHE C 178 -0.24 -2.95 -15.48
CA PHE C 178 -1.15 -1.90 -15.88
C PHE C 178 -1.59 -1.12 -14.68
N LEU C 179 -0.91 -0.02 -14.45
CA LEU C 179 -1.16 0.83 -13.31
C LEU C 179 -1.35 2.26 -13.84
N PRO C 180 -2.03 3.12 -13.06
CA PRO C 180 -2.09 4.53 -13.50
C PRO C 180 -0.71 5.12 -13.78
N THR C 181 0.32 4.69 -13.04
CA THR C 181 1.67 5.23 -13.19
C THR C 181 2.59 4.47 -14.13
N THR C 182 2.07 3.51 -14.91
CA THR C 182 2.89 2.73 -15.84
C THR C 182 2.25 2.72 -17.20
N ASP C 183 3.06 2.35 -18.21
CA ASP C 183 2.71 2.39 -19.63
C ASP C 183 2.31 1.03 -20.24
N GLY C 184 2.34 -0.01 -19.42
CA GLY C 184 1.93 -1.34 -19.89
C GLY C 184 3.04 -2.14 -20.53
N SER C 185 4.25 -1.57 -20.61
CA SER C 185 5.37 -2.29 -21.26
C SER C 185 6.12 -3.27 -20.38
N ALA C 186 5.85 -3.30 -19.08
CA ALA C 186 6.68 -4.08 -18.17
C ALA C 186 5.94 -5.31 -17.71
N GLU C 187 6.72 -6.31 -17.29
CA GLU C 187 6.18 -7.53 -16.73
C GLU C 187 6.38 -7.53 -15.22
N TRP C 188 5.44 -8.15 -14.50
CA TRP C 188 5.36 -7.97 -13.03
C TRP C 188 6.59 -8.48 -12.20
N ASN C 189 7.17 -9.63 -12.55
CA ASN C 189 8.30 -10.16 -11.77
C ASN C 189 9.49 -9.20 -11.83
N ILE C 190 9.70 -8.58 -12.98
CA ILE C 190 10.79 -7.62 -13.12
C ILE C 190 10.42 -6.34 -12.35
N TYR C 191 9.20 -5.88 -12.59
CA TYR C 191 8.68 -4.64 -11.98
C TYR C 191 8.72 -4.66 -10.42
N TRP C 192 8.57 -5.85 -9.84
CA TRP C 192 8.65 -5.99 -8.36
C TRP C 192 9.99 -5.49 -7.81
N ASP C 193 11.04 -5.70 -8.58
CA ASP C 193 12.42 -5.30 -8.18
C ASP C 193 13.25 -5.19 -9.45
N PRO C 194 13.21 -4.02 -10.13
CA PRO C 194 14.00 -3.92 -11.36
C PRO C 194 15.51 -4.01 -11.22
N PRO C 195 16.13 -3.32 -10.24
CA PRO C 195 17.56 -3.42 -10.14
C PRO C 195 18.04 -4.85 -9.97
N ALA C 196 17.30 -5.67 -9.24
CA ALA C 196 17.71 -7.08 -9.07
C ALA C 196 17.67 -7.79 -10.42
N ALA C 197 16.67 -7.48 -11.23
CA ALA C 197 16.53 -8.08 -12.53
C ALA C 197 17.72 -7.71 -13.43
N LYS C 198 18.04 -6.43 -13.41
CA LYS C 198 19.16 -5.89 -14.16
C LYS C 198 20.48 -6.53 -13.74
N LYS C 199 20.69 -6.74 -12.44
CA LYS C 199 21.91 -7.42 -11.98
C LYS C 199 22.01 -8.89 -12.43
N VAL C 200 20.90 -9.64 -12.39
CA VAL C 200 20.94 -11.07 -12.75
C VAL C 200 20.85 -11.30 -14.26
N LEU C 201 19.93 -10.64 -14.93
CA LEU C 201 19.72 -10.93 -16.35
C LEU C 201 20.95 -10.68 -17.21
N CYS C 202 21.67 -9.60 -16.92
CA CYS C 202 22.87 -9.26 -17.66
C CYS C 202 24.15 -9.55 -16.84
N CYS C 203 24.07 -10.51 -15.90
CA CYS C 203 25.25 -10.99 -15.17
C CYS C 203 26.06 -11.86 -16.13
N PRO C 204 27.32 -11.48 -16.39
CA PRO C 204 28.09 -12.17 -17.41
C PRO C 204 28.54 -13.57 -16.97
N ASN C 205 28.30 -13.90 -15.71
CA ASN C 205 28.78 -15.14 -15.16
C ASN C 205 27.76 -16.26 -15.08
N ILE C 206 26.65 -16.13 -15.77
CA ILE C 206 25.53 -17.03 -15.56
C ILE C 206 24.69 -17.17 -16.83
N ARG C 207 24.29 -18.40 -17.08
CA ARG C 207 23.42 -18.70 -18.19
C ARG C 207 21.94 -18.55 -17.77
N CYS C 208 21.28 -17.52 -18.28
CA CYS C 208 19.86 -17.32 -18.05
C CYS C 208 19.05 -17.78 -19.26
N VAL C 209 18.10 -18.65 -19.01
CA VAL C 209 17.05 -18.95 -19.95
C VAL C 209 15.79 -18.21 -19.49
N LEU C 210 15.24 -17.37 -20.35
CA LEU C 210 14.15 -16.47 -19.98
C LEU C 210 12.85 -16.88 -20.63
N PHE C 211 11.84 -17.17 -19.79
CA PHE C 211 10.45 -17.32 -20.27
C PHE C 211 9.74 -16.02 -19.99
N SER C 212 9.74 -15.15 -21.00
CA SER C 212 9.08 -13.89 -20.98
C SER C 212 7.67 -14.03 -21.53
N LEU C 213 6.91 -12.95 -21.49
CA LEU C 213 5.51 -13.01 -21.92
C LEU C 213 5.40 -13.49 -23.38
N ASP C 214 6.41 -13.17 -24.18
CA ASP C 214 6.53 -13.66 -25.56
C ASP C 214 6.16 -15.14 -25.74
N ALA C 215 6.73 -15.99 -24.86
CA ALA C 215 6.44 -17.42 -24.81
C ALA C 215 5.22 -17.73 -24.01
N THR C 216 5.10 -17.16 -22.80
CA THR C 216 3.99 -17.53 -21.88
C THR C 216 2.61 -17.10 -22.39
N ASN C 217 2.54 -16.04 -23.20
CA ASN C 217 1.26 -15.64 -23.83
C ASN C 217 0.62 -16.77 -24.66
N THR C 218 1.42 -17.79 -24.96
CA THR C 218 1.01 -18.91 -25.79
C THR C 218 0.34 -20.04 -25.09
N VAL C 219 0.26 -20.01 -23.75
CA VAL C 219 -0.30 -21.11 -22.97
C VAL C 219 -1.34 -20.67 -21.95
N PRO C 220 -2.45 -20.07 -22.42
CA PRO C 220 -3.47 -19.66 -21.48
C PRO C 220 -4.07 -20.87 -20.83
N VAL C 221 -4.54 -20.71 -19.59
CA VAL C 221 -5.25 -21.76 -18.89
C VAL C 221 -6.73 -21.67 -19.26
N ARG C 222 -7.21 -22.69 -20.00
CA ARG C 222 -8.57 -22.70 -20.55
C ARG C 222 -9.46 -23.87 -20.07
N SER C 223 -10.75 -23.56 -19.90
CA SER C 223 -11.70 -24.50 -19.32
C SER C 223 -11.66 -25.88 -19.97
N VAL C 224 -11.65 -25.86 -21.30
CA VAL C 224 -11.74 -27.07 -22.08
C VAL C 224 -10.61 -28.04 -21.70
N ASP C 225 -9.44 -27.46 -21.36
CA ASP C 225 -8.30 -28.27 -20.99
C ASP C 225 -8.36 -28.68 -19.54
N VAL C 226 -8.70 -27.70 -18.70
CA VAL C 226 -8.71 -27.91 -17.25
C VAL C 226 -9.72 -28.98 -16.86
N LYS C 227 -10.84 -29.02 -17.59
CA LYS C 227 -11.85 -30.08 -17.35
C LYS C 227 -11.28 -31.49 -17.44
N GLY C 228 -10.20 -31.63 -18.21
CA GLY C 228 -9.48 -32.92 -18.36
C GLY C 228 -9.04 -33.56 -17.06
N PHE C 229 -8.81 -32.76 -16.03
CA PHE C 229 -8.31 -33.32 -14.78
C PHE C 229 -9.38 -34.13 -14.04
N GLY C 230 -10.63 -33.95 -14.43
CA GLY C 230 -11.68 -34.76 -13.80
C GLY C 230 -11.46 -36.26 -14.01
N ALA C 231 -11.05 -36.64 -15.22
CA ALA C 231 -10.73 -38.04 -15.56
C ALA C 231 -9.62 -38.58 -14.68
N GLN C 232 -8.85 -37.68 -14.05
CA GLN C 232 -7.71 -38.05 -13.24
C GLN C 232 -7.94 -37.73 -11.79
N ASN C 233 -9.18 -37.40 -11.39
CA ASN C 233 -9.42 -36.89 -10.02
C ASN C 233 -8.98 -37.81 -8.88
N GLN C 234 -8.82 -39.09 -9.14
CA GLN C 234 -8.29 -40.02 -8.11
C GLN C 234 -6.86 -39.69 -7.67
N TYR C 235 -6.11 -39.01 -8.52
CA TYR C 235 -4.73 -38.64 -8.21
C TYR C 235 -4.71 -37.31 -7.48
N LEU C 236 -4.04 -37.29 -6.33
CA LEU C 236 -3.93 -36.11 -5.53
C LEU C 236 -3.34 -34.92 -6.30
N LEU C 237 -2.38 -35.17 -7.20
CA LEU C 237 -1.74 -34.08 -7.92
C LEU C 237 -2.71 -33.47 -8.95
N SER C 238 -3.60 -34.29 -9.50
CA SER C 238 -4.62 -33.81 -10.42
C SER C 238 -5.69 -32.98 -9.64
N GLN C 239 -6.01 -33.40 -8.41
CA GLN C 239 -6.88 -32.59 -7.58
C GLN C 239 -6.23 -31.23 -7.32
N MET C 240 -4.94 -31.25 -6.98
CA MET C 240 -4.18 -30.04 -6.76
C MET C 240 -4.09 -29.12 -7.97
N VAL C 241 -3.57 -29.61 -9.09
CA VAL C 241 -3.41 -28.77 -10.29
C VAL C 241 -4.77 -28.42 -11.00
N GLY C 242 -5.70 -29.37 -11.02
CA GLY C 242 -7.04 -29.11 -11.55
C GLY C 242 -7.72 -27.95 -10.82
N THR C 243 -7.61 -27.96 -9.51
CA THR C 243 -8.18 -26.92 -8.65
C THR C 243 -7.44 -25.58 -8.84
N MET C 244 -6.11 -25.61 -8.80
CA MET C 244 -5.35 -24.40 -9.05
C MET C 244 -5.73 -23.76 -10.36
N TRP C 245 -5.92 -24.60 -11.38
CA TRP C 245 -6.22 -24.10 -12.72
C TRP C 245 -7.68 -23.64 -12.85
N ALA C 246 -8.60 -24.38 -12.19
CA ALA C 246 -10.02 -24.05 -12.16
C ALA C 246 -10.33 -22.76 -11.41
N MET C 247 -9.53 -22.48 -10.38
CA MET C 247 -9.65 -21.20 -9.72
C MET C 247 -9.20 -20.06 -10.63
N SER C 248 -8.64 -20.41 -11.78
CA SER C 248 -8.02 -19.45 -12.66
C SER C 248 -8.64 -19.39 -14.05
N THR C 249 -9.49 -20.35 -14.40
CA THR C 249 -10.14 -20.43 -15.74
C THR C 249 -11.05 -19.25 -16.11
N ALA C 259 -5.96 -13.60 -20.13
CA ALA C 259 -6.22 -14.67 -19.15
C ALA C 259 -5.21 -14.79 -17.98
N TYR C 260 -5.45 -15.77 -17.11
CA TYR C 260 -4.42 -16.34 -16.21
C TYR C 260 -3.74 -17.29 -17.22
N TYR C 261 -2.39 -17.29 -17.23
CA TYR C 261 -1.61 -18.16 -18.07
C TYR C 261 -0.88 -19.17 -17.19
N ALA C 262 -0.34 -20.20 -17.81
CA ALA C 262 0.45 -21.17 -17.08
C ALA C 262 1.93 -20.68 -16.96
N TRP C 263 2.11 -19.38 -16.73
CA TRP C 263 3.43 -18.74 -16.74
C TRP C 263 4.52 -19.60 -16.14
N ASP C 264 4.51 -19.78 -14.83
CA ASP C 264 5.63 -20.42 -14.12
C ASP C 264 5.69 -21.92 -14.42
N ALA C 265 4.59 -22.52 -14.85
CA ALA C 265 4.54 -23.98 -15.04
C ALA C 265 5.34 -24.33 -16.29
N LEU C 266 5.26 -23.44 -17.26
CA LEU C 266 5.95 -23.61 -18.55
C LEU C 266 7.43 -23.48 -18.32
N THR C 267 7.80 -22.54 -17.47
CA THR C 267 9.18 -22.34 -17.09
C THR C 267 9.79 -23.58 -16.47
N ALA C 268 9.08 -24.21 -15.56
CA ALA C 268 9.56 -25.47 -15.00
C ALA C 268 9.50 -26.60 -16.02
N ALA C 269 8.57 -26.55 -16.97
CA ALA C 269 8.49 -27.60 -17.98
C ALA C 269 9.80 -27.68 -18.80
N TYR C 270 10.41 -26.52 -19.06
CA TYR C 270 11.64 -26.46 -19.80
C TYR C 270 12.73 -27.30 -19.13
N ILE C 271 12.74 -27.32 -17.81
CA ILE C 271 13.78 -28.03 -17.10
C ILE C 271 13.56 -29.51 -17.31
N LEU C 272 12.29 -29.90 -17.48
CA LEU C 272 11.92 -31.30 -17.70
C LEU C 272 12.12 -31.75 -19.12
N GLU C 273 11.87 -30.83 -20.06
CA GLU C 273 11.93 -31.09 -21.49
C GLU C 273 12.53 -29.87 -22.22
N PRO C 274 13.85 -29.83 -22.31
CA PRO C 274 14.50 -28.69 -22.96
C PRO C 274 14.14 -28.44 -24.44
N THR C 275 13.54 -29.40 -25.12
CA THR C 275 13.11 -29.21 -26.50
C THR C 275 11.76 -28.50 -26.63
N ILE C 276 11.12 -28.22 -25.50
CA ILE C 276 9.78 -27.62 -25.45
C ILE C 276 9.77 -26.25 -26.16
N ALA C 277 10.93 -25.62 -26.24
CA ALA C 277 11.02 -24.32 -26.86
C ALA C 277 12.39 -24.09 -27.40
N THR C 278 12.48 -23.28 -28.44
CA THR C 278 13.77 -22.89 -28.96
C THR C 278 14.23 -21.61 -28.22
N LEU C 279 15.53 -21.35 -28.29
CA LEU C 279 16.11 -20.26 -27.53
C LEU C 279 16.82 -19.28 -28.45
N GLU C 280 16.58 -17.99 -28.21
CA GLU C 280 17.19 -16.90 -28.97
C GLU C 280 18.06 -16.05 -28.05
N PRO C 281 19.37 -15.95 -28.35
CA PRO C 281 20.21 -15.07 -27.53
C PRO C 281 19.88 -13.60 -27.76
N VAL C 282 19.55 -12.87 -26.69
CA VAL C 282 19.21 -11.45 -26.78
C VAL C 282 19.86 -10.64 -25.66
N ALA C 283 20.39 -9.48 -26.04
CA ALA C 283 20.94 -8.52 -25.10
C ALA C 283 19.81 -7.62 -24.63
N LEU C 284 19.64 -7.51 -23.33
CA LEU C 284 18.52 -6.75 -22.79
C LEU C 284 19.03 -5.58 -21.98
N ASP C 285 18.25 -4.51 -22.00
CA ASP C 285 18.57 -3.25 -21.32
C ASP C 285 17.45 -2.95 -20.29
N VAL C 286 17.58 -3.57 -19.10
CA VAL C 286 16.53 -3.52 -18.08
C VAL C 286 16.34 -2.08 -17.57
N ASP C 287 15.12 -1.58 -17.76
CA ASP C 287 14.75 -0.22 -17.33
C ASP C 287 14.57 -0.18 -15.81
N VAL C 288 15.49 0.49 -15.12
CA VAL C 288 15.41 0.62 -13.67
C VAL C 288 15.05 2.03 -13.24
N SER C 289 14.53 2.84 -14.18
CA SER C 289 14.12 4.23 -13.91
C SER C 289 12.86 4.21 -13.08
N LYS C 290 12.42 5.39 -12.64
CA LYS C 290 11.13 5.52 -11.95
C LYS C 290 10.04 6.11 -12.86
N GLY C 291 10.30 6.16 -14.16
CA GLY C 291 9.28 6.55 -15.12
C GLY C 291 8.25 5.48 -15.35
N LYS C 292 7.38 5.73 -16.32
CA LYS C 292 6.27 4.83 -16.63
C LYS C 292 6.73 3.52 -17.27
N SER C 293 7.95 3.47 -17.79
CA SER C 293 8.53 2.26 -18.40
C SER C 293 9.39 1.45 -17.42
N GLU C 294 9.32 1.79 -16.13
CA GLU C 294 10.05 1.05 -15.09
C GLU C 294 9.77 -0.44 -15.22
N GLY C 295 10.83 -1.25 -15.23
CA GLY C 295 10.71 -2.73 -15.28
C GLY C 295 10.71 -3.33 -16.67
N ARG C 296 10.69 -2.48 -17.71
CA ARG C 296 10.74 -2.96 -19.09
C ARG C 296 12.05 -3.65 -19.36
N THR C 297 11.97 -4.67 -20.20
CA THR C 297 13.09 -5.44 -20.64
C THR C 297 13.20 -5.37 -22.17
N PRO C 298 13.53 -4.18 -22.73
CA PRO C 298 13.68 -4.01 -24.19
C PRO C 298 15.01 -4.57 -24.68
N ARG C 299 15.06 -4.93 -25.97
CA ARG C 299 16.31 -5.36 -26.61
C ARG C 299 17.26 -4.21 -26.48
N ALA C 300 18.51 -4.51 -26.13
CA ALA C 300 19.56 -3.49 -25.93
C ALA C 300 19.95 -2.89 -27.27
N GLY C 304 23.85 -6.52 -29.43
CA GLY C 304 24.86 -6.46 -28.35
C GLY C 304 25.26 -7.82 -27.80
N LYS C 305 26.11 -7.77 -26.76
CA LYS C 305 26.55 -8.96 -25.99
C LYS C 305 25.39 -9.64 -25.24
N PRO C 306 25.00 -10.86 -25.67
CA PRO C 306 23.77 -11.50 -25.13
C PRO C 306 23.69 -11.59 -23.59
N CYS C 307 22.55 -11.18 -23.03
CA CYS C 307 22.25 -11.33 -21.60
C CYS C 307 21.56 -12.68 -21.31
N VAL C 308 20.64 -13.07 -22.20
CA VAL C 308 19.70 -14.12 -21.89
C VAL C 308 19.37 -14.94 -23.12
N HIS C 309 18.90 -16.16 -22.90
CA HIS C 309 18.39 -16.99 -23.96
C HIS C 309 16.87 -17.04 -23.86
N VAL C 310 16.21 -16.29 -24.74
CA VAL C 310 14.76 -16.14 -24.66
C VAL C 310 14.03 -17.31 -25.29
N ALA C 311 13.13 -17.92 -24.52
CA ALA C 311 12.27 -19.00 -25.02
C ALA C 311 11.35 -18.50 -26.14
N ARG C 312 11.24 -19.29 -27.23
CA ARG C 312 10.39 -18.98 -28.37
C ARG C 312 9.55 -20.17 -28.76
N ASN C 313 8.32 -19.89 -29.18
CA ASN C 313 7.37 -20.90 -29.68
C ASN C 313 7.33 -22.19 -28.87
N PRO C 314 6.85 -22.09 -27.62
CA PRO C 314 6.79 -23.32 -26.82
C PRO C 314 5.73 -24.25 -27.39
N SER C 315 5.94 -25.55 -27.26
CA SER C 315 5.00 -26.54 -27.75
C SER C 315 3.89 -26.70 -26.77
N LYS C 316 2.68 -26.31 -27.19
CA LYS C 316 1.48 -26.47 -26.37
C LYS C 316 1.21 -27.94 -26.06
N GLN C 317 1.39 -28.80 -27.06
CA GLN C 317 1.10 -30.23 -26.90
C GLN C 317 2.07 -30.93 -25.94
N MET C 318 3.36 -30.67 -26.13
CA MET C 318 4.39 -31.17 -25.20
C MET C 318 4.08 -30.70 -23.79
N PHE C 319 3.79 -29.43 -23.65
CA PHE C 319 3.42 -28.91 -22.31
C PHE C 319 2.27 -29.66 -21.72
N HIS C 320 1.20 -29.74 -22.50
CA HIS C 320 -0.02 -30.45 -22.11
C HIS C 320 0.24 -31.89 -21.70
N ASP C 321 0.92 -32.63 -22.57
CA ASP C 321 1.30 -34.02 -22.26
C ASP C 321 2.11 -34.12 -20.99
N LEU C 322 2.99 -33.15 -20.74
CA LEU C 322 3.85 -33.22 -19.54
C LEU C 322 3.06 -32.95 -18.24
N VAL C 323 2.14 -31.98 -18.31
CA VAL C 323 1.30 -31.62 -17.14
C VAL C 323 0.38 -32.77 -16.72
N PHE C 324 -0.30 -33.34 -17.71
CA PHE C 324 -1.21 -34.48 -17.48
C PHE C 324 -0.54 -35.76 -17.06
N ALA C 325 0.61 -36.08 -17.66
CA ALA C 325 1.43 -37.19 -17.16
C ALA C 325 1.85 -37.00 -15.74
N SER C 326 2.40 -35.82 -15.44
CA SER C 326 2.97 -35.56 -14.11
C SER C 326 1.92 -35.62 -13.01
N THR C 327 0.70 -35.19 -13.35
CA THR C 327 -0.40 -35.19 -12.38
C THR C 327 -1.04 -36.59 -12.19
N ARG C 328 -0.60 -37.58 -12.98
CA ARG C 328 -0.98 -38.98 -12.77
C ARG C 328 0.02 -39.72 -11.94
N VAL C 329 1.11 -39.06 -11.50
CA VAL C 329 2.13 -39.73 -10.70
C VAL C 329 1.62 -40.17 -9.33
N CYS C 330 0.75 -39.34 -8.73
CA CYS C 330 0.10 -39.73 -7.48
C CYS C 330 -1.00 -38.75 -7.11
N GLY D 1 44.72 -0.75 -4.43
CA GLY D 1 44.05 0.15 -5.39
C GLY D 1 42.56 0.13 -5.19
N SER D 2 42.12 -0.66 -4.22
CA SER D 2 40.78 -0.59 -3.65
C SER D 2 40.71 -1.10 -2.18
N HIS D 3 41.86 -1.40 -1.57
CA HIS D 3 41.92 -2.07 -0.26
C HIS D 3 42.25 -1.09 0.94
N MET D 4 42.40 0.21 0.63
CA MET D 4 42.56 1.24 1.65
C MET D 4 41.55 2.37 1.39
N ALA D 5 40.88 2.81 2.45
CA ALA D 5 39.99 4.00 2.38
C ALA D 5 40.85 5.23 2.12
N LYS D 6 40.29 6.24 1.44
CA LYS D 6 40.89 7.58 1.35
C LYS D 6 40.65 8.31 2.66
N THR D 7 41.60 9.13 3.07
CA THR D 7 41.47 9.95 4.27
C THR D 7 40.84 11.27 3.85
N VAL D 8 39.69 11.59 4.45
CA VAL D 8 38.84 12.71 3.98
C VAL D 8 38.43 13.60 5.13
N ILE D 9 38.35 14.91 4.83
CA ILE D 9 37.74 15.92 5.73
C ILE D 9 36.59 16.63 4.96
N LEU D 10 35.43 16.78 5.59
CA LEU D 10 34.31 17.51 5.00
C LEU D 10 34.27 18.89 5.60
N ASP D 11 34.40 19.88 4.75
CA ASP D 11 34.38 21.30 5.10
C ASP D 11 33.06 21.81 4.49
N HIS D 12 32.02 21.98 5.34
CA HIS D 12 30.66 22.25 4.86
C HIS D 12 29.99 23.41 5.54
N ASP D 13 28.82 23.79 5.01
CA ASP D 13 28.08 24.92 5.61
C ASP D 13 26.63 24.57 5.92
N GLY D 14 26.37 23.30 6.19
CA GLY D 14 25.19 22.91 6.94
C GLY D 14 23.79 23.07 6.36
N ASN D 15 23.62 23.07 5.04
CA ASN D 15 22.30 23.00 4.50
C ASN D 15 22.02 21.54 4.21
N LYS D 16 20.88 21.25 3.57
CA LYS D 16 20.38 19.89 3.46
C LYS D 16 21.28 19.04 2.61
N ASP D 17 21.74 19.59 1.50
CA ASP D 17 22.66 18.82 0.67
C ASP D 17 24.06 18.61 1.32
N ASP D 18 24.57 19.57 2.08
CA ASP D 18 25.81 19.30 2.82
C ASP D 18 25.67 18.05 3.63
N PHE D 19 24.52 17.87 4.26
CA PHE D 19 24.32 16.71 5.14
C PHE D 19 24.07 15.41 4.38
N VAL D 20 23.49 15.47 3.19
CA VAL D 20 23.46 14.30 2.31
C VAL D 20 24.88 13.89 1.87
N ALA D 21 25.68 14.92 1.53
CA ALA D 21 27.08 14.66 1.26
C ALA D 21 27.78 13.94 2.45
N MET D 22 27.58 14.44 3.65
CA MET D 22 28.21 13.85 4.81
C MET D 22 27.81 12.38 4.97
N ILE D 23 26.53 12.08 4.71
CA ILE D 23 25.98 10.71 4.87
C ILE D 23 26.61 9.78 3.84
N LEU D 24 26.74 10.26 2.62
CA LEU D 24 27.39 9.50 1.56
C LEU D 24 28.81 9.12 1.95
N LEU D 25 29.58 10.09 2.45
CA LEU D 25 30.94 9.84 2.85
C LEU D 25 30.98 8.88 4.02
N LEU D 26 30.26 9.21 5.09
CA LEU D 26 30.36 8.49 6.34
C LEU D 26 29.81 7.06 6.29
N SER D 27 28.80 6.84 5.43
CA SER D 27 28.21 5.52 5.27
C SER D 27 29.04 4.55 4.45
N ASN D 28 30.15 5.01 3.84
CA ASN D 28 31.03 4.17 3.01
C ASN D 28 32.49 4.02 3.53
N PRO D 29 32.67 3.40 4.71
CA PRO D 29 34.00 3.32 5.38
C PRO D 29 35.06 2.51 4.64
N LYS D 30 34.60 1.63 3.77
CA LYS D 30 35.50 0.87 2.89
C LYS D 30 36.22 1.80 1.94
N LYS D 31 35.54 2.84 1.48
CA LYS D 31 36.10 3.82 0.55
C LYS D 31 36.58 5.11 1.25
N VAL D 32 36.01 5.44 2.40
CA VAL D 32 36.26 6.72 3.06
C VAL D 32 36.45 6.61 4.60
N ASN D 33 37.58 7.15 5.05
CA ASN D 33 37.87 7.32 6.45
C ASN D 33 37.70 8.80 6.73
N LEU D 34 36.58 9.15 7.35
CA LEU D 34 36.24 10.54 7.65
C LEU D 34 36.88 10.90 8.97
N ILE D 35 37.93 11.69 8.90
CA ILE D 35 38.70 12.03 10.08
C ILE D 35 38.32 13.40 10.66
N GLY D 36 37.32 14.07 10.10
CA GLY D 36 36.98 15.39 10.58
C GLY D 36 35.91 16.09 9.74
N CYS D 37 35.12 16.95 10.41
CA CYS D 37 34.21 17.88 9.72
C CYS D 37 34.44 19.30 10.21
N ILE D 38 34.38 20.26 9.30
CA ILE D 38 34.38 21.71 9.63
C ILE D 38 33.01 22.24 9.25
N CYS D 39 32.39 23.07 10.08
CA CYS D 39 31.11 23.73 9.77
C CYS D 39 31.29 25.24 9.82
N THR D 40 30.78 25.92 8.78
CA THR D 40 30.94 27.36 8.57
C THR D 40 29.56 28.03 8.60
N ASP D 41 29.52 29.24 9.15
CA ASP D 41 28.27 29.96 9.37
C ASP D 41 27.72 30.59 8.09
N ALA D 42 27.64 29.84 7.01
CA ALA D 42 27.32 30.41 5.70
C ALA D 42 25.85 30.07 5.34
N ASP D 43 25.58 28.89 4.76
CA ASP D 43 24.22 28.50 4.38
C ASP D 43 23.48 27.81 5.52
N CYS D 44 23.84 28.20 6.74
CA CYS D 44 23.22 27.65 7.96
C CYS D 44 23.50 28.64 9.07
N PHE D 45 22.88 28.48 10.23
CA PHE D 45 23.40 29.08 11.48
C PHE D 45 24.34 28.05 12.07
N VAL D 46 25.59 28.43 12.34
CA VAL D 46 26.65 27.47 12.62
C VAL D 46 26.33 26.53 13.82
N GLU D 47 25.61 27.05 14.80
CA GLU D 47 25.38 26.25 15.98
C GLU D 47 24.48 25.06 15.63
N ASN D 48 23.51 25.29 14.72
CA ASN D 48 22.65 24.21 14.23
C ASN D 48 23.43 23.21 13.36
N GLY D 49 24.23 23.75 12.44
CA GLY D 49 25.08 22.91 11.56
C GLY D 49 25.97 22.00 12.37
N PHE D 50 26.58 22.58 13.41
CA PHE D 50 27.46 21.90 14.36
C PHE D 50 26.75 20.72 15.03
N ASP D 51 25.58 20.99 15.62
CA ASP D 51 24.79 19.97 16.29
C ASP D 51 24.38 18.82 15.35
N VAL D 52 23.92 19.15 14.14
CA VAL D 52 23.44 18.14 13.22
C VAL D 52 24.61 17.27 12.74
N THR D 53 25.75 17.90 12.51
CA THR D 53 26.93 17.16 12.14
C THR D 53 27.26 16.15 13.27
N GLY D 54 27.22 16.64 14.49
CA GLY D 54 27.49 15.81 15.67
C GLY D 54 26.58 14.61 15.75
N LYS D 55 25.29 14.88 15.68
CA LYS D 55 24.32 13.81 15.84
C LYS D 55 24.38 12.81 14.68
N ILE D 56 24.60 13.28 13.45
CA ILE D 56 24.78 12.32 12.36
C ILE D 56 26.02 11.40 12.68
N MET D 57 27.10 11.98 13.16
CA MET D 57 28.34 11.24 13.51
C MET D 57 28.05 10.17 14.57
N CYS D 58 27.37 10.59 15.63
CA CYS D 58 26.96 9.68 16.71
C CYS D 58 26.04 8.53 16.26
N ALA D 59 25.07 8.85 15.39
CA ALA D 59 24.14 7.86 14.85
C ALA D 59 24.87 6.77 14.10
N MET D 60 25.79 7.15 13.22
CA MET D 60 26.53 6.19 12.42
C MET D 60 27.47 5.36 13.30
N HIS D 61 28.03 6.03 14.28
CA HIS D 61 28.95 5.37 15.17
C HIS D 61 28.23 4.28 15.94
N ARG D 62 27.00 4.56 16.40
CA ARG D 62 26.12 3.58 17.04
C ARG D 62 25.73 2.43 16.11
N LEU D 63 25.30 2.75 14.89
CA LEU D 63 24.72 1.74 14.01
C LEU D 63 25.74 0.91 13.27
N ILE D 64 26.83 1.50 12.82
CA ILE D 64 27.84 0.77 12.02
C ILE D 64 29.29 0.97 12.51
N LYS D 65 29.48 1.56 13.67
CA LYS D 65 30.82 1.70 14.30
C LYS D 65 31.84 2.43 13.42
N THR D 66 31.38 3.33 12.58
CA THR D 66 32.31 4.29 11.99
C THR D 66 32.91 5.05 13.16
N PRO D 67 34.20 5.44 13.04
CA PRO D 67 34.82 6.19 14.16
C PRO D 67 34.20 7.54 14.39
N LEU D 68 34.29 7.98 15.63
CA LEU D 68 34.05 9.37 16.01
C LEU D 68 35.22 10.19 15.49
N PHE D 69 35.03 11.51 15.46
CA PHE D 69 36.02 12.42 14.89
C PHE D 69 35.80 13.83 15.38
N PRO D 70 36.83 14.67 15.33
CA PRO D 70 36.64 16.03 15.82
C PRO D 70 35.84 16.86 14.84
N ILE D 71 35.03 17.77 15.37
CA ILE D 71 34.21 18.68 14.60
C ILE D 71 34.51 20.09 15.09
N GLY D 72 34.75 21.02 14.20
CA GLY D 72 34.97 22.39 14.63
C GLY D 72 34.14 23.40 13.89
N LYS D 73 33.68 24.42 14.61
CA LYS D 73 32.97 25.54 14.03
C LYS D 73 33.99 26.56 13.54
N SER D 74 33.96 26.87 12.23
CA SER D 74 34.79 27.95 11.66
C SER D 74 34.31 29.30 12.18
N THR D 75 35.26 30.24 12.34
CA THR D 75 34.91 31.62 12.68
C THR D 75 34.97 32.52 11.46
N ALA D 76 35.07 31.93 10.25
CA ALA D 76 35.03 32.75 9.01
C ALA D 76 33.74 33.54 8.97
N THR D 77 33.79 34.74 8.41
CA THR D 77 32.64 35.61 8.35
C THR D 77 32.41 35.98 6.91
N ALA D 78 31.15 36.20 6.55
CA ALA D 78 30.77 36.45 5.18
C ALA D 78 31.33 37.77 4.63
N VAL D 79 31.76 37.73 3.38
CA VAL D 79 31.82 38.92 2.57
C VAL D 79 30.38 39.25 2.17
N ASN D 80 29.69 38.27 1.62
CA ASN D 80 28.27 38.43 1.21
C ASN D 80 27.42 37.33 1.78
N ALA D 81 26.51 37.66 2.73
CA ALA D 81 25.79 36.65 3.51
C ALA D 81 24.73 35.93 2.69
N PHE D 82 24.44 34.68 3.07
CA PHE D 82 23.30 33.93 2.52
C PHE D 82 21.94 34.52 2.92
N PRO D 83 20.89 34.32 2.09
CA PRO D 83 19.57 34.73 2.56
C PRO D 83 19.16 33.93 3.78
N THR D 84 18.58 34.62 4.76
CA THR D 84 18.22 34.02 6.04
C THR D 84 17.27 32.85 5.94
N GLU D 85 16.34 32.94 4.98
CA GLU D 85 15.37 31.88 4.71
C GLU D 85 16.07 30.51 4.52
N TRP D 86 17.14 30.50 3.74
CA TRP D 86 17.86 29.26 3.44
C TRP D 86 18.63 28.74 4.66
N ARG D 87 19.07 29.66 5.52
CA ARG D 87 19.98 29.30 6.62
C ARG D 87 19.27 28.57 7.74
N PHE D 88 17.94 28.54 7.73
CA PHE D 88 17.20 27.86 8.80
C PHE D 88 17.05 26.36 8.67
N SER D 89 17.41 25.82 7.52
CA SER D 89 17.15 24.42 7.26
C SER D 89 17.87 23.50 8.29
N ALA D 90 19.04 23.87 8.80
CA ALA D 90 19.72 23.01 9.78
C ALA D 90 19.01 23.05 11.12
N LYS D 91 18.33 24.17 11.41
CA LYS D 91 17.46 24.20 12.56
C LYS D 91 16.34 23.15 12.44
N ASN D 92 15.62 23.15 11.31
CA ASN D 92 14.61 22.13 11.06
C ASN D 92 15.19 20.71 11.20
N LEU D 93 16.37 20.46 10.62
CA LEU D 93 16.97 19.11 10.73
C LEU D 93 17.35 18.73 12.14
N ASP D 94 17.80 19.71 12.92
CA ASP D 94 18.14 19.51 14.35
C ASP D 94 16.92 19.01 15.16
N ASP D 95 15.72 19.41 14.74
CA ASP D 95 14.47 19.02 15.44
C ASP D 95 13.86 17.75 14.90
N MET D 96 14.44 17.15 13.89
CA MET D 96 13.81 16.00 13.28
C MET D 96 13.92 14.78 14.18
N PRO D 97 12.95 13.92 14.05
CA PRO D 97 12.92 12.76 14.94
C PRO D 97 14.12 11.83 14.74
N PHE D 98 14.56 11.68 13.49
CA PHE D 98 15.68 10.79 13.18
C PHE D 98 17.03 11.34 13.63
N LEU D 99 17.04 12.59 14.10
CA LEU D 99 18.22 13.24 14.71
C LEU D 99 18.02 13.57 16.19
N ASN D 100 17.05 12.93 16.85
CA ASN D 100 16.87 13.07 18.30
C ASN D 100 16.65 11.71 19.00
N ILE D 101 17.15 10.65 18.37
CA ILE D 101 17.13 9.36 19.02
C ILE D 101 18.00 9.49 20.29
N VAL D 102 17.46 9.02 21.40
CA VAL D 102 18.00 9.37 22.70
C VAL D 102 19.49 8.95 22.86
N GLU D 103 19.85 7.78 22.37
CA GLU D 103 21.24 7.35 22.51
C GLU D 103 22.22 8.31 21.80
N ASP D 104 21.78 8.85 20.66
CA ASP D 104 22.58 9.77 19.87
C ASP D 104 22.71 11.13 20.51
N VAL D 105 21.61 11.62 21.07
CA VAL D 105 21.60 12.90 21.74
C VAL D 105 22.49 12.81 23.02
N ALA D 106 22.44 11.69 23.73
CA ALA D 106 23.28 11.51 24.93
C ALA D 106 24.74 11.53 24.58
N LEU D 107 25.11 10.81 23.51
CA LEU D 107 26.52 10.77 23.09
C LEU D 107 26.99 12.14 22.63
N TRP D 108 26.18 12.82 21.83
CA TRP D 108 26.57 14.14 21.36
C TRP D 108 26.78 15.15 22.49
N GLU D 109 25.91 15.17 23.52
CA GLU D 109 26.05 16.09 24.65
C GLU D 109 27.34 15.82 25.41
N LYS D 110 27.70 14.54 25.53
CA LYS D 110 28.95 14.18 26.14
C LYS D 110 30.15 14.65 25.28
N LEU D 111 30.06 14.54 23.95
CA LEU D 111 31.17 14.92 23.08
C LEU D 111 31.24 16.40 22.72
N LYS D 112 30.14 17.10 22.91
CA LYS D 112 30.03 18.49 22.39
C LYS D 112 31.06 19.47 22.97
N PRO D 113 31.29 19.42 24.29
CA PRO D 113 32.21 20.43 24.84
C PRO D 113 33.63 20.37 24.29
N GLU D 114 34.22 19.19 24.15
CA GLU D 114 35.55 19.10 23.56
C GLU D 114 35.56 19.70 22.15
N ASN D 115 34.54 19.38 21.35
CA ASN D 115 34.43 19.90 20.01
C ASN D 115 34.17 21.40 19.94
N GLU D 116 33.40 21.90 20.90
CA GLU D 116 33.11 23.33 21.03
C GLU D 116 34.41 24.18 21.17
N ALA D 117 35.44 23.60 21.80
CA ALA D 117 36.71 24.26 22.01
C ALA D 117 37.55 24.41 20.72
N HIS D 118 37.21 23.67 19.66
CA HIS D 118 37.95 23.76 18.40
C HIS D 118 37.65 25.05 17.69
N ASN D 119 38.66 25.57 17.01
CA ASN D 119 38.49 26.57 15.95
C ASN D 119 38.55 25.82 14.65
N GLY D 120 37.55 26.07 13.79
CA GLY D 120 37.37 25.26 12.60
C GLY D 120 38.56 25.36 11.64
N GLN D 121 39.01 26.60 11.44
CA GLN D 121 40.12 26.85 10.51
C GLN D 121 41.37 26.13 11.02
N GLN D 122 41.67 26.27 12.31
CA GLN D 122 42.82 25.60 12.93
C GLN D 122 42.68 24.08 12.96
N LEU D 123 41.46 23.57 13.10
CA LEU D 123 41.24 22.13 13.05
C LEU D 123 41.51 21.55 11.64
N LEU D 124 41.06 22.26 10.61
CA LEU D 124 41.35 21.84 9.26
C LEU D 124 42.87 21.75 9.06
N ALA D 125 43.59 22.80 9.40
CA ALA D 125 45.04 22.83 9.27
C ALA D 125 45.71 21.64 10.01
N ASP D 126 45.34 21.45 11.26
CA ASP D 126 45.89 20.43 12.14
C ASP D 126 45.62 19.01 11.69
N LEU D 127 44.38 18.74 11.26
CA LEU D 127 44.04 17.40 10.77
C LEU D 127 44.87 17.04 9.54
N VAL D 128 45.00 17.99 8.61
CA VAL D 128 45.73 17.76 7.37
C VAL D 128 47.24 17.61 7.68
N MET D 129 47.80 18.53 8.44
CA MET D 129 49.21 18.48 8.75
C MET D 129 49.67 17.29 9.65
N LYS D 130 48.86 16.81 10.57
CA LYS D 130 49.19 15.59 11.34
C LYS D 130 48.93 14.29 10.59
N SER D 131 48.08 14.31 9.58
CA SER D 131 47.65 13.06 9.01
C SER D 131 48.86 12.28 8.47
N LYS D 132 48.80 10.96 8.62
CA LYS D 132 49.81 10.05 8.11
C LYS D 132 49.72 10.01 6.58
N GLU D 133 48.51 9.81 6.07
CA GLU D 133 48.26 9.83 4.63
C GLU D 133 47.83 11.22 4.17
N LYS D 134 48.05 11.54 2.91
CA LYS D 134 47.55 12.78 2.34
C LYS D 134 46.02 12.78 2.39
N VAL D 135 45.45 13.97 2.54
CA VAL D 135 44.03 14.11 2.87
C VAL D 135 43.23 14.69 1.71
N THR D 136 42.07 14.10 1.42
CA THR D 136 41.17 14.66 0.44
C THR D 136 40.25 15.60 1.21
N VAL D 137 40.28 16.89 0.90
CA VAL D 137 39.33 17.80 1.54
C VAL D 137 38.11 18.03 0.64
N CYS D 138 36.92 17.79 1.15
CA CYS D 138 35.66 17.96 0.40
C CYS D 138 35.03 19.22 0.91
N VAL D 139 34.95 20.23 0.05
CA VAL D 139 34.52 21.53 0.45
C VAL D 139 33.15 21.77 -0.20
N THR D 140 32.12 21.80 0.64
CA THR D 140 30.76 22.00 0.17
C THR D 140 30.16 23.32 0.64
N GLY D 141 30.97 24.10 1.36
CA GLY D 141 30.62 25.49 1.61
C GLY D 141 31.59 26.40 0.92
N PRO D 142 31.67 27.64 1.42
CA PRO D 142 32.63 28.60 0.90
C PRO D 142 34.08 28.14 1.13
N LEU D 143 35.00 28.76 0.38
CA LEU D 143 36.42 28.39 0.37
C LEU D 143 37.31 29.07 1.41
N SER D 144 36.68 29.79 2.35
CA SER D 144 37.36 30.57 3.38
C SER D 144 38.29 29.76 4.29
N ASN D 145 37.93 28.52 4.60
CA ASN D 145 38.75 27.76 5.55
C ASN D 145 39.97 27.27 4.85
N MET D 146 39.83 26.76 3.63
CA MET D 146 40.96 26.34 2.84
C MET D 146 41.88 27.52 2.57
N ALA D 147 41.32 28.70 2.33
CA ALA D 147 42.11 29.93 2.06
C ALA D 147 42.96 30.30 3.24
N TRP D 148 42.40 30.19 4.44
CA TRP D 148 43.11 30.55 5.69
C TRP D 148 44.25 29.59 5.97
N CYS D 149 44.04 28.32 5.71
CA CYS D 149 45.10 27.32 5.89
C CYS D 149 46.30 27.56 4.96
N ILE D 150 45.97 27.79 3.68
CA ILE D 150 46.97 28.05 2.65
C ILE D 150 47.78 29.29 3.00
N GLU D 151 47.09 30.33 3.45
CA GLU D 151 47.77 31.57 3.80
C GLU D 151 48.57 31.45 5.08
N LYS D 152 48.09 30.72 6.08
CA LYS D 152 48.83 30.64 7.34
C LYS D 152 50.03 29.71 7.27
N TYR D 153 49.88 28.55 6.62
CA TYR D 153 50.87 27.48 6.67
C TYR D 153 51.55 27.17 5.31
N GLY D 154 51.04 27.74 4.21
CA GLY D 154 51.56 27.41 2.87
C GLY D 154 51.78 25.92 2.64
N GLU D 155 52.98 25.58 2.23
CA GLU D 155 53.29 24.28 1.70
C GLU D 155 53.31 23.21 2.80
N ALA D 156 53.45 23.67 4.05
CA ALA D 156 53.32 22.78 5.20
C ALA D 156 51.91 22.19 5.23
N PHE D 157 50.93 22.97 4.75
CA PHE D 157 49.53 22.50 4.59
C PHE D 157 49.31 21.89 3.22
N THR D 158 49.63 22.61 2.16
CA THR D 158 49.26 22.12 0.81
C THR D 158 49.99 20.86 0.40
N SER D 159 51.18 20.61 0.96
CA SER D 159 51.88 19.37 0.59
C SER D 159 51.19 18.14 1.15
N LYS D 160 50.33 18.34 2.18
CA LYS D 160 49.59 17.22 2.79
C LYS D 160 48.18 17.03 2.23
N VAL D 161 47.78 17.86 1.25
CA VAL D 161 46.49 17.68 0.55
C VAL D 161 46.65 16.77 -0.69
N GLU D 162 45.89 15.67 -0.73
CA GLU D 162 45.77 14.80 -1.89
C GLU D 162 45.07 15.51 -3.02
N GLU D 163 43.86 15.96 -2.75
CA GLU D 163 43.16 16.88 -3.64
C GLU D 163 42.05 17.57 -2.87
N CYS D 164 41.50 18.61 -3.46
CA CYS D 164 40.41 19.35 -2.90
C CYS D 164 39.22 19.25 -3.90
N VAL D 165 38.15 18.60 -3.48
CA VAL D 165 36.98 18.39 -4.31
C VAL D 165 35.92 19.39 -3.85
N ILE D 166 35.54 20.33 -4.72
CA ILE D 166 34.86 21.53 -4.32
C ILE D 166 33.53 21.68 -5.05
N MET D 167 32.49 22.09 -4.32
CA MET D 167 31.23 22.52 -4.91
C MET D 167 31.28 24.05 -5.00
N GLY D 168 31.22 24.55 -6.23
CA GLY D 168 31.22 25.98 -6.43
C GLY D 168 31.44 26.42 -7.85
N GLY D 169 31.05 27.64 -8.15
CA GLY D 169 31.25 28.19 -9.47
C GLY D 169 30.20 27.87 -10.52
N ALA D 170 30.34 28.57 -11.65
CA ALA D 170 29.55 28.37 -12.85
C ALA D 170 30.44 28.92 -13.98
N VAL D 171 30.90 28.02 -14.86
CA VAL D 171 31.93 28.34 -15.84
C VAL D 171 31.29 28.70 -17.20
N ASP D 172 30.55 27.75 -17.76
CA ASP D 172 29.90 27.93 -19.08
C ASP D 172 28.41 28.04 -18.98
N VAL D 173 27.87 28.12 -17.77
CA VAL D 173 26.43 28.32 -17.55
C VAL D 173 26.21 29.52 -16.62
N GLY D 174 24.97 29.99 -16.53
CA GLY D 174 24.61 31.02 -15.57
C GLY D 174 24.84 30.61 -14.10
N GLY D 175 24.97 31.61 -13.23
CA GLY D 175 25.11 31.39 -11.80
C GLY D 175 23.75 31.28 -11.14
N ASN D 176 23.76 31.37 -9.80
CA ASN D 176 22.54 31.31 -9.03
C ASN D 176 22.39 32.41 -7.96
N VAL D 177 23.19 33.46 -8.05
CA VAL D 177 23.12 34.58 -7.11
C VAL D 177 22.32 35.68 -7.76
N PHE D 178 21.05 35.79 -7.34
CA PHE D 178 20.12 36.70 -7.97
C PHE D 178 19.74 37.73 -6.95
N LEU D 179 20.41 38.86 -7.02
CA LEU D 179 20.20 39.95 -6.08
C LEU D 179 20.11 41.26 -6.84
N PRO D 180 19.54 42.31 -6.22
CA PRO D 180 19.36 43.56 -6.96
C PRO D 180 20.69 44.11 -7.40
N THR D 181 21.72 43.77 -6.65
CA THR D 181 23.05 44.24 -6.96
C THR D 181 23.91 43.30 -7.79
N THR D 182 23.36 42.20 -8.31
CA THR D 182 24.16 41.25 -9.07
C THR D 182 23.52 40.96 -10.39
N ASP D 183 24.31 40.42 -11.31
CA ASP D 183 23.91 40.12 -12.68
C ASP D 183 23.48 38.65 -12.93
N GLY D 184 23.56 37.79 -11.92
CA GLY D 184 23.16 36.39 -12.09
C GLY D 184 24.23 35.45 -12.62
N SER D 185 25.43 35.97 -12.84
CA SER D 185 26.54 35.16 -13.34
C SER D 185 27.34 34.39 -12.25
N ALA D 186 27.13 34.73 -10.97
CA ALA D 186 27.90 34.11 -9.90
C ALA D 186 27.17 32.97 -9.19
N GLU D 187 27.96 32.06 -8.63
CA GLU D 187 27.44 30.98 -7.82
C GLU D 187 27.70 31.35 -6.36
N TRP D 188 26.79 30.92 -5.48
CA TRP D 188 26.71 31.35 -4.11
C TRP D 188 27.92 30.99 -3.20
N ASN D 189 28.46 29.78 -3.29
CA ASN D 189 29.64 29.46 -2.47
C ASN D 189 30.86 30.38 -2.79
N ILE D 190 31.06 30.73 -4.06
CA ILE D 190 32.16 31.62 -4.40
C ILE D 190 31.80 33.06 -3.89
N TYR D 191 30.58 33.46 -4.19
CA TYR D 191 30.06 34.78 -3.85
C TYR D 191 30.10 35.10 -2.36
N TRP D 192 29.92 34.09 -1.52
CA TRP D 192 30.03 34.31 -0.06
C TRP D 192 31.37 34.94 0.34
N ASP D 193 32.42 34.58 -0.36
CA ASP D 193 33.81 35.05 -0.05
C ASP D 193 34.65 34.88 -1.31
N PRO D 194 34.62 35.85 -2.24
CA PRO D 194 35.31 35.64 -3.50
C PRO D 194 36.86 35.62 -3.43
N PRO D 195 37.49 36.47 -2.58
CA PRO D 195 38.97 36.39 -2.45
C PRO D 195 39.46 35.06 -1.98
N ALA D 196 38.73 34.46 -1.06
CA ALA D 196 39.10 33.12 -0.63
C ALA D 196 39.05 32.14 -1.79
N ALA D 197 38.04 32.26 -2.65
CA ALA D 197 37.91 31.33 -3.78
C ALA D 197 39.09 31.52 -4.71
N LYS D 198 39.40 32.78 -5.01
CA LYS D 198 40.51 33.12 -5.88
C LYS D 198 41.83 32.54 -5.33
N LYS D 199 42.04 32.68 -4.03
CA LYS D 199 43.25 32.11 -3.45
C LYS D 199 43.31 30.58 -3.61
N VAL D 200 42.23 29.87 -3.33
CA VAL D 200 42.28 28.40 -3.40
C VAL D 200 42.19 27.86 -4.84
N LEU D 201 41.27 28.39 -5.64
CA LEU D 201 41.02 27.81 -6.96
C LEU D 201 42.23 27.89 -7.87
N CYS D 202 42.96 29.00 -7.81
CA CYS D 202 44.14 29.16 -8.63
C CYS D 202 45.44 29.02 -7.84
N CYS D 203 45.38 28.34 -6.69
CA CYS D 203 46.58 28.00 -5.93
C CYS D 203 47.37 26.95 -6.71
N PRO D 204 48.61 27.26 -7.08
CA PRO D 204 49.38 26.36 -7.93
C PRO D 204 49.86 25.08 -7.20
N ASN D 205 49.62 25.02 -5.89
CA ASN D 205 50.14 23.93 -5.08
C ASN D 205 49.13 22.85 -4.70
N ILE D 206 47.99 22.81 -5.38
CA ILE D 206 46.89 21.96 -4.97
C ILE D 206 46.00 21.58 -6.15
N ARG D 207 45.60 20.31 -6.17
CA ARG D 207 44.72 19.80 -7.19
C ARG D 207 43.27 20.03 -6.74
N CYS D 208 42.57 20.92 -7.46
CA CYS D 208 41.15 21.18 -7.24
C CYS D 208 40.29 20.51 -8.31
N VAL D 209 39.34 19.71 -7.87
CA VAL D 209 38.29 19.19 -8.74
C VAL D 209 37.06 19.99 -8.42
N LEU D 210 36.45 20.61 -9.44
CA LEU D 210 35.38 21.59 -9.23
C LEU D 210 34.06 21.04 -9.78
N PHE D 211 33.09 20.84 -8.90
CA PHE D 211 31.73 20.62 -9.30
C PHE D 211 30.99 21.95 -9.28
N SER D 212 30.96 22.59 -10.44
CA SER D 212 30.27 23.87 -10.66
C SER D 212 28.86 23.59 -11.11
N LEU D 213 28.09 24.65 -11.30
CA LEU D 213 26.72 24.53 -11.72
C LEU D 213 26.55 23.75 -13.04
N ASP D 214 27.56 23.84 -13.91
CA ASP D 214 27.63 23.10 -15.15
C ASP D 214 27.24 21.63 -14.99
N ALA D 215 27.84 20.97 -13.97
CA ALA D 215 27.55 19.58 -13.64
C ALA D 215 26.36 19.46 -12.71
N THR D 216 26.26 20.31 -11.68
CA THR D 216 25.19 20.15 -10.69
C THR D 216 23.78 20.46 -11.25
N ASN D 217 23.67 21.33 -12.26
CA ASN D 217 22.37 21.57 -12.95
C ASN D 217 21.72 20.29 -13.50
N THR D 218 22.53 19.24 -13.60
CA THR D 218 22.12 17.96 -14.18
C THR D 218 21.45 17.03 -13.20
N VAL D 219 21.45 17.35 -11.90
CA VAL D 219 20.90 16.45 -10.89
C VAL D 219 19.86 17.09 -9.98
N PRO D 220 18.78 17.62 -10.56
CA PRO D 220 17.74 18.23 -9.69
C PRO D 220 17.13 17.18 -8.78
N VAL D 221 16.68 17.61 -7.60
CA VAL D 221 15.99 16.72 -6.68
C VAL D 221 14.49 16.67 -7.05
N ARG D 222 14.05 15.52 -7.58
CA ARG D 222 12.69 15.38 -8.09
C ARG D 222 11.82 14.34 -7.40
N SER D 223 10.54 14.68 -7.25
CA SER D 223 9.60 13.90 -6.47
C SER D 223 9.60 12.42 -6.79
N VAL D 224 9.59 12.16 -8.11
CA VAL D 224 9.51 10.81 -8.64
C VAL D 224 10.67 9.93 -8.13
N ASP D 225 11.80 10.53 -7.89
CA ASP D 225 12.97 9.81 -7.37
C ASP D 225 12.93 9.71 -5.86
N VAL D 226 12.59 10.83 -5.22
CA VAL D 226 12.61 10.99 -3.79
C VAL D 226 11.61 10.00 -3.17
N LYS D 227 10.47 9.84 -3.82
CA LYS D 227 9.49 8.83 -3.38
C LYS D 227 10.07 7.42 -3.15
N GLY D 228 11.13 7.10 -3.88
CA GLY D 228 11.82 5.83 -3.79
C GLY D 228 12.30 5.44 -2.42
N PHE D 229 12.54 6.45 -1.56
CA PHE D 229 13.10 6.21 -0.25
C PHE D 229 12.10 5.54 0.65
N GLY D 230 10.83 5.63 0.28
CA GLY D 230 9.79 4.97 1.07
C GLY D 230 9.97 3.46 1.17
N ALA D 231 10.34 2.86 0.06
CA ALA D 231 10.73 1.46 -0.02
C ALA D 231 11.86 1.06 0.94
N GLN D 232 12.61 2.07 1.42
CA GLN D 232 13.78 1.89 2.29
C GLN D 232 13.60 2.55 3.66
N ASN D 233 12.38 2.96 4.00
CA ASN D 233 12.11 3.73 5.24
C ASN D 233 12.57 3.08 6.57
N GLN D 234 12.75 1.77 6.56
CA GLN D 234 13.27 1.05 7.74
C GLN D 234 14.72 1.43 8.05
N TYR D 235 15.46 1.91 7.05
CA TYR D 235 16.85 2.35 7.26
C TYR D 235 16.82 3.79 7.70
N LEU D 236 17.55 4.09 8.78
CA LEU D 236 17.64 5.43 9.31
C LEU D 236 18.18 6.40 8.31
N LEU D 237 19.13 5.96 7.46
CA LEU D 237 19.77 6.88 6.49
C LEU D 237 18.83 7.23 5.36
N SER D 238 17.89 6.33 5.06
CA SER D 238 16.84 6.61 4.08
C SER D 238 15.77 7.56 4.66
N GLN D 239 15.48 7.42 5.97
CA GLN D 239 14.62 8.41 6.62
C GLN D 239 15.27 9.79 6.54
N MET D 240 16.57 9.84 6.88
CA MET D 240 17.33 11.09 6.84
C MET D 240 17.34 11.73 5.45
N VAL D 241 17.93 11.06 4.47
CA VAL D 241 18.08 11.65 3.12
C VAL D 241 16.73 11.86 2.36
N GLY D 242 15.79 10.94 2.55
CA GLY D 242 14.44 11.02 2.02
C GLY D 242 13.75 12.26 2.51
N THR D 243 13.91 12.53 3.81
CA THR D 243 13.32 13.72 4.41
C THR D 243 13.99 14.98 3.90
N MET D 244 15.32 15.00 3.94
CA MET D 244 16.10 16.16 3.45
C MET D 244 15.68 16.50 2.03
N TRP D 245 15.54 15.47 1.21
CA TRP D 245 15.20 15.66 -0.19
C TRP D 245 13.73 16.07 -0.35
N ALA D 246 12.84 15.44 0.39
CA ALA D 246 11.40 15.76 0.34
C ALA D 246 11.06 17.16 0.84
N MET D 247 11.87 17.70 1.78
CA MET D 247 11.77 19.11 2.17
C MET D 247 12.14 20.01 1.00
N SER D 248 12.71 19.44 -0.05
CA SER D 248 13.36 20.22 -1.09
C SER D 248 12.73 20.01 -2.47
N THR D 249 11.84 19.02 -2.62
CA THR D 249 11.25 18.66 -3.92
C THR D 249 10.32 19.73 -4.52
N HIS D 250 9.80 20.61 -3.68
CA HIS D 250 8.79 21.59 -4.14
C HIS D 250 9.41 22.80 -4.82
N GLU D 251 10.69 23.06 -4.49
CA GLU D 251 11.34 24.31 -4.90
C GLU D 251 11.29 24.54 -6.42
N GLU D 252 11.47 23.48 -7.21
CA GLU D 252 11.47 23.56 -8.69
C GLU D 252 10.16 24.12 -9.22
N ILE D 253 9.04 23.75 -8.56
CA ILE D 253 7.71 24.32 -8.95
C ILE D 253 7.51 25.71 -8.34
N LEU D 254 7.75 25.84 -7.04
CA LEU D 254 7.54 27.11 -6.32
C LEU D 254 8.32 28.25 -6.94
N ARG D 255 9.56 27.97 -7.38
CA ARG D 255 10.50 28.98 -7.90
C ARG D 255 10.73 28.85 -9.43
N ASP D 256 9.74 28.27 -10.10
CA ASP D 256 9.60 28.31 -11.57
C ASP D 256 10.78 27.72 -12.33
N GLY D 257 11.19 26.53 -11.90
CA GLY D 257 12.31 25.82 -12.52
C GLY D 257 13.62 25.98 -11.76
N ASP D 258 13.66 26.90 -10.80
CA ASP D 258 14.89 27.07 -9.99
C ASP D 258 14.90 26.05 -8.84
N ALA D 259 15.32 24.83 -9.17
CA ALA D 259 15.13 23.69 -8.31
C ALA D 259 16.13 23.69 -7.18
N TYR D 260 15.87 22.91 -6.16
CA TYR D 260 16.91 22.52 -5.22
C TYR D 260 17.59 21.36 -5.96
N TYR D 261 18.92 21.42 -6.10
CA TYR D 261 19.71 20.38 -6.75
C TYR D 261 20.46 19.56 -5.69
N ALA D 262 21.00 18.42 -6.09
CA ALA D 262 21.81 17.61 -5.18
C ALA D 262 23.24 18.11 -5.15
N TRP D 263 23.41 19.43 -5.23
CA TRP D 263 24.72 20.07 -5.37
C TRP D 263 25.87 19.34 -4.65
N ASP D 264 25.88 19.40 -3.33
CA ASP D 264 26.99 18.94 -2.55
C ASP D 264 27.06 17.43 -2.52
N ALA D 265 25.92 16.78 -2.78
CA ALA D 265 25.89 15.33 -2.67
C ALA D 265 26.65 14.70 -3.83
N LEU D 266 26.56 15.35 -4.97
CA LEU D 266 27.24 14.89 -6.17
C LEU D 266 28.74 15.03 -6.00
N THR D 267 29.13 16.13 -5.36
CA THR D 267 30.49 16.45 -5.08
C THR D 267 31.11 15.34 -4.22
N ALA D 268 30.43 14.94 -3.17
CA ALA D 268 30.92 13.83 -2.37
C ALA D 268 30.93 12.49 -3.15
N ALA D 269 29.99 12.34 -4.09
CA ALA D 269 29.82 11.11 -4.86
C ALA D 269 31.09 10.85 -5.70
N TYR D 270 31.71 11.94 -6.17
CA TYR D 270 32.93 11.88 -6.90
C TYR D 270 34.02 11.16 -6.11
N ILE D 271 34.10 11.46 -4.82
CA ILE D 271 35.11 10.87 -3.98
C ILE D 271 34.86 9.36 -3.88
N LEU D 272 33.59 8.96 -3.91
CA LEU D 272 33.22 7.56 -3.85
C LEU D 272 33.40 6.81 -5.19
N GLU D 273 33.14 7.49 -6.29
CA GLU D 273 33.21 6.92 -7.62
C GLU D 273 33.74 7.99 -8.60
N PRO D 274 35.07 8.06 -8.75
CA PRO D 274 35.70 9.08 -9.60
C PRO D 274 35.25 9.02 -11.08
N THR D 275 34.69 7.89 -11.53
CA THR D 275 34.24 7.75 -12.94
C THR D 275 32.84 8.36 -13.18
N ILE D 276 32.24 8.90 -12.10
CA ILE D 276 30.93 9.49 -12.16
C ILE D 276 30.87 10.69 -13.09
N ALA D 277 32.01 11.32 -13.37
CA ALA D 277 32.09 12.48 -14.25
C ALA D 277 33.46 12.54 -14.90
N THR D 278 33.54 13.17 -16.06
CA THR D 278 34.83 13.45 -16.69
C THR D 278 35.26 14.83 -16.24
N LEU D 279 36.56 15.06 -16.28
CA LEU D 279 37.15 16.28 -15.77
C LEU D 279 37.80 17.02 -16.94
N GLU D 280 37.59 18.33 -17.03
CA GLU D 280 38.22 19.21 -18.03
C GLU D 280 39.10 20.24 -17.29
N PRO D 281 40.40 20.31 -17.61
CA PRO D 281 41.25 21.34 -17.02
C PRO D 281 40.85 22.70 -17.59
N VAL D 282 40.58 23.66 -16.70
CA VAL D 282 40.29 25.04 -17.08
C VAL D 282 41.03 26.01 -16.18
N ALA D 283 41.52 27.09 -16.76
CA ALA D 283 42.05 28.23 -16.04
C ALA D 283 40.90 29.16 -15.76
N LEU D 284 40.78 29.59 -14.51
CA LEU D 284 39.69 30.48 -14.12
C LEU D 284 40.23 31.79 -13.61
N ASP D 285 39.43 32.84 -13.81
CA ASP D 285 39.75 34.20 -13.45
C ASP D 285 38.63 34.65 -12.49
N VAL D 286 38.76 34.32 -11.21
CA VAL D 286 37.75 34.62 -10.20
C VAL D 286 37.61 36.12 -10.02
N ASP D 287 36.39 36.60 -10.24
CA ASP D 287 36.03 38.00 -10.11
C ASP D 287 35.88 38.32 -8.63
N VAL D 288 36.78 39.16 -8.12
CA VAL D 288 36.69 39.60 -6.73
C VAL D 288 36.33 41.06 -6.59
N SER D 289 35.79 41.65 -7.66
CA SER D 289 35.37 43.07 -7.69
C SER D 289 34.12 43.24 -6.86
N LYS D 290 33.70 44.48 -6.67
CA LYS D 290 32.44 44.76 -6.00
C LYS D 290 31.33 45.09 -6.99
N GLY D 291 31.56 44.86 -8.27
CA GLY D 291 30.54 45.05 -9.28
C GLY D 291 29.46 43.97 -9.28
N LYS D 292 28.62 43.98 -10.31
CA LYS D 292 27.52 43.05 -10.38
C LYS D 292 27.98 41.64 -10.73
N SER D 293 29.20 41.52 -11.25
CA SER D 293 29.78 40.23 -11.59
C SER D 293 30.67 39.62 -10.45
N GLU D 294 30.64 40.24 -9.27
CA GLU D 294 31.39 39.73 -8.11
C GLU D 294 31.09 38.25 -7.91
N GLY D 295 32.15 37.44 -7.82
CA GLY D 295 32.02 35.99 -7.53
C GLY D 295 32.01 35.09 -8.76
N ARG D 296 32.01 35.71 -9.95
CA ARG D 296 31.99 34.97 -11.20
C ARG D 296 33.27 34.17 -11.32
N THR D 297 33.15 33.01 -11.94
CA THR D 297 34.29 32.17 -12.24
C THR D 297 34.35 31.95 -13.75
N PRO D 298 34.64 33.02 -14.54
CA PRO D 298 34.78 32.85 -16.00
C PRO D 298 36.08 32.10 -16.35
N ARG D 299 36.14 31.47 -17.52
CA ARG D 299 37.40 30.99 -18.08
C ARG D 299 38.34 32.19 -18.23
N ALA D 300 39.61 31.98 -17.89
CA ALA D 300 40.63 33.03 -17.94
C ALA D 300 40.96 33.34 -19.41
N GLY D 304 44.85 29.34 -20.71
CA GLY D 304 45.90 29.61 -19.71
C GLY D 304 46.34 28.39 -18.89
N LYS D 305 47.21 28.64 -17.91
CA LYS D 305 47.68 27.64 -16.94
C LYS D 305 46.52 27.17 -16.07
N PRO D 306 46.12 25.87 -16.20
CA PRO D 306 44.90 25.35 -15.50
C PRO D 306 44.84 25.57 -13.99
N CYS D 307 43.72 26.08 -13.50
CA CYS D 307 43.44 26.24 -12.07
C CYS D 307 42.82 24.94 -11.54
N VAL D 308 41.82 24.44 -12.25
CA VAL D 308 40.91 23.45 -11.72
C VAL D 308 40.59 22.37 -12.76
N HIS D 309 40.11 21.24 -12.28
CA HIS D 309 39.57 20.22 -13.13
C HIS D 309 38.07 20.21 -12.95
N VAL D 310 37.35 20.74 -13.94
CA VAL D 310 35.91 20.91 -13.89
C VAL D 310 35.15 19.61 -14.27
N ALA D 311 34.21 19.22 -13.42
CA ALA D 311 33.36 18.05 -13.64
C ALA D 311 32.40 18.28 -14.80
N ARG D 312 32.26 17.26 -15.64
CA ARG D 312 31.40 17.35 -16.82
C ARG D 312 30.51 16.11 -16.94
N ASN D 313 29.28 16.34 -17.35
CA ASN D 313 28.30 15.27 -17.68
C ASN D 313 28.25 14.14 -16.64
N PRO D 314 27.90 14.46 -15.41
CA PRO D 314 27.88 13.44 -14.40
C PRO D 314 26.82 12.40 -14.72
N SER D 315 27.08 11.15 -14.35
CA SER D 315 26.14 10.08 -14.58
C SER D 315 24.99 10.13 -13.55
N LYS D 316 23.80 10.48 -14.01
CA LYS D 316 22.64 10.49 -13.18
C LYS D 316 22.36 9.13 -12.53
N GLN D 317 22.53 8.05 -13.31
CA GLN D 317 22.25 6.69 -12.86
C GLN D 317 23.28 6.20 -11.82
N MET D 318 24.57 6.39 -12.10
CA MET D 318 25.61 6.10 -11.12
C MET D 318 25.30 6.82 -9.80
N PHE D 319 25.02 8.13 -9.90
CA PHE D 319 24.68 8.93 -8.70
C PHE D 319 23.53 8.34 -7.93
N HIS D 320 22.44 8.12 -8.66
CA HIS D 320 21.25 7.47 -8.10
C HIS D 320 21.54 6.14 -7.40
N ASP D 321 22.25 5.25 -8.08
CA ASP D 321 22.59 3.94 -7.51
C ASP D 321 23.46 4.10 -6.24
N LEU D 322 24.36 5.09 -6.27
CA LEU D 322 25.21 5.34 -5.11
C LEU D 322 24.44 5.87 -3.84
N VAL D 323 23.45 6.73 -4.10
CA VAL D 323 22.68 7.35 -3.04
C VAL D 323 21.83 6.31 -2.42
N PHE D 324 21.15 5.52 -3.26
CA PHE D 324 20.21 4.50 -2.74
C PHE D 324 20.88 3.33 -2.01
N ALA D 325 22.03 2.89 -2.52
CA ALA D 325 22.85 1.88 -1.81
C ALA D 325 23.37 2.42 -0.47
N SER D 326 23.87 3.66 -0.45
CA SER D 326 24.43 4.21 0.76
C SER D 326 23.37 4.36 1.86
N THR D 327 22.15 4.66 1.44
CA THR D 327 21.07 4.86 2.37
C THR D 327 20.45 3.55 2.86
N ARG D 328 20.90 2.43 2.32
CA ARG D 328 20.51 1.08 2.81
C ARG D 328 21.58 0.55 3.76
N VAL D 329 22.63 1.32 4.03
CA VAL D 329 23.68 0.80 4.92
C VAL D 329 23.16 0.66 6.35
N CYS D 330 22.29 1.58 6.79
CA CYS D 330 21.66 1.49 8.13
C CYS D 330 20.55 2.52 8.27
CA CA E . -27.23 -17.20 -3.24
O6 MBY F . -18.89 -11.02 -1.21
C6 MBY F . -19.77 -11.60 -1.83
N1 MBY F . -19.47 -12.53 -2.77
C2 MBY F . -20.44 -13.16 -3.49
N3 MBY F . -21.73 -12.92 -3.25
C4 MBY F . -22.14 -12.04 -2.34
C5 MBY F . -21.18 -11.31 -1.55
C9 MBY F . -23.52 -11.64 -1.93
C8 MBY F . -23.51 -10.68 -0.94
S7 MBY F . -21.90 -10.26 -0.46
C7 MBY F . -24.81 -12.21 -2.53
N4' MBY F . -25.18 -13.56 -2.02
C4' MBY F . -26.13 -13.66 -0.85
C5' MBY F . -25.72 -12.80 0.35
O5' MBY F . -26.24 -11.45 0.22
C3' MBY F . -26.07 -15.14 -0.49
O3' MBY F . -27.19 -15.85 -1.06
C2' MBY F . -24.76 -15.67 -1.13
O2' MBY F . -25.07 -16.60 -2.15
C1' MBY F . -24.07 -14.50 -1.75
NI NI G . -7.03 -3.98 4.68
NI NI H . -29.53 -44.09 -11.95
NI NI I . -5.47 -26.76 15.70
NI NI J . -42.18 -39.36 12.55
NI NI K . -15.28 -8.84 -18.43
NI NI L . -39.46 -31.79 -17.41
CA CA M . -6.09 23.99 8.00
O6 MBY N . 1.87 30.74 8.61
C6 MBY N . 1.02 30.01 8.11
N1 MBY N . 1.32 28.94 7.35
C2 MBY N . 0.37 28.15 6.80
N3 MBY N . -0.95 28.34 6.99
C4 MBY N . -1.37 29.35 7.75
C5 MBY N . -0.41 30.27 8.37
C9 MBY N . -2.77 29.74 8.12
C8 MBY N . -2.76 30.88 8.94
S7 MBY N . -1.17 31.46 9.25
C7 MBY N . -4.02 29.01 7.67
N4' MBY N . -4.35 27.77 8.43
C4' MBY N . -5.20 27.89 9.64
C5' MBY N . -4.80 28.98 10.62
O5' MBY N . -5.27 30.27 10.22
C3' MBY N . -5.07 26.49 10.26
O3' MBY N . -6.19 25.64 9.91
C2' MBY N . -3.76 25.93 9.73
O2' MBY N . -3.98 24.82 8.89
C1' MBY N . -3.17 27.00 8.90
NI NI O . -18.53 6.57 -2.08
NI NI P . 6.51 14.72 27.62
CA CA Q . 5.25 -16.46 -9.65
O6 MBY R . -3.48 -11.85 -13.18
C6 MBY R . -2.53 -12.16 -12.43
N1 MBY R . -2.74 -12.81 -11.27
C2 MBY R . -1.71 -13.16 -10.44
N3 MBY R . -0.43 -12.88 -10.71
C4 MBY R . -0.10 -12.25 -11.84
C5 MBY R . -1.13 -11.84 -12.77
C9 MBY R . 1.25 -11.85 -12.35
C8 MBY R . 1.12 -11.18 -13.58
S7 MBY R . -0.57 -11.04 -14.11
C7 MBY R . 2.58 -12.12 -11.64
N4' MBY R . 3.09 -13.48 -11.75
C4' MBY R . 4.02 -13.79 -12.87
C5' MBY R . 3.55 -13.33 -14.25
O5' MBY R . 3.76 -11.96 -14.57
C3' MBY R . 4.10 -15.32 -12.77
O3' MBY R . 5.23 -15.75 -12.01
C2' MBY R . 2.86 -15.77 -12.04
O2' MBY R . 3.11 -16.33 -10.74
C1' MBY R . 2.06 -14.54 -11.79
NI NI S . 10.09 -39.74 6.11
NI NI T . 22.40 -41.30 -17.00
NI NI U . 18.48 -25.93 8.09
NI NI V . 2.53 -15.51 -11.78
NI NI W . -5.39 -34.73 -23.01
NI NI X . 5.89 4.67 -10.74
CA CA Y . 26.70 23.67 1.06
O6 MBY Z . 17.95 27.63 -3.27
C6 MBY Z . 18.89 27.45 -2.49
N1 MBY Z . 18.68 27.06 -1.22
C2 MBY Z . 19.70 26.90 -0.34
N3 MBY Z . 21.00 27.08 -0.67
C4 MBY Z . 21.32 27.46 -1.92
C5 MBY Z . 20.30 27.65 -2.91
C9 MBY Z . 22.69 27.69 -2.52
C8 MBY Z . 22.58 28.08 -3.88
S7 MBY Z . 20.92 28.08 -4.41
C7 MBY Z . 24.00 27.57 -1.78
N4' MBY Z . 24.50 26.21 -1.61
C4' MBY Z . 25.42 25.69 -2.66
C5' MBY Z . 24.92 25.84 -4.11
O5' MBY Z . 25.24 27.12 -4.69
C3' MBY Z . 25.51 24.21 -2.26
O3' MBY Z . 26.68 23.95 -1.55
C2' MBY Z . 24.27 23.92 -1.40
O2' MBY Z . 24.54 23.63 -0.02
C1' MBY Z . 23.48 25.18 -1.43
NI NI AA . 40.35 18.15 19.92
NI NI BA . 43.43 -1.25 -2.93
NI NI CA . 23.80 24.29 -1.27
#